data_4GKJ
#
_entry.id   4GKJ
#
_cell.length_a   400.550
_cell.length_b   400.550
_cell.length_c   176.190
_cell.angle_alpha   90.00
_cell.angle_beta   90.00
_cell.angle_gamma   90.00
#
_symmetry.space_group_name_H-M   'P 41 21 2'
#
loop_
_entity.id
_entity.type
_entity.pdbx_description
1 polymer '16S rRNA'
2 polymer '30S ribosomal protein S2'
3 polymer '30S ribosomal protein S3'
4 polymer '30S ribosomal protein S4'
5 polymer '30S ribosomal protein S5'
6 polymer '30S ribosomal protein S6'
7 polymer '30S ribosomal protein S7'
8 polymer '30S ribosomal protein S8'
9 polymer '30S ribosomal protein S9'
10 polymer '30S ribosomal protein S10'
11 polymer '30S ribosomal protein S11'
12 polymer '30S ribosomal protein S12'
13 polymer '30S ribosomal protein S13'
14 polymer '30S ribosomal protein S14 type Z'
15 polymer '30S ribosomal protein S15'
16 polymer '30S ribosomal protein S16'
17 polymer '30S ribosomal protein S17'
18 polymer '30S ribosomal protein S18'
19 polymer '30S ribosomal protein S19'
20 polymer '30S ribosomal protein S20'
21 polymer '30S ribosomal protein Thx'
22 polymer 'mRNA A-site fragment'
23 polymer 'tRNA ASL human mitochondrial Met'
24 non-polymer 'MAGNESIUM ION'
25 non-polymer PAROMOMYCIN
26 non-polymer 'ZINC ION'
#
loop_
_entity_poly.entity_id
_entity_poly.type
_entity_poly.pdbx_seq_one_letter_code
_entity_poly.pdbx_strand_id
1 'polyribonucleotide'
;UGGAGAGUUUGAUCCUGGCUCAGGGUGAACGCUGGCGGCGUGCCUAAGACAUGCAAGUCGUGCGGGCCGCGGGGUUUUAC
UCCGUGGUCAGCGGCGGACGGGUGAGUAACGCGUGGGUGACCUACCCGGAAGAGGGGGACAACCCGGGGAAACUCGGGCU
AAUCCCCCAUGUGGACCCGCCCCUUGGGGUGUGUCCAAAGGGCUUUGCCCGCUUCCGGAUGGGCCCGCGUCCCAUCAGCU
AGUUGGUGGGGUAAUGGCCCACCAAGGCGACGACGGGUAGCCGGUCUGAGAGGAUGGCCGGCCACAGGGGCACUGAGACA
CGGGCCCCACUCCUACGGGAGGCAGCAGUUAGGAAUCUUCCGCAAUGGGCGCAAGCCUGACGGAGCGACGCCGCUUGGAG
GAAGAAGCCCUUCGGGGUGUAAACUCCUGAACCCGGGACGAAACCCCCGACGAGGGGACUGACGGUACCGGGGUAAUAGC
GCCGGCCAACUCCGUGCCAGCAGCCGCGGUAAUACGGAGGGCGCGAGCGUUACCCGGAUUCACUGGGCGUAAAGGGCGUG
UAGGCGGCCUGGGGCGUCCCAUGUGAAAGACCACGGCUCAACCGUGGGGGAGCGUGGGAUACGCUCAGGCUAGACGGUGG
GAGAGGGUGGUGGAAUUCCCGGAGUAGCGGUGAAAUGCGCAGAUACCGGGAGGAACGCCGAUGGCGAAGGCAGCCACCUG
GUCCACCCGUGACGCUGAGGCGCGAAAGCGUGGGGAGCAAACCGGAUUAGAUACCCGGGUAGUCCACGCCCUAAACGAUG
CGCGCUAGGUCUCUGGGUCUCCUGGGGGCCGAAGCUAACGCGUUAAGCGCGCCGCCUGGGGAGUACGGCCGCAAGGCUGA
AACUCAAAGGAAUUGACGGGGGCCCGCACAAGCGGUGGAGCAUGUGGUUUAAUUCGAAGCAACGCGAAGAACCUUACCAG
GCCUUGACAUGCUAGGGAACCCGGGUGAAAGCCUGGGGUGCCCCGCGAGGGGAGCCCUAGCACAGGUGCUGCAUGGCCGU
CGUCAGCUCGUGCCGUGAGGUGUUGGGUUAAGUCCCGCAACGAGCGCAACCCCCGCCGUUAGUUGCCAGCGGUUCGGCCG
GGCACUCUAACGGGACUGCCCGCGAAAGCGGGAGGAAGGAGGGGACGACGUCUGGUCAGCAUGGCCCUUACGGCCUGGGC
GACACACGUGCUACAAUGCCCACUACAAAGCGAUGCCACCCGGCAACGGGGAGCUAAUCGCAAAAAGGUGGGCCCAGUUC
GGAUUGGGGUCUGCAACCCGACCCCAUGAAGCCGGAAUCGCUAGUAAUCGCGGAUCAGCCAUGCCGCGGUGAAUACGUUC
CCGGGCCUUGUACACACCGCCCGUCACGCCAUGGGAGCGGGCUCUACCCGAAGUCGCCGGGAGCCUACGGGCAGGCGCCG
AGGGUAGGGCCCGUGACUGGGGCGAAGUCGUAACAAGGUAGCUGUACCGGAAGGUGCGGCUGGAUCACUUUCU
;
A
2 'polypeptide(L)'
;VKELLEAGVHFGHERKRWNPKFARYIYAERNGIHIIDLQKTMEELERTFRFIEDLAMRGGTILFVGTKKQAQDIVRMEAE
RAGMPYVNQRWLGGMLTNFKTISQRVHRLEELEALFASPEIEERPKKEQVRLKHELERLQKYLSGFRLLKRLPDAIFVVD
PTKEAIAVREARKLFIPVIALADTDSDPDLVDYIIPGNDDAIRSIQLILSRAVDLIIQARGGVVEPSPSYALVQ
;
B
3 'polypeptide(L)'
;GNKIHPIGFRLGITRDWESRWYAGKKQYRHLLLEDQRIRGLLEKELYSAGLARVDIERAADNVAVTVHVAKPGVVIGRGG
ERIRVLREELAKLTGKNVALNVQEVQNPNLSAPLVAQRVAEQIERRFAVRRAIKQAVQRVMESGAKGAKVIVSGRIGGAE
QARTEWAAQGRVPLHTLRANIDYGFALARTTYGVLGVKAYIFLGEV
;
C
4 'polypeptide(L)'
;GRYIGPVCRLCRREGVKLYLKGERCYSPKCAMERRPYPPGQHGQKRARRPSDYAVRLREKQKLRRIYGISERQFRNLFEE
ASKKKGVTGSVFLGLLESRLDNVVYRLGFAVSRRQARQLVRHGHITVNGRRVDLPSYRVRPGDEIAVAEKSRNLELIRQN
LEAMKGRKVGPWLSLDVEGMKGKFLRLPDREDLALPVNEQLVIEFYSR
;
D
5 'polypeptide(L)'
;DFEEKMILIRRTARMQAGGRRFRFGALVVVGDRQGRVGLGFGKAPEVPLAVQKAGYYARRNMVEVPLQNGTIPHEIEVEF
GASKIVLKPAAPGTGVIAGAVPRAILELAGVTDILTKELGSRNPINIAYATMEALRQLRTKADVERLRKG
;
E
6 'polypeptide(L)'
;MRRYEVNIVLNPNLDQSQLALEKEIIQRALENYGARVEKVEELGLRRLAYPIAKDPQGYFLWYQVEMPEDRVNDLARELR
IRDNVRRVMVVKSQEPFLANA
;
F
7 'polypeptide(L)'
;ARRRRAEVRQLQPDLVYGDVLVTAFINKIMRDGKKNLAARIFYDACKIIQEKTGQEPLKVFKQAVENVKPRMEVRSRRVG
GANYQVPMEVSPRRQQSLALRWLVQAANQRPERRAAVRIAHELMDAAEGKGGAVKKKEDVERMAEANRAYAHYRW
;
G
8 'polypeptide(L)'
;MLTDPIADMLTRIRNATRVYKESTDVPASRFKEEILRILAREGFIKGYERVDVDGKPYLRVYLKYGPRRQGPDPRPEQVI
HHIRRISKPGRRVYVGVKEIPRVRRGLGIAILSTSKGVLTDREARKLGVGGELICEVW
;
H
9 'polypeptide(L)'
;EQYYGTGRRKEAVARVFLRPGNGKVTVNGQDFNEYFQGLVRAVAALEPLRAVDALGRFDAYITVRGGGKSGQIDAIKLGI
ARALVQYNPDYRAKLKPLGFLTRDARVVERKKYGKHKARRAPQYSKR
;
I
10 'polypeptide(L)'
;KIRIKLRGFDHKTLDASAQKIVEAARRSGAQVSGPIPLPTRVRRFTVIRGPFKHKDSREHFELRTHNRLVDIINPNRKTI
EQLMTLDLPTGVEIEIKT
;
J
11 'polypeptide(L)'
;KRQVASGRAYIHASYNNTIVTITDPDGNPITWSSGGVIGYKGSRKGTPYAAQLAALDAAKKAMAYGMQSVDVIVRGTGAG
REQAIRALQASGLQVKSIVDDTPVPHNGCRPKKKFRKAS
;
K
12 'polypeptide(L)'
;PTINQLVRKGREKVRKKSKVPALKGAPFRRGVCTVVRTVTPKKPNSALRKVAKVRLTSGYEVTAYIPGEGHNLQEHSVVL
IRGGRVKDLPGVRYHIVRGVYDAAGVKDRKKSRSKYGTKKPKEA
;
L
13 'polypeptide(L)'
;ARIAGVEIPRNKRVDVALTYIYGIGKARAKEALEKTGINPATRVKDLTEAEVVRLREYVENTWKLEGELRAEVAANIKRL
MDIGCYRGLRHRRGLPVRGQRTRTNARTRKGPRKTVAGKKKAPRK
;
M
14 'polypeptide(L)' ARKALIEKAKRTPKFKVRAYTRCVRCGRARSVYRFFGLCRICLRELAHKGQLPGVRKASW N
15 'polypeptide(L)'
;PITKEEKQKVIQEFARFPGDTGSTEVQVALLTLRINRLSEHLKVHKKDHHSHRGLLMMVGQRRRLLRYLQREDPERYRAL
IEKLGIRG
;
O
16 'polypeptide(L)'
;MVKIRLARFGSKHNPHYRIVVTDARRKRDGKYIEKIGYYDPRKTTPDWLKVDVERARYWLSVGAQPTDTARRLLRQAGVF
RQE
;
P
17 'polypeptide(L)'
;PKKVLTGVVVSDKMQKTVTVLVERQFPHPLYGKVIKRSKKYLAHDPEEKYKLGDVVEIIESRPISKRKRFRVLRLVESGR
MDLVEKYLIRRQNYQSLSKRGGKA
;
Q
18 'polypeptide(L)' PSRKAKVKATLGEFDLRDYRNVEVLKRFLSETGKILPRRRTGLSGKEQRILAKTIKRARILGLLPFTEKLVRK R
19 'polypeptide(L)' PRSLKKGVFVDDHLLEKVLELNAKGEKRLIKTWSRRSTIVPEMVGHTIAVYNGKQHVPVYITENMVGHKLGEFAPTRTYR S
20 'polypeptide(L)'
;RNLSALKRHRQSLKRRLRNKAKKSAIKTLSKKAVQLAQEGKAEEALKIMRKAESLIDKAAKGSTLHKNAAARRKSRLMRK
VRQLLEAAGAPLIGGGLSA
;
T
21 'polypeptide(L)' GKGDRRTRRGKIWRGTYGKYRPRK V
22 'polyribonucleotide' AUGAAA W
23 'polyribonucleotide' (PSU)CGGGCC(RSQ)AUACCCCGA X
#
# COMPACT_ATOMS: atom_id res chain seq x y z
N VAL B 1 -36.37 -21.06 -46.54
CA VAL B 1 -36.25 -20.09 -45.44
C VAL B 1 -35.14 -19.07 -45.75
N LYS B 2 -34.31 -19.41 -46.73
CA LYS B 2 -32.96 -18.83 -46.92
C LYS B 2 -32.86 -17.39 -47.38
N GLU B 3 -33.54 -17.09 -48.50
CA GLU B 3 -33.29 -15.92 -49.32
C GLU B 3 -31.91 -16.08 -49.92
N LEU B 4 -31.80 -16.97 -50.90
CA LEU B 4 -30.53 -17.53 -51.36
C LEU B 4 -29.55 -16.53 -51.99
N LEU B 5 -29.24 -16.75 -53.26
CA LEU B 5 -28.37 -15.87 -54.03
C LEU B 5 -29.01 -14.48 -54.01
N GLU B 6 -28.98 -13.86 -52.84
CA GLU B 6 -29.71 -12.61 -52.65
C GLU B 6 -28.98 -11.77 -51.59
N ALA B 7 -29.00 -10.46 -51.80
CA ALA B 7 -28.13 -9.51 -51.12
C ALA B 7 -28.84 -8.20 -50.82
N GLY B 8 -30.13 -8.29 -50.49
CA GLY B 8 -30.97 -7.12 -50.31
C GLY B 8 -30.34 -6.04 -49.46
N VAL B 9 -29.50 -6.46 -48.51
CA VAL B 9 -28.69 -5.57 -47.66
C VAL B 9 -27.51 -6.30 -46.96
N HIS B 10 -27.62 -7.63 -46.91
CA HIS B 10 -26.72 -8.56 -46.21
C HIS B 10 -25.29 -8.08 -46.01
N PHE B 11 -24.64 -7.81 -47.15
CA PHE B 11 -23.19 -7.79 -47.28
C PHE B 11 -22.44 -6.71 -46.53
N GLY B 12 -21.24 -6.43 -47.07
CA GLY B 12 -20.27 -5.51 -46.51
C GLY B 12 -20.68 -4.32 -45.68
N HIS B 13 -19.97 -4.15 -44.57
CA HIS B 13 -20.05 -2.98 -43.73
C HIS B 13 -18.64 -2.76 -43.16
N GLU B 14 -18.45 -1.61 -42.52
CA GLU B 14 -17.18 -1.20 -41.89
C GLU B 14 -16.04 -0.95 -42.87
N ARG B 15 -15.33 0.14 -42.64
CA ARG B 15 -14.32 0.64 -43.58
C ARG B 15 -12.98 -0.07 -43.40
N LYS B 16 -12.05 0.61 -42.72
CA LYS B 16 -10.75 0.02 -42.34
C LYS B 16 -10.55 0.16 -40.84
N ARG B 17 -11.51 -0.39 -40.11
CA ARG B 17 -11.41 -0.60 -38.67
C ARG B 17 -11.72 -2.07 -38.43
N TRP B 18 -11.27 -2.89 -39.37
CA TRP B 18 -11.54 -4.32 -39.38
C TRP B 18 -10.76 -5.09 -38.31
N ASN B 19 -10.84 -6.41 -38.41
CA ASN B 19 -10.08 -7.30 -37.57
C ASN B 19 -9.66 -8.39 -38.54
N PRO B 20 -8.34 -8.58 -38.73
CA PRO B 20 -7.87 -9.39 -39.85
C PRO B 20 -8.26 -10.85 -39.72
N LYS B 21 -8.75 -11.25 -38.55
CA LYS B 21 -9.25 -12.61 -38.31
C LYS B 21 -10.49 -12.83 -39.14
N PHE B 22 -11.25 -11.74 -39.30
CA PHE B 22 -12.45 -11.70 -40.10
C PHE B 22 -12.14 -11.71 -41.60
N ALA B 23 -10.87 -11.86 -41.96
CA ALA B 23 -10.48 -11.78 -43.37
C ALA B 23 -10.92 -12.97 -44.27
N ARG B 24 -11.36 -14.07 -43.68
CA ARG B 24 -11.84 -15.15 -44.53
C ARG B 24 -13.19 -14.82 -45.14
N TYR B 25 -13.99 -14.02 -44.44
CA TYR B 25 -15.33 -13.67 -44.90
C TYR B 25 -15.41 -12.42 -45.79
N ILE B 26 -14.27 -11.87 -46.18
CA ILE B 26 -14.28 -10.64 -46.98
C ILE B 26 -14.11 -10.97 -48.46
N TYR B 27 -14.95 -10.36 -49.29
CA TYR B 27 -14.85 -10.54 -50.74
C TYR B 27 -13.86 -9.53 -51.32
N ALA B 28 -14.11 -8.25 -51.08
CA ALA B 28 -13.21 -7.20 -51.52
C ALA B 28 -13.30 -5.91 -50.69
N GLU B 29 -12.53 -4.90 -51.07
CA GLU B 29 -12.51 -3.63 -50.37
C GLU B 29 -13.19 -2.55 -51.20
N ARG B 30 -14.36 -2.88 -51.74
CA ARG B 30 -15.11 -2.02 -52.66
C ARG B 30 -15.18 -0.55 -52.22
N ASN B 31 -14.19 0.23 -52.68
CA ASN B 31 -14.13 1.67 -52.43
C ASN B 31 -14.13 2.08 -50.95
N GLY B 32 -13.14 1.59 -50.21
CA GLY B 32 -12.92 1.98 -48.81
C GLY B 32 -13.69 1.16 -47.78
N ILE B 33 -14.38 0.12 -48.25
CA ILE B 33 -15.29 -0.66 -47.41
C ILE B 33 -15.17 -2.14 -47.79
N HIS B 34 -15.01 -2.99 -46.78
CA HIS B 34 -14.97 -4.43 -47.02
C HIS B 34 -16.33 -4.93 -47.46
N ILE B 35 -16.34 -6.00 -48.23
CA ILE B 35 -17.60 -6.62 -48.61
C ILE B 35 -17.64 -8.09 -48.17
N ILE B 36 -18.65 -8.43 -47.37
CA ILE B 36 -18.75 -9.76 -46.80
C ILE B 36 -19.03 -10.78 -47.91
N ASP B 37 -18.29 -11.90 -47.92
CA ASP B 37 -18.49 -12.98 -48.88
C ASP B 37 -19.93 -13.45 -48.85
N LEU B 38 -20.67 -13.06 -49.90
CA LEU B 38 -22.09 -13.37 -50.03
C LEU B 38 -22.33 -14.87 -49.83
N GLN B 39 -21.48 -15.69 -50.44
CA GLN B 39 -21.56 -17.14 -50.26
C GLN B 39 -21.45 -17.52 -48.79
N LYS B 40 -20.33 -17.14 -48.18
CA LYS B 40 -20.00 -17.60 -46.83
C LYS B 40 -20.96 -17.07 -45.77
N THR B 41 -21.68 -16.01 -46.09
CA THR B 41 -22.76 -15.58 -45.23
C THR B 41 -23.81 -16.66 -45.25
N MET B 42 -24.12 -17.14 -46.45
CA MET B 42 -25.10 -18.20 -46.63
C MET B 42 -24.58 -19.52 -46.15
N GLU B 43 -23.27 -19.71 -46.24
CA GLU B 43 -22.66 -20.96 -45.83
C GLU B 43 -22.71 -21.12 -44.32
N GLU B 44 -22.47 -20.04 -43.60
CA GLU B 44 -22.57 -20.06 -42.15
C GLU B 44 -24.03 -20.12 -41.77
N LEU B 45 -24.83 -19.30 -42.45
CA LEU B 45 -26.28 -19.21 -42.24
C LEU B 45 -26.98 -20.58 -42.18
N GLU B 46 -26.48 -21.54 -42.95
CA GLU B 46 -27.02 -22.89 -42.99
C GLU B 46 -26.75 -23.63 -41.68
N ARG B 47 -25.47 -23.76 -41.36
CA ARG B 47 -25.03 -24.49 -40.18
C ARG B 47 -25.62 -23.89 -38.92
N THR B 48 -25.62 -22.56 -38.85
CA THR B 48 -26.02 -21.88 -37.63
C THR B 48 -27.52 -22.00 -37.38
N PHE B 49 -28.31 -21.74 -38.42
CA PHE B 49 -29.76 -21.85 -38.31
C PHE B 49 -30.17 -23.27 -37.91
N ARG B 50 -29.37 -24.26 -38.31
CA ARG B 50 -29.62 -25.64 -37.96
C ARG B 50 -29.43 -25.86 -36.46
N PHE B 51 -28.46 -25.16 -35.89
CA PHE B 51 -28.29 -25.15 -34.45
C PHE B 51 -29.48 -24.47 -33.79
N ILE B 52 -29.79 -23.25 -34.24
CA ILE B 52 -30.87 -22.47 -33.65
C ILE B 52 -32.15 -23.27 -33.71
N GLU B 53 -32.39 -23.90 -34.84
CA GLU B 53 -33.53 -24.80 -34.99
C GLU B 53 -33.51 -25.88 -33.92
N ASP B 54 -32.50 -26.75 -33.97
CA ASP B 54 -32.44 -27.93 -33.14
C ASP B 54 -32.55 -27.64 -31.65
N LEU B 55 -32.06 -26.47 -31.25
CA LEU B 55 -32.05 -26.11 -29.84
C LEU B 55 -33.42 -25.64 -29.38
N ALA B 56 -34.18 -25.00 -30.27
CA ALA B 56 -35.50 -24.55 -29.89
C ALA B 56 -36.47 -25.72 -29.96
N MET B 57 -36.14 -26.71 -30.77
CA MET B 57 -36.91 -27.94 -30.87
C MET B 57 -36.95 -28.64 -29.50
N ARG B 58 -35.81 -28.62 -28.81
CA ARG B 58 -35.67 -29.26 -27.51
C ARG B 58 -36.27 -28.43 -26.37
N GLY B 59 -36.72 -27.23 -26.69
CA GLY B 59 -37.46 -26.40 -25.74
C GLY B 59 -36.71 -25.29 -25.02
N GLY B 60 -35.38 -25.31 -25.11
CA GLY B 60 -34.53 -24.35 -24.42
C GLY B 60 -34.69 -22.92 -24.90
N THR B 61 -34.26 -21.97 -24.07
CA THR B 61 -34.41 -20.56 -24.42
C THR B 61 -33.11 -19.93 -24.95
N ILE B 62 -33.26 -18.88 -25.75
CA ILE B 62 -32.16 -18.16 -26.37
C ILE B 62 -32.17 -16.71 -25.88
N LEU B 63 -31.04 -16.22 -25.39
CA LEU B 63 -30.97 -14.85 -24.89
C LEU B 63 -30.56 -13.90 -25.99
N PHE B 64 -31.45 -12.97 -26.30
CA PHE B 64 -31.20 -12.02 -27.36
C PHE B 64 -30.55 -10.81 -26.75
N VAL B 65 -29.32 -10.50 -27.14
CA VAL B 65 -28.73 -9.24 -26.69
C VAL B 65 -28.53 -8.29 -27.86
N GLY B 66 -28.95 -7.04 -27.63
CA GLY B 66 -28.87 -6.03 -28.65
C GLY B 66 -29.03 -4.66 -28.01
N THR B 67 -27.89 -4.00 -27.78
CA THR B 67 -27.84 -2.76 -27.02
C THR B 67 -27.73 -1.56 -27.96
N LYS B 68 -26.97 -1.74 -29.03
CA LYS B 68 -26.78 -0.72 -30.04
C LYS B 68 -28.12 -0.23 -30.55
N LYS B 69 -28.26 1.07 -30.79
CA LYS B 69 -29.58 1.64 -31.10
C LYS B 69 -30.20 1.21 -32.45
N GLN B 70 -29.36 0.81 -33.39
CA GLN B 70 -29.82 0.40 -34.73
C GLN B 70 -30.71 -0.84 -34.71
N ALA B 71 -30.57 -1.64 -33.66
CA ALA B 71 -31.35 -2.86 -33.50
C ALA B 71 -32.05 -2.90 -32.14
N GLN B 72 -32.02 -1.75 -31.45
CA GLN B 72 -32.54 -1.64 -30.09
C GLN B 72 -34.06 -1.82 -29.99
N ASP B 73 -34.67 -2.35 -31.04
CA ASP B 73 -36.12 -2.50 -31.08
C ASP B 73 -36.44 -3.77 -31.81
N ILE B 74 -35.81 -3.95 -32.97
CA ILE B 74 -35.90 -5.21 -33.70
C ILE B 74 -35.67 -6.35 -32.71
N VAL B 75 -34.70 -6.17 -31.83
CA VAL B 75 -34.46 -7.12 -30.75
C VAL B 75 -35.70 -7.36 -29.88
N ARG B 76 -36.29 -6.29 -29.33
CA ARG B 76 -37.43 -6.47 -28.42
C ARG B 76 -38.66 -7.14 -29.06
N MET B 77 -38.97 -6.76 -30.29
CA MET B 77 -40.13 -7.32 -30.95
C MET B 77 -39.95 -8.80 -31.29
N GLU B 78 -38.90 -9.12 -32.05
CA GLU B 78 -38.66 -10.51 -32.45
C GLU B 78 -38.48 -11.48 -31.28
N ALA B 79 -38.09 -10.94 -30.13
CA ALA B 79 -37.87 -11.77 -28.95
C ALA B 79 -39.15 -11.89 -28.13
N GLU B 80 -40.04 -10.92 -28.28
CA GLU B 80 -41.37 -11.06 -27.71
C GLU B 80 -42.18 -11.97 -28.64
N ARG B 81 -41.87 -11.90 -29.94
CA ARG B 81 -42.51 -12.73 -30.95
C ARG B 81 -42.24 -14.23 -30.74
N ALA B 82 -41.22 -14.53 -29.93
CA ALA B 82 -41.02 -15.89 -29.43
C ALA B 82 -41.02 -15.81 -27.90
N GLY B 83 -40.91 -16.97 -27.24
CA GLY B 83 -40.93 -16.97 -25.79
C GLY B 83 -39.58 -16.67 -25.18
N MET B 84 -38.83 -15.77 -25.81
CA MET B 84 -37.42 -15.56 -25.46
C MET B 84 -37.12 -14.26 -24.71
N PRO B 85 -36.13 -14.33 -23.80
CA PRO B 85 -35.63 -13.12 -23.17
C PRO B 85 -34.84 -12.27 -24.16
N TYR B 86 -35.00 -10.96 -24.04
CA TYR B 86 -34.20 -10.01 -24.77
C TYR B 86 -33.50 -9.08 -23.77
N VAL B 87 -32.31 -8.61 -24.13
CA VAL B 87 -31.68 -7.50 -23.43
C VAL B 87 -31.57 -6.32 -24.41
N ASN B 88 -32.30 -5.25 -24.11
CA ASN B 88 -32.55 -4.19 -25.06
C ASN B 88 -31.84 -2.90 -24.71
N GLN B 89 -32.01 -2.45 -23.46
CA GLN B 89 -31.36 -1.24 -23.01
C GLN B 89 -29.84 -1.45 -22.94
N ARG B 90 -29.29 -1.62 -21.74
CA ARG B 90 -27.86 -1.87 -21.61
C ARG B 90 -27.54 -3.16 -20.85
N TRP B 91 -26.48 -3.84 -21.26
CA TRP B 91 -26.12 -5.12 -20.69
C TRP B 91 -25.52 -4.96 -19.30
N LEU B 92 -26.29 -5.30 -18.27
CA LEU B 92 -25.77 -5.27 -16.90
C LEU B 92 -24.64 -6.29 -16.66
N GLY B 93 -23.49 -5.81 -16.17
CA GLY B 93 -22.38 -6.70 -15.88
C GLY B 93 -22.76 -7.74 -14.83
N GLY B 94 -22.85 -8.99 -15.24
CA GLY B 94 -23.15 -10.03 -14.28
C GLY B 94 -24.47 -10.71 -14.53
N MET B 95 -25.27 -10.15 -15.42
CA MET B 95 -26.55 -10.75 -15.76
C MET B 95 -26.39 -12.24 -15.98
N LEU B 96 -25.37 -12.62 -16.74
CA LEU B 96 -25.03 -14.03 -16.82
C LEU B 96 -24.28 -14.50 -15.57
N THR B 97 -23.01 -14.10 -15.42
CA THR B 97 -22.21 -14.69 -14.36
C THR B 97 -22.68 -14.44 -12.93
N ASN B 98 -23.43 -13.37 -12.71
CA ASN B 98 -23.91 -13.10 -11.37
C ASN B 98 -25.43 -13.25 -11.41
N PHE B 99 -25.91 -14.31 -12.06
CA PHE B 99 -27.35 -14.47 -12.31
C PHE B 99 -28.13 -14.53 -11.00
N LYS B 100 -27.70 -15.42 -10.11
CA LYS B 100 -28.34 -15.60 -8.80
C LYS B 100 -28.54 -14.31 -8.01
N THR B 101 -27.88 -13.23 -8.43
CA THR B 101 -28.00 -11.95 -7.76
C THR B 101 -28.75 -10.97 -8.66
N ILE B 102 -28.37 -10.88 -9.92
CA ILE B 102 -29.13 -10.09 -10.89
C ILE B 102 -30.55 -10.67 -11.04
N SER B 103 -30.73 -11.91 -10.61
CA SER B 103 -32.07 -12.48 -10.57
C SER B 103 -32.87 -11.75 -9.53
N GLN B 104 -32.40 -11.77 -8.29
CA GLN B 104 -33.24 -11.24 -7.21
C GLN B 104 -33.42 -9.73 -7.23
N ARG B 105 -33.20 -9.17 -8.41
CA ARG B 105 -33.63 -7.84 -8.73
C ARG B 105 -34.97 -7.97 -9.41
N VAL B 106 -35.22 -9.14 -9.98
CA VAL B 106 -36.53 -9.45 -10.59
C VAL B 106 -37.55 -9.80 -9.50
N HIS B 107 -37.07 -10.37 -8.39
CA HIS B 107 -37.94 -10.69 -7.26
C HIS B 107 -38.32 -9.44 -6.48
N ARG B 108 -37.89 -8.29 -6.97
CA ARG B 108 -38.30 -6.99 -6.45
C ARG B 108 -39.22 -6.31 -7.47
N LEU B 109 -38.97 -6.60 -8.74
CA LEU B 109 -39.84 -6.10 -9.80
C LEU B 109 -41.22 -6.76 -9.73
N GLU B 110 -41.26 -8.09 -9.88
CA GLU B 110 -42.50 -8.86 -9.80
C GLU B 110 -43.22 -8.63 -8.48
N GLU B 111 -42.43 -8.34 -7.45
CA GLU B 111 -42.94 -8.04 -6.14
C GLU B 111 -43.53 -6.62 -6.09
N LEU B 112 -43.05 -5.76 -6.98
CA LEU B 112 -43.56 -4.38 -7.11
C LEU B 112 -44.47 -4.19 -8.32
N GLU B 113 -44.58 -5.19 -9.18
CA GLU B 113 -45.54 -5.13 -10.27
C GLU B 113 -46.92 -5.29 -9.65
N ALA B 114 -47.02 -6.26 -8.74
CA ALA B 114 -48.26 -6.53 -8.03
C ALA B 114 -48.45 -5.54 -6.88
N LEU B 115 -47.35 -5.09 -6.29
CA LEU B 115 -47.40 -4.14 -5.17
C LEU B 115 -48.16 -2.86 -5.52
N PHE B 116 -48.41 -2.66 -6.80
CA PHE B 116 -49.33 -1.61 -7.23
C PHE B 116 -50.72 -2.22 -7.35
N ALA B 117 -51.35 -2.39 -6.19
CA ALA B 117 -52.68 -2.97 -6.04
C ALA B 117 -53.13 -2.81 -4.58
N SER B 118 -52.24 -3.20 -3.67
CA SER B 118 -52.48 -3.21 -2.22
C SER B 118 -53.12 -1.93 -1.66
N PRO B 119 -53.99 -2.09 -0.64
CA PRO B 119 -54.70 -1.00 0.04
C PRO B 119 -53.80 -0.12 0.90
N GLU B 120 -52.56 -0.54 1.14
CA GLU B 120 -51.63 0.27 1.92
C GLU B 120 -50.47 0.76 1.05
N ILE B 121 -50.77 1.04 -0.21
CA ILE B 121 -49.83 1.71 -1.09
C ILE B 121 -50.23 3.17 -1.17
N GLU B 122 -51.40 3.47 -0.59
CA GLU B 122 -51.87 4.84 -0.40
C GLU B 122 -51.70 5.19 1.08
N GLU B 123 -51.74 4.16 1.92
CA GLU B 123 -51.31 4.29 3.32
C GLU B 123 -49.82 3.96 3.38
N ARG B 124 -49.19 4.29 4.50
CA ARG B 124 -47.72 4.29 4.63
C ARG B 124 -47.10 5.37 3.72
N PRO B 125 -46.27 6.25 4.30
CA PRO B 125 -45.77 7.56 3.84
C PRO B 125 -45.82 7.85 2.33
N LYS B 126 -46.19 9.08 1.97
CA LYS B 126 -46.24 9.53 0.58
C LYS B 126 -44.83 9.87 0.04
N LYS B 127 -43.91 10.16 0.97
CA LYS B 127 -42.53 10.45 0.62
C LYS B 127 -41.75 9.16 0.31
N GLU B 128 -42.38 8.03 0.59
CA GLU B 128 -41.77 6.72 0.34
C GLU B 128 -42.56 5.96 -0.73
N GLN B 129 -43.63 6.57 -1.22
CA GLN B 129 -44.35 6.05 -2.36
C GLN B 129 -43.72 6.61 -3.63
N VAL B 130 -42.83 7.58 -3.44
CA VAL B 130 -42.17 8.26 -4.55
C VAL B 130 -40.94 7.50 -5.07
N ARG B 131 -40.12 6.97 -4.17
CA ARG B 131 -38.98 6.16 -4.56
C ARG B 131 -39.36 4.69 -4.81
N LEU B 132 -40.64 4.37 -4.65
CA LEU B 132 -41.14 3.01 -4.89
C LEU B 132 -42.15 2.98 -6.04
N LYS B 133 -42.02 3.94 -6.95
CA LYS B 133 -42.83 3.95 -8.17
C LYS B 133 -41.89 4.41 -9.28
N HIS B 134 -40.81 5.06 -8.86
CA HIS B 134 -39.77 5.49 -9.78
C HIS B 134 -38.74 4.38 -9.88
N GLU B 135 -38.46 3.72 -8.75
CA GLU B 135 -37.63 2.51 -8.75
C GLU B 135 -38.24 1.46 -9.65
N LEU B 136 -39.51 1.17 -9.41
CA LEU B 136 -40.26 0.23 -10.23
C LEU B 136 -40.10 0.49 -11.73
N GLU B 137 -40.15 1.76 -12.12
CA GLU B 137 -40.08 2.14 -13.53
C GLU B 137 -38.65 2.10 -14.05
N ARG B 138 -37.69 1.93 -13.14
CA ARG B 138 -36.28 1.73 -13.49
C ARG B 138 -35.98 0.25 -13.69
N LEU B 139 -36.65 -0.59 -12.89
CA LEU B 139 -36.56 -2.02 -13.03
C LEU B 139 -37.32 -2.46 -14.27
N GLN B 140 -38.44 -1.82 -14.54
CA GLN B 140 -39.15 -2.07 -15.80
C GLN B 140 -38.32 -1.56 -16.97
N LYS B 141 -37.51 -0.54 -16.72
CA LYS B 141 -36.62 0.01 -17.73
C LYS B 141 -35.60 -1.02 -18.22
N TYR B 142 -34.78 -1.53 -17.30
CA TYR B 142 -33.64 -2.39 -17.64
C TYR B 142 -34.00 -3.88 -17.74
N LEU B 143 -34.62 -4.39 -16.68
CA LEU B 143 -35.00 -5.80 -16.60
C LEU B 143 -36.28 -6.11 -17.38
N SER B 144 -36.60 -5.24 -18.34
CA SER B 144 -37.76 -5.41 -19.22
C SER B 144 -37.98 -6.84 -19.74
N GLY B 145 -36.98 -7.40 -20.39
CA GLY B 145 -37.10 -8.73 -20.97
C GLY B 145 -36.22 -9.76 -20.28
N PHE B 146 -35.51 -9.33 -19.25
CA PHE B 146 -34.67 -10.24 -18.51
C PHE B 146 -35.50 -11.07 -17.52
N ARG B 147 -36.66 -10.55 -17.14
CA ARG B 147 -37.54 -11.24 -16.20
C ARG B 147 -37.93 -12.66 -16.64
N LEU B 148 -38.05 -12.87 -17.96
CA LEU B 148 -38.41 -14.17 -18.54
C LEU B 148 -37.46 -15.34 -18.15
N LEU B 149 -36.18 -15.07 -18.08
CA LEU B 149 -35.21 -16.05 -17.62
C LEU B 149 -35.49 -16.43 -16.17
N LYS B 150 -35.70 -17.71 -15.90
CA LYS B 150 -35.79 -18.16 -14.51
C LYS B 150 -34.53 -18.96 -14.16
N ARG B 151 -33.78 -19.34 -15.19
CA ARG B 151 -32.47 -19.97 -15.04
C ARG B 151 -31.60 -19.58 -16.22
N LEU B 152 -30.31 -19.85 -16.13
CA LEU B 152 -29.39 -19.54 -17.22
C LEU B 152 -29.90 -20.00 -18.60
N PRO B 153 -29.58 -19.25 -19.67
CA PRO B 153 -30.00 -19.61 -21.04
C PRO B 153 -29.18 -20.76 -21.61
N ASP B 154 -29.64 -21.36 -22.70
CA ASP B 154 -28.94 -22.49 -23.32
C ASP B 154 -28.05 -22.01 -24.45
N ALA B 155 -28.41 -20.87 -25.00
CA ALA B 155 -27.65 -20.21 -26.05
C ALA B 155 -27.99 -18.73 -25.98
N ILE B 156 -27.25 -17.92 -26.73
CA ILE B 156 -27.36 -16.48 -26.58
C ILE B 156 -27.19 -15.82 -27.93
N PHE B 157 -28.13 -14.95 -28.29
CA PHE B 157 -28.13 -14.31 -29.60
C PHE B 157 -27.72 -12.84 -29.51
N VAL B 158 -26.49 -12.59 -29.92
CA VAL B 158 -25.88 -11.28 -29.84
C VAL B 158 -25.90 -10.64 -31.20
N VAL B 159 -26.31 -9.36 -31.26
CA VAL B 159 -26.25 -8.65 -32.51
C VAL B 159 -24.80 -8.26 -32.85
N ASP B 160 -24.30 -7.18 -32.26
CA ASP B 160 -22.90 -6.83 -32.45
C ASP B 160 -22.06 -7.51 -31.37
N PRO B 161 -21.31 -8.55 -31.76
CA PRO B 161 -20.54 -9.33 -30.78
C PRO B 161 -19.40 -8.51 -30.19
N THR B 162 -19.20 -7.32 -30.75
CA THR B 162 -18.10 -6.47 -30.36
C THR B 162 -18.56 -5.34 -29.46
N LYS B 163 -19.78 -4.87 -29.69
CA LYS B 163 -20.39 -3.83 -28.89
C LYS B 163 -20.85 -4.43 -27.56
N GLU B 164 -21.65 -5.48 -27.66
CA GLU B 164 -22.05 -6.23 -26.47
C GLU B 164 -21.05 -7.36 -26.25
N ALA B 165 -19.77 -7.01 -26.30
CA ALA B 165 -18.69 -7.97 -26.20
C ALA B 165 -18.42 -8.41 -24.77
N ILE B 166 -19.14 -7.84 -23.81
CA ILE B 166 -19.10 -8.37 -22.45
C ILE B 166 -20.03 -9.56 -22.34
N ALA B 167 -21.12 -9.53 -23.11
CA ALA B 167 -22.08 -10.60 -23.04
C ALA B 167 -21.47 -11.84 -23.69
N VAL B 168 -20.63 -11.61 -24.70
CA VAL B 168 -19.92 -12.70 -25.35
C VAL B 168 -18.97 -13.33 -24.35
N ARG B 169 -18.29 -12.51 -23.57
CA ARG B 169 -17.42 -13.04 -22.55
C ARG B 169 -18.17 -13.83 -21.50
N GLU B 170 -19.31 -13.32 -21.06
CA GLU B 170 -20.00 -13.88 -19.91
C GLU B 170 -20.54 -15.25 -20.23
N ALA B 171 -21.14 -15.38 -21.41
CA ALA B 171 -21.61 -16.67 -21.89
C ALA B 171 -20.47 -17.68 -21.86
N ARG B 172 -19.48 -17.43 -22.73
CA ARG B 172 -18.18 -18.10 -22.78
C ARG B 172 -17.69 -18.68 -21.45
N LYS B 173 -17.73 -17.90 -20.39
CA LYS B 173 -17.15 -18.33 -19.13
C LYS B 173 -18.05 -19.34 -18.44
N LEU B 174 -19.35 -19.26 -18.75
CA LEU B 174 -20.36 -20.15 -18.20
C LEU B 174 -20.68 -21.31 -19.15
N PHE B 175 -20.01 -21.27 -20.31
CA PHE B 175 -20.03 -22.29 -21.37
C PHE B 175 -21.29 -22.20 -22.27
N ILE B 176 -21.99 -21.08 -22.21
CA ILE B 176 -23.16 -20.87 -23.04
C ILE B 176 -22.78 -20.51 -24.49
N PRO B 177 -23.26 -21.30 -25.46
CA PRO B 177 -23.02 -21.14 -26.90
C PRO B 177 -23.33 -19.74 -27.39
N VAL B 178 -22.36 -19.13 -28.07
CA VAL B 178 -22.53 -17.77 -28.60
C VAL B 178 -22.92 -17.78 -30.08
N ILE B 179 -24.16 -17.37 -30.35
CA ILE B 179 -24.61 -17.08 -31.71
C ILE B 179 -24.35 -15.59 -31.88
N ALA B 180 -24.04 -15.12 -33.09
CA ALA B 180 -23.93 -13.66 -33.28
C ALA B 180 -24.17 -13.16 -34.69
N LEU B 181 -24.58 -11.90 -34.80
CA LEU B 181 -24.58 -11.23 -36.10
C LEU B 181 -23.29 -10.42 -36.29
N ALA B 182 -22.20 -11.12 -36.59
CA ALA B 182 -20.86 -10.52 -36.62
C ALA B 182 -20.51 -9.80 -37.92
N ASP B 183 -19.74 -8.73 -37.81
CA ASP B 183 -19.46 -7.87 -38.95
C ASP B 183 -18.12 -7.17 -38.83
N THR B 184 -17.14 -7.66 -39.58
CA THR B 184 -15.85 -6.98 -39.83
C THR B 184 -15.06 -6.46 -38.61
N ASP B 185 -15.70 -5.71 -37.73
CA ASP B 185 -15.02 -5.20 -36.56
C ASP B 185 -15.18 -6.14 -35.37
N SER B 186 -14.95 -7.43 -35.58
CA SER B 186 -15.21 -8.42 -34.54
C SER B 186 -14.38 -9.70 -34.68
N ASP B 187 -14.17 -10.39 -33.57
CA ASP B 187 -13.36 -11.63 -33.58
C ASP B 187 -14.23 -12.84 -33.83
N PRO B 188 -14.07 -13.44 -35.02
CA PRO B 188 -14.85 -14.58 -35.48
C PRO B 188 -14.70 -15.78 -34.54
N ASP B 189 -13.57 -15.85 -33.85
CA ASP B 189 -13.24 -17.02 -33.04
C ASP B 189 -14.09 -17.10 -31.80
N LEU B 190 -14.55 -15.95 -31.33
CA LEU B 190 -15.30 -15.86 -30.07
C LEU B 190 -16.78 -16.15 -30.27
N VAL B 191 -17.13 -16.39 -31.52
CA VAL B 191 -18.48 -16.72 -31.89
C VAL B 191 -18.53 -18.20 -32.29
N ASP B 192 -19.40 -18.94 -31.63
CA ASP B 192 -19.54 -20.35 -31.91
C ASP B 192 -20.34 -20.54 -33.22
N TYR B 193 -21.42 -19.77 -33.34
CA TYR B 193 -22.30 -19.78 -34.51
C TYR B 193 -22.49 -18.37 -35.08
N ILE B 194 -21.72 -18.04 -36.11
CA ILE B 194 -21.63 -16.70 -36.65
C ILE B 194 -22.57 -16.47 -37.81
N ILE B 195 -23.15 -15.29 -37.92
CA ILE B 195 -23.75 -14.89 -39.17
C ILE B 195 -23.06 -13.66 -39.72
N PRO B 196 -22.07 -13.88 -40.61
CA PRO B 196 -21.16 -12.88 -41.17
C PRO B 196 -21.92 -11.97 -42.06
N GLY B 197 -22.26 -10.78 -41.58
CA GLY B 197 -23.13 -9.91 -42.35
C GLY B 197 -22.92 -8.45 -42.06
N ASN B 198 -23.75 -7.92 -41.18
CA ASN B 198 -23.84 -6.49 -41.00
C ASN B 198 -24.56 -6.26 -39.69
N ASP B 199 -24.22 -5.20 -38.98
CA ASP B 199 -25.01 -4.86 -37.80
C ASP B 199 -25.40 -3.39 -37.77
N ASP B 200 -25.68 -2.84 -38.94
CA ASP B 200 -26.21 -1.49 -39.05
C ASP B 200 -27.25 -1.36 -40.16
N ALA B 201 -27.67 -0.13 -40.41
CA ALA B 201 -28.65 0.18 -41.46
C ALA B 201 -30.00 -0.54 -41.29
N ILE B 202 -30.21 -1.16 -40.12
CA ILE B 202 -31.52 -1.70 -39.72
C ILE B 202 -32.11 -2.77 -40.64
N ARG B 203 -32.00 -2.57 -41.95
CA ARG B 203 -32.43 -3.53 -42.96
C ARG B 203 -31.87 -4.94 -42.71
N SER B 204 -30.56 -5.02 -42.48
CA SER B 204 -29.87 -6.30 -42.40
C SER B 204 -30.12 -7.00 -41.06
N ILE B 205 -30.35 -6.19 -40.03
CA ILE B 205 -30.60 -6.68 -38.68
C ILE B 205 -32.04 -7.18 -38.53
N GLN B 206 -32.91 -6.74 -39.44
CA GLN B 206 -34.28 -7.21 -39.51
C GLN B 206 -34.37 -8.51 -40.32
N LEU B 207 -33.73 -8.52 -41.49
CA LEU B 207 -33.77 -9.67 -42.40
C LEU B 207 -33.23 -10.92 -41.72
N ILE B 208 -32.19 -10.75 -40.90
CA ILE B 208 -31.54 -11.88 -40.25
C ILE B 208 -32.30 -12.31 -38.98
N LEU B 209 -32.60 -11.33 -38.13
CA LEU B 209 -33.27 -11.59 -36.85
C LEU B 209 -34.73 -12.01 -37.03
N SER B 210 -35.38 -11.53 -38.09
CA SER B 210 -36.74 -11.98 -38.41
C SER B 210 -36.70 -13.45 -38.78
N ARG B 211 -35.94 -13.77 -39.82
CA ARG B 211 -35.74 -15.16 -40.24
C ARG B 211 -35.33 -16.04 -39.07
N ALA B 212 -34.59 -15.47 -38.12
CA ALA B 212 -34.18 -16.19 -36.93
C ALA B 212 -35.40 -16.79 -36.22
N VAL B 213 -36.34 -15.93 -35.85
CA VAL B 213 -37.58 -16.37 -35.19
C VAL B 213 -38.52 -17.17 -36.12
N ASP B 214 -38.38 -16.99 -37.44
CA ASP B 214 -39.18 -17.75 -38.39
C ASP B 214 -38.89 -19.23 -38.27
N LEU B 215 -37.64 -19.53 -37.95
CA LEU B 215 -37.23 -20.92 -37.79
C LEU B 215 -37.48 -21.37 -36.36
N ILE B 216 -37.59 -20.41 -35.45
CA ILE B 216 -37.83 -20.73 -34.06
C ILE B 216 -39.23 -21.25 -33.85
N ILE B 217 -40.21 -20.40 -34.17
CA ILE B 217 -41.62 -20.74 -33.98
C ILE B 217 -42.10 -21.72 -35.00
N GLN B 218 -41.35 -21.88 -36.09
CA GLN B 218 -41.60 -23.00 -36.97
C GLN B 218 -41.39 -24.28 -36.17
N ALA B 219 -40.43 -24.27 -35.25
CA ALA B 219 -40.10 -25.43 -34.42
C ALA B 219 -40.88 -25.44 -33.11
N ARG B 220 -41.60 -24.35 -32.87
CA ARG B 220 -42.53 -24.26 -31.76
C ARG B 220 -43.95 -24.63 -32.23
N GLY B 221 -44.02 -25.54 -33.19
CA GLY B 221 -45.28 -25.93 -33.81
C GLY B 221 -45.88 -24.80 -34.64
N GLY B 222 -46.33 -23.75 -33.94
CA GLY B 222 -47.04 -22.59 -34.49
C GLY B 222 -47.04 -22.24 -35.97
N VAL B 223 -45.89 -21.81 -36.47
CA VAL B 223 -45.74 -21.33 -37.86
C VAL B 223 -46.70 -20.18 -38.19
N VAL B 224 -46.22 -18.96 -37.97
CA VAL B 224 -47.06 -17.79 -38.18
C VAL B 224 -46.61 -16.93 -39.36
N GLU B 225 -47.48 -16.01 -39.72
CA GLU B 225 -47.23 -15.01 -40.75
C GLU B 225 -46.21 -14.04 -40.18
N PRO B 226 -45.58 -13.23 -41.05
CA PRO B 226 -44.72 -12.17 -40.52
C PRO B 226 -45.49 -11.30 -39.55
N SER B 227 -44.99 -11.20 -38.31
CA SER B 227 -45.58 -10.32 -37.31
C SER B 227 -44.64 -9.20 -36.84
N PRO B 228 -43.88 -8.56 -37.76
CA PRO B 228 -42.86 -7.72 -37.14
C PRO B 228 -42.93 -6.24 -37.52
N SER B 229 -42.05 -5.87 -38.46
CA SER B 229 -41.68 -4.48 -38.74
C SER B 229 -40.99 -4.33 -40.09
N TYR B 230 -41.31 -5.21 -41.05
CA TYR B 230 -40.76 -5.16 -42.42
C TYR B 230 -40.82 -3.78 -43.05
N ALA B 231 -41.83 -3.00 -42.66
CA ALA B 231 -41.99 -1.62 -43.08
C ALA B 231 -41.58 -0.70 -41.93
N LEU B 232 -41.81 -1.18 -40.70
CA LEU B 232 -41.38 -0.45 -39.51
C LEU B 232 -39.87 -0.56 -39.28
N VAL B 233 -39.13 -0.21 -40.34
CA VAL B 233 -37.68 -0.21 -40.36
C VAL B 233 -37.18 0.84 -41.37
N GLN B 234 -37.30 2.12 -40.99
CA GLN B 234 -36.94 3.23 -41.88
C GLN B 234 -36.21 4.37 -41.15
N GLY C 1 -16.37 8.20 23.75
CA GLY C 1 -17.50 9.09 24.02
C GLY C 1 -18.77 8.45 23.53
N ASN C 2 -19.31 9.01 22.43
CA ASN C 2 -20.47 8.55 21.62
C ASN C 2 -21.52 7.50 22.11
N LYS C 3 -22.63 7.41 21.37
CA LYS C 3 -23.65 6.36 21.56
C LYS C 3 -24.41 6.37 22.90
N ILE C 4 -25.63 6.94 22.93
CA ILE C 4 -26.48 6.90 24.14
C ILE C 4 -27.05 5.54 24.33
N HIS C 5 -27.55 5.31 25.52
CA HIS C 5 -28.18 4.05 25.82
C HIS C 5 -29.36 3.87 24.89
N PRO C 6 -29.33 2.82 24.05
CA PRO C 6 -30.35 2.66 23.01
C PRO C 6 -31.72 2.44 23.61
N ILE C 7 -31.76 2.05 24.89
CA ILE C 7 -33.00 1.96 25.64
C ILE C 7 -33.42 3.37 26.05
N GLY C 8 -32.68 3.98 26.96
CA GLY C 8 -32.97 5.31 27.48
C GLY C 8 -33.27 6.37 26.43
N PHE C 9 -32.95 6.06 25.18
CA PHE C 9 -33.17 6.97 24.07
C PHE C 9 -34.56 6.77 23.53
N ARG C 10 -34.94 5.50 23.47
CA ARG C 10 -36.21 5.06 22.92
C ARG C 10 -37.29 4.99 24.01
N LEU C 11 -36.86 5.22 25.25
CA LEU C 11 -37.69 5.18 26.46
C LEU C 11 -39.02 5.88 26.26
N GLY C 12 -38.99 6.97 25.50
CA GLY C 12 -40.20 7.66 25.14
C GLY C 12 -41.18 6.71 24.49
N ILE C 13 -40.85 6.27 23.28
CA ILE C 13 -41.73 5.41 22.51
C ILE C 13 -41.45 3.94 22.72
N THR C 14 -40.97 3.29 21.66
CA THR C 14 -40.87 1.84 21.53
C THR C 14 -40.48 0.96 22.75
N ARG C 15 -40.11 1.57 23.86
CA ARG C 15 -39.81 0.81 25.08
C ARG C 15 -40.34 1.51 26.33
N ASP C 16 -41.05 0.78 27.17
CA ASP C 16 -41.67 1.36 28.36
C ASP C 16 -40.85 1.06 29.62
N TRP C 17 -41.15 1.77 30.71
CA TRP C 17 -40.31 1.75 31.93
C TRP C 17 -40.38 0.43 32.67
N GLU C 18 -39.26 -0.02 33.22
CA GLU C 18 -39.24 -1.26 33.99
C GLU C 18 -40.16 -1.15 35.19
N SER C 19 -39.94 -0.16 36.04
CA SER C 19 -40.87 0.11 37.14
C SER C 19 -41.78 1.31 36.83
N ARG C 20 -43.09 1.09 36.82
CA ARG C 20 -44.02 2.14 36.40
C ARG C 20 -45.10 2.51 37.43
N TRP C 21 -44.70 3.34 38.39
CA TRP C 21 -45.60 3.82 39.44
C TRP C 21 -45.49 5.34 39.54
N TYR C 22 -46.36 5.94 40.37
CA TYR C 22 -46.29 7.37 40.63
C TYR C 22 -46.09 7.66 42.12
N ALA C 23 -45.40 8.77 42.41
CA ALA C 23 -45.05 9.12 43.78
C ALA C 23 -44.68 10.59 43.91
N GLY C 24 -44.99 11.18 45.06
CA GLY C 24 -44.72 12.59 45.33
C GLY C 24 -43.28 12.82 45.71
N LYS C 25 -42.88 14.08 45.78
CA LYS C 25 -41.47 14.41 46.04
C LYS C 25 -41.04 14.17 47.49
N LYS C 26 -41.83 13.42 48.25
CA LYS C 26 -41.43 13.04 49.60
C LYS C 26 -41.43 11.52 49.70
N GLN C 27 -41.91 10.88 48.64
CA GLN C 27 -42.03 9.43 48.59
C GLN C 27 -41.10 8.78 47.56
N TYR C 28 -41.09 9.35 46.35
CA TYR C 28 -40.30 8.86 45.21
C TYR C 28 -38.93 8.31 45.59
N ARG C 29 -38.24 9.05 46.45
CA ARG C 29 -36.92 8.69 46.94
C ARG C 29 -36.92 7.33 47.64
N HIS C 30 -37.94 7.08 48.45
CA HIS C 30 -38.02 5.86 49.25
C HIS C 30 -38.45 4.66 48.43
N LEU C 31 -39.55 4.81 47.69
CA LEU C 31 -40.03 3.75 46.80
C LEU C 31 -38.93 3.31 45.86
N LEU C 32 -38.20 4.27 45.30
CA LEU C 32 -37.09 3.98 44.41
C LEU C 32 -36.01 3.11 45.04
N LEU C 33 -35.64 3.44 46.28
CA LEU C 33 -34.62 2.70 46.99
C LEU C 33 -35.06 1.27 47.18
N GLU C 34 -36.20 1.07 47.81
CA GLU C 34 -36.73 -0.26 48.03
C GLU C 34 -36.94 -1.01 46.72
N ASP C 35 -37.40 -0.30 45.69
CA ASP C 35 -37.55 -0.88 44.36
C ASP C 35 -36.25 -1.49 43.90
N GLN C 36 -35.15 -0.81 44.19
CA GLN C 36 -33.83 -1.30 43.84
C GLN C 36 -33.48 -2.57 44.62
N ARG C 37 -33.74 -2.57 45.93
CA ARG C 37 -33.40 -3.72 46.79
C ARG C 37 -34.02 -4.99 46.24
N ILE C 38 -35.20 -4.84 45.65
CA ILE C 38 -35.92 -5.95 45.10
C ILE C 38 -35.18 -6.48 43.88
N ARG C 39 -34.75 -5.59 43.02
CA ARG C 39 -34.01 -6.02 41.84
C ARG C 39 -32.72 -6.75 42.23
N GLY C 40 -32.09 -6.30 43.32
CA GLY C 40 -30.87 -6.90 43.83
C GLY C 40 -31.06 -8.29 44.39
N LEU C 41 -32.03 -8.44 45.29
CA LEU C 41 -32.39 -9.76 45.79
C LEU C 41 -32.90 -10.66 44.67
N LEU C 42 -33.41 -10.04 43.60
CA LEU C 42 -33.94 -10.80 42.47
C LEU C 42 -32.87 -11.22 41.43
N GLU C 43 -31.98 -10.30 41.07
CA GLU C 43 -30.99 -10.61 40.04
C GLU C 43 -29.94 -11.58 40.53
N LYS C 44 -29.79 -11.69 41.84
CA LYS C 44 -28.81 -12.61 42.41
C LYS C 44 -29.38 -14.02 42.53
N GLU C 45 -30.56 -14.13 43.14
CA GLU C 45 -31.16 -15.43 43.40
C GLU C 45 -31.77 -16.09 42.18
N LEU C 46 -32.20 -15.29 41.21
CA LEU C 46 -32.85 -15.85 40.02
C LEU C 46 -31.92 -16.10 38.81
N TYR C 47 -30.60 -16.02 39.01
CA TYR C 47 -29.60 -16.13 37.94
C TYR C 47 -29.87 -17.34 37.05
N SER C 48 -30.08 -18.47 37.70
CA SER C 48 -30.33 -19.75 37.04
C SER C 48 -31.51 -19.73 36.07
N ALA C 49 -32.58 -19.04 36.44
CA ALA C 49 -33.73 -18.88 35.55
C ALA C 49 -33.35 -17.99 34.37
N GLY C 50 -32.29 -17.20 34.56
CA GLY C 50 -31.84 -16.20 33.62
C GLY C 50 -32.90 -15.13 33.46
N LEU C 51 -32.93 -14.17 34.36
CA LEU C 51 -33.98 -13.16 34.30
C LEU C 51 -33.66 -12.03 33.34
N ALA C 52 -34.49 -11.88 32.32
CA ALA C 52 -34.35 -10.80 31.36
C ALA C 52 -34.68 -9.45 32.00
N ARG C 53 -35.90 -9.31 32.53
CA ARG C 53 -36.31 -8.08 33.21
C ARG C 53 -37.26 -8.31 34.37
N VAL C 54 -37.46 -7.26 35.16
CA VAL C 54 -38.33 -7.28 36.33
C VAL C 54 -39.23 -6.07 36.33
N ASP C 55 -40.49 -6.24 35.98
CA ASP C 55 -41.42 -5.13 36.01
C ASP C 55 -41.94 -4.96 37.43
N ILE C 56 -41.94 -3.73 37.93
CA ILE C 56 -42.49 -3.45 39.25
C ILE C 56 -43.51 -2.33 39.23
N GLU C 57 -44.69 -2.58 39.80
CA GLU C 57 -45.79 -1.63 39.78
C GLU C 57 -46.32 -1.41 41.19
N ARG C 58 -46.80 -0.22 41.51
CA ARG C 58 -47.32 0.04 42.84
C ARG C 58 -48.67 0.72 42.83
N ALA C 59 -49.36 0.69 43.97
CA ALA C 59 -50.67 1.32 44.13
C ALA C 59 -51.04 1.46 45.61
N ALA C 60 -52.30 1.19 45.93
CA ALA C 60 -52.79 1.28 47.31
C ALA C 60 -51.93 0.47 48.28
N ASP C 61 -50.71 0.96 48.51
CA ASP C 61 -49.69 0.33 49.35
C ASP C 61 -49.03 -0.90 48.72
N ASN C 62 -49.73 -1.62 47.85
CA ASN C 62 -49.24 -2.90 47.35
C ASN C 62 -48.32 -2.86 46.12
N VAL C 63 -47.55 -3.93 45.92
CA VAL C 63 -46.44 -3.95 44.97
C VAL C 63 -46.47 -5.16 44.04
N ALA C 64 -46.66 -4.94 42.74
CA ALA C 64 -46.84 -6.04 41.77
C ALA C 64 -45.60 -6.39 40.95
N VAL C 65 -44.67 -7.12 41.55
CA VAL C 65 -43.46 -7.57 40.87
C VAL C 65 -43.74 -8.65 39.82
N THR C 66 -43.39 -8.38 38.56
CA THR C 66 -43.74 -9.29 37.47
C THR C 66 -42.51 -9.83 36.74
N VAL C 67 -41.80 -10.75 37.39
CA VAL C 67 -40.50 -11.29 36.88
C VAL C 67 -40.56 -12.06 35.55
N HIS C 68 -39.71 -11.67 34.59
CA HIS C 68 -39.62 -12.33 33.28
C HIS C 68 -38.40 -13.26 33.15
N VAL C 69 -38.64 -14.57 33.22
CA VAL C 69 -37.56 -15.54 33.13
C VAL C 69 -37.75 -16.54 32.01
N ALA C 70 -36.64 -17.07 31.53
CA ALA C 70 -36.64 -18.03 30.43
C ALA C 70 -37.23 -19.34 30.90
N LYS C 71 -36.84 -19.75 32.10
CA LYS C 71 -37.26 -21.03 32.66
C LYS C 71 -37.99 -20.89 33.98
N PRO C 72 -39.31 -20.60 33.93
CA PRO C 72 -40.14 -20.43 35.13
C PRO C 72 -40.17 -21.68 35.98
N GLY C 73 -39.53 -22.75 35.52
CA GLY C 73 -39.35 -23.93 36.32
C GLY C 73 -38.65 -23.55 37.61
N VAL C 74 -37.50 -22.87 37.49
CA VAL C 74 -36.60 -22.70 38.64
C VAL C 74 -37.10 -21.73 39.70
N VAL C 75 -38.15 -20.97 39.34
CA VAL C 75 -38.76 -20.03 40.25
C VAL C 75 -39.99 -20.61 40.94
N ILE C 76 -40.39 -21.81 40.54
CA ILE C 76 -41.53 -22.48 41.17
C ILE C 76 -41.09 -23.55 42.18
N GLY C 77 -40.19 -24.44 41.76
CA GLY C 77 -39.53 -25.36 42.68
C GLY C 77 -40.20 -26.69 42.97
N ARG C 78 -40.62 -26.88 44.21
CA ARG C 78 -41.29 -28.10 44.64
C ARG C 78 -42.77 -28.12 44.27
N GLY C 79 -43.11 -27.48 43.15
CA GLY C 79 -44.49 -27.25 42.78
C GLY C 79 -45.03 -26.02 43.50
N GLY C 80 -44.12 -25.21 44.04
CA GLY C 80 -44.49 -24.01 44.78
C GLY C 80 -43.45 -23.57 45.80
N GLU C 81 -42.82 -24.52 46.49
CA GLU C 81 -41.90 -24.22 47.59
C GLU C 81 -40.63 -23.54 47.11
N ARG C 82 -40.79 -22.40 46.45
CA ARG C 82 -39.69 -21.58 45.95
C ARG C 82 -40.24 -20.22 45.57
N ILE C 83 -41.38 -20.23 44.88
CA ILE C 83 -42.08 -18.99 44.60
C ILE C 83 -42.71 -18.47 45.88
N ARG C 84 -42.86 -19.36 46.87
CA ARG C 84 -43.35 -18.97 48.19
C ARG C 84 -42.21 -18.39 49.02
N VAL C 85 -41.05 -19.06 48.99
CA VAL C 85 -39.88 -18.62 49.73
C VAL C 85 -39.46 -17.22 49.27
N LEU C 86 -39.57 -16.97 47.97
CA LEU C 86 -39.14 -15.70 47.40
C LEU C 86 -40.18 -14.58 47.55
N ARG C 87 -41.45 -14.93 47.51
CA ARG C 87 -42.51 -13.95 47.80
C ARG C 87 -42.47 -13.65 49.30
N GLU C 88 -41.82 -14.54 50.05
CA GLU C 88 -41.65 -14.36 51.48
C GLU C 88 -40.43 -13.51 51.79
N GLU C 89 -39.33 -13.80 51.10
CA GLU C 89 -38.06 -13.11 51.30
C GLU C 89 -38.12 -11.66 50.82
N LEU C 90 -39.14 -11.38 50.01
CA LEU C 90 -39.49 -10.03 49.57
C LEU C 90 -40.35 -9.32 50.61
N ALA C 91 -41.07 -10.10 51.43
CA ALA C 91 -41.96 -9.52 52.41
C ALA C 91 -41.20 -8.88 53.58
N LYS C 92 -39.92 -9.22 53.69
CA LYS C 92 -39.07 -8.70 54.77
C LYS C 92 -38.46 -7.35 54.40
N LEU C 93 -37.87 -7.28 53.22
CA LEU C 93 -37.31 -6.02 52.72
C LEU C 93 -38.43 -5.05 52.41
N THR C 94 -39.49 -5.53 51.77
CA THR C 94 -40.70 -4.75 51.54
C THR C 94 -41.74 -5.05 52.60
N GLY C 95 -41.93 -4.14 53.55
CA GLY C 95 -42.95 -4.34 54.56
C GLY C 95 -44.35 -4.21 53.98
N LYS C 96 -44.45 -3.92 52.69
CA LYS C 96 -45.73 -3.51 52.07
C LYS C 96 -46.53 -4.60 51.33
N ASN C 97 -46.25 -5.87 51.60
CA ASN C 97 -46.96 -7.00 50.97
C ASN C 97 -46.82 -7.11 49.45
N VAL C 98 -45.94 -8.01 49.02
CA VAL C 98 -45.60 -8.16 47.60
C VAL C 98 -46.45 -9.21 46.90
N ALA C 99 -46.44 -9.13 45.56
CA ALA C 99 -47.15 -10.08 44.72
C ALA C 99 -46.26 -10.48 43.55
N LEU C 100 -45.55 -11.59 43.70
CA LEU C 100 -44.62 -12.10 42.70
C LEU C 100 -45.32 -12.85 41.58
N ASN C 101 -45.11 -12.41 40.34
CA ASN C 101 -45.60 -13.15 39.18
C ASN C 101 -44.42 -13.61 38.35
N VAL C 102 -44.68 -14.56 37.44
CA VAL C 102 -43.62 -15.10 36.59
C VAL C 102 -44.06 -15.11 35.13
N GLN C 103 -43.21 -14.57 34.26
CA GLN C 103 -43.52 -14.44 32.85
C GLN C 103 -42.61 -15.30 31.99
N GLU C 104 -43.21 -16.14 31.15
CA GLU C 104 -42.44 -16.97 30.25
C GLU C 104 -41.75 -16.08 29.25
N VAL C 105 -40.54 -16.48 28.89
CA VAL C 105 -39.86 -15.91 27.73
C VAL C 105 -39.87 -16.91 26.58
N GLN C 106 -40.89 -16.79 25.73
CA GLN C 106 -40.88 -17.41 24.43
C GLN C 106 -39.74 -16.76 23.65
N ASN C 107 -38.74 -17.58 23.29
CA ASN C 107 -37.50 -17.14 22.64
C ASN C 107 -36.56 -16.41 23.59
N PRO C 108 -35.62 -17.15 24.22
CA PRO C 108 -34.51 -16.50 24.90
C PRO C 108 -33.53 -15.91 23.89
N ASN C 109 -33.59 -16.39 22.65
CA ASN C 109 -32.76 -15.85 21.59
C ASN C 109 -33.45 -14.73 20.82
N LEU C 110 -34.17 -13.90 21.56
CA LEU C 110 -34.83 -12.72 21.01
C LEU C 110 -34.96 -11.68 22.12
N SER C 111 -34.24 -11.91 23.21
CA SER C 111 -34.16 -10.94 24.29
C SER C 111 -32.70 -10.66 24.48
N ALA C 112 -32.28 -9.48 24.06
CA ALA C 112 -30.89 -9.06 24.19
C ALA C 112 -30.27 -9.27 25.57
N PRO C 113 -31.04 -9.02 26.66
CA PRO C 113 -30.40 -9.21 27.96
C PRO C 113 -29.93 -10.63 28.18
N LEU C 114 -30.66 -11.60 27.66
CA LEU C 114 -30.32 -13.01 27.84
C LEU C 114 -29.19 -13.45 26.90
N VAL C 115 -29.28 -13.03 25.64
CA VAL C 115 -28.25 -13.31 24.64
C VAL C 115 -26.87 -12.88 25.14
N ALA C 116 -26.78 -11.63 25.55
CA ALA C 116 -25.58 -11.10 26.17
C ALA C 116 -25.23 -11.91 27.41
N GLN C 117 -26.24 -12.27 28.18
CA GLN C 117 -26.07 -12.97 29.44
C GLN C 117 -25.47 -14.32 29.17
N ARG C 118 -25.88 -14.90 28.04
CA ARG C 118 -25.38 -16.19 27.55
C ARG C 118 -23.88 -16.12 27.28
N VAL C 119 -23.50 -15.18 26.42
CA VAL C 119 -22.12 -14.92 26.04
C VAL C 119 -21.22 -14.72 27.24
N ALA C 120 -21.67 -13.87 28.16
CA ALA C 120 -20.96 -13.62 29.40
C ALA C 120 -20.50 -14.92 30.06
N GLU C 121 -21.43 -15.85 30.24
CA GLU C 121 -21.14 -17.06 31.00
C GLU C 121 -20.11 -17.95 30.31
N GLN C 122 -20.17 -18.01 28.99
CA GLN C 122 -19.16 -18.74 28.21
C GLN C 122 -17.75 -18.19 28.43
N ILE C 123 -17.61 -16.86 28.38
CA ILE C 123 -16.30 -16.22 28.49
C ILE C 123 -15.66 -16.58 29.82
N GLU C 124 -16.47 -16.92 30.81
CA GLU C 124 -15.93 -17.34 32.09
C GLU C 124 -15.54 -18.81 32.01
N ARG C 125 -16.32 -19.58 31.26
CA ARG C 125 -16.02 -21.00 30.98
C ARG C 125 -15.00 -21.11 29.85
N ARG C 126 -14.29 -20.01 29.61
CA ARG C 126 -13.17 -19.95 28.68
C ARG C 126 -13.43 -20.40 27.24
N PHE C 127 -14.68 -20.32 26.81
CA PHE C 127 -15.06 -20.49 25.41
C PHE C 127 -14.21 -19.61 24.49
N ALA C 128 -14.24 -19.91 23.20
CA ALA C 128 -13.56 -19.07 22.22
C ALA C 128 -14.43 -17.89 21.90
N VAL C 129 -13.94 -16.70 22.23
CA VAL C 129 -14.73 -15.48 22.12
C VAL C 129 -15.24 -15.22 20.70
N ARG C 130 -14.34 -15.13 19.72
CA ARG C 130 -14.72 -14.86 18.33
C ARG C 130 -15.92 -15.70 17.89
N ARG C 131 -15.85 -17.00 18.12
CA ARG C 131 -16.92 -17.89 17.72
C ARG C 131 -18.18 -17.59 18.52
N ALA C 132 -18.03 -17.52 19.84
CA ALA C 132 -19.14 -17.24 20.77
C ALA C 132 -20.04 -16.16 20.20
N ILE C 133 -19.39 -15.11 19.72
CA ILE C 133 -20.07 -13.94 19.22
C ILE C 133 -20.73 -14.19 17.86
N LYS C 134 -19.99 -14.79 16.92
CA LYS C 134 -20.56 -15.10 15.60
C LYS C 134 -21.74 -16.06 15.80
N GLN C 135 -21.57 -17.01 16.71
CA GLN C 135 -22.61 -17.97 17.05
C GLN C 135 -23.80 -17.29 17.66
N ALA C 136 -23.57 -16.60 18.78
CA ALA C 136 -24.61 -15.87 19.50
C ALA C 136 -25.49 -15.10 18.54
N VAL C 137 -24.84 -14.39 17.62
CA VAL C 137 -25.59 -13.64 16.63
C VAL C 137 -26.46 -14.56 15.78
N GLN C 138 -25.87 -15.64 15.28
CA GLN C 138 -26.63 -16.57 14.45
C GLN C 138 -27.84 -17.13 15.18
N ARG C 139 -27.65 -17.53 16.44
CA ARG C 139 -28.76 -18.06 17.22
C ARG C 139 -29.90 -17.06 17.32
N VAL C 140 -29.54 -15.78 17.29
CA VAL C 140 -30.53 -14.70 17.34
C VAL C 140 -31.14 -14.44 15.96
N MET C 141 -30.34 -14.62 14.92
CA MET C 141 -30.79 -14.33 13.57
C MET C 141 -31.66 -15.50 13.07
N GLU C 142 -31.35 -16.70 13.56
CA GLU C 142 -32.10 -17.90 13.19
C GLU C 142 -33.49 -17.87 13.80
N SER C 143 -33.63 -17.13 14.90
CA SER C 143 -34.91 -17.03 15.61
C SER C 143 -35.74 -15.86 15.10
N GLY C 144 -35.90 -15.73 13.79
CA GLY C 144 -36.53 -14.53 13.26
C GLY C 144 -35.58 -13.36 13.40
N ALA C 145 -36.09 -12.24 13.93
CA ALA C 145 -35.30 -10.99 14.13
C ALA C 145 -34.91 -10.31 12.83
N LYS C 146 -35.11 -9.00 12.74
CA LYS C 146 -34.73 -8.29 11.54
C LYS C 146 -33.21 -8.00 11.50
N GLY C 147 -32.53 -8.18 12.63
CA GLY C 147 -31.12 -7.89 12.73
C GLY C 147 -30.66 -7.99 14.17
N ALA C 148 -29.34 -8.00 14.38
CA ALA C 148 -28.75 -8.18 15.71
C ALA C 148 -27.24 -7.95 15.71
N LYS C 149 -26.69 -7.65 16.87
CA LYS C 149 -25.31 -7.23 16.98
C LYS C 149 -24.84 -7.51 18.39
N VAL C 150 -23.61 -7.99 18.54
CA VAL C 150 -23.09 -8.31 19.86
C VAL C 150 -21.73 -7.62 19.99
N ILE C 151 -21.24 -7.39 21.20
CA ILE C 151 -19.93 -6.76 21.38
C ILE C 151 -19.29 -7.26 22.64
N VAL C 152 -18.08 -7.80 22.53
CA VAL C 152 -17.33 -8.10 23.73
C VAL C 152 -16.27 -7.05 23.88
N SER C 153 -16.02 -6.64 25.12
CA SER C 153 -15.11 -5.56 25.45
C SER C 153 -13.65 -5.94 25.28
N GLY C 154 -12.89 -5.87 26.38
CA GLY C 154 -11.44 -6.02 26.33
C GLY C 154 -10.79 -7.07 27.21
N ARG C 155 -9.59 -7.50 26.78
CA ARG C 155 -8.82 -8.62 27.36
C ARG C 155 -9.36 -9.95 26.89
N ILE C 156 -9.86 -9.97 25.67
CA ILE C 156 -10.24 -11.19 25.02
C ILE C 156 -9.10 -12.18 25.09
N GLY C 157 -9.32 -13.27 25.85
CA GLY C 157 -8.41 -14.40 25.89
C GLY C 157 -7.25 -14.33 26.88
N GLY C 158 -7.33 -13.42 27.85
CA GLY C 158 -6.24 -13.22 28.78
C GLY C 158 -5.20 -12.28 28.18
N ALA C 159 -5.42 -11.92 26.91
CA ALA C 159 -4.52 -11.07 26.14
C ALA C 159 -4.19 -9.79 26.91
N GLU C 160 -2.91 -9.50 27.09
CA GLU C 160 -2.49 -8.42 27.97
C GLU C 160 -3.01 -7.07 27.55
N GLN C 161 -3.26 -6.92 26.26
CA GLN C 161 -3.69 -5.64 25.70
C GLN C 161 -5.16 -5.72 25.36
N ALA C 162 -6.00 -4.99 26.08
CA ALA C 162 -7.46 -5.06 25.90
C ALA C 162 -7.90 -4.78 24.47
N ARG C 163 -8.86 -5.54 23.98
CA ARG C 163 -9.26 -5.38 22.59
C ARG C 163 -10.74 -5.16 22.55
N THR C 164 -11.33 -5.54 21.42
CA THR C 164 -12.78 -5.47 21.21
C THR C 164 -13.15 -6.39 20.05
N GLU C 165 -14.13 -7.28 20.27
CA GLU C 165 -14.57 -8.16 19.21
C GLU C 165 -16.04 -7.90 18.91
N TRP C 166 -16.42 -8.21 17.68
CA TRP C 166 -17.53 -7.52 17.04
C TRP C 166 -18.73 -8.37 16.70
N ALA C 167 -18.88 -8.65 15.40
CA ALA C 167 -19.98 -9.48 14.84
C ALA C 167 -21.35 -8.84 14.91
N ALA C 168 -22.07 -8.93 13.80
CA ALA C 168 -23.39 -8.34 13.68
C ALA C 168 -23.87 -8.57 12.29
N GLN C 169 -25.12 -8.97 12.14
CA GLN C 169 -25.74 -8.99 10.81
C GLN C 169 -27.20 -8.55 10.83
N GLY C 170 -27.77 -8.42 9.63
CA GLY C 170 -29.08 -7.83 9.49
C GLY C 170 -28.93 -6.35 9.72
N ARG C 171 -30.06 -5.66 9.87
CA ARG C 171 -30.06 -4.23 10.19
C ARG C 171 -30.08 -4.02 11.69
N VAL C 172 -29.26 -3.10 12.17
CA VAL C 172 -29.32 -2.67 13.57
C VAL C 172 -29.28 -1.14 13.58
N PRO C 173 -30.46 -0.49 13.38
CA PRO C 173 -30.55 0.91 12.97
C PRO C 173 -30.62 1.88 14.15
N LEU C 174 -29.45 2.20 14.74
CA LEU C 174 -29.41 2.82 16.06
C LEU C 174 -30.01 4.23 16.18
N HIS C 175 -29.97 4.98 15.09
CA HIS C 175 -30.39 6.38 15.16
C HIS C 175 -31.83 6.55 14.79
N THR C 176 -32.51 5.45 14.50
CA THR C 176 -33.94 5.56 14.25
C THR C 176 -34.75 5.18 15.48
N LEU C 177 -35.62 6.10 15.88
CA LEU C 177 -36.43 5.93 17.07
C LEU C 177 -37.41 4.80 16.82
N ARG C 178 -38.16 4.92 15.72
CA ARG C 178 -39.13 3.91 15.28
C ARG C 178 -38.53 2.52 15.11
N ALA C 179 -37.78 2.03 16.09
CA ALA C 179 -36.98 0.81 15.88
C ALA C 179 -37.50 -0.40 16.64
N ASN C 180 -37.31 -0.33 17.95
CA ASN C 180 -37.37 -1.46 18.89
C ASN C 180 -36.13 -2.31 18.82
N ILE C 181 -35.16 -1.92 19.62
CA ILE C 181 -33.90 -2.59 19.63
C ILE C 181 -33.64 -2.97 21.07
N ASP C 182 -34.06 -4.16 21.47
CA ASP C 182 -33.75 -4.62 22.80
C ASP C 182 -32.24 -4.60 22.98
N TYR C 183 -31.80 -4.08 24.12
CA TYR C 183 -30.40 -3.94 24.41
C TYR C 183 -30.18 -4.72 25.67
N GLY C 184 -29.00 -5.27 25.80
CA GLY C 184 -28.69 -5.99 27.01
C GLY C 184 -27.20 -6.00 27.28
N PHE C 185 -26.86 -5.79 28.53
CA PHE C 185 -25.46 -5.80 28.93
C PHE C 185 -25.18 -6.85 29.98
N ALA C 186 -24.13 -7.62 29.73
CA ALA C 186 -23.71 -8.65 30.63
C ALA C 186 -22.26 -8.42 30.99
N LEU C 187 -21.95 -8.68 32.26
CA LEU C 187 -20.60 -8.57 32.76
C LEU C 187 -19.96 -9.96 32.70
N ALA C 188 -18.64 -10.05 32.64
CA ALA C 188 -17.97 -11.34 32.61
C ALA C 188 -16.77 -11.33 33.53
N ARG C 189 -16.97 -11.76 34.77
CA ARG C 189 -15.89 -11.72 35.77
C ARG C 189 -14.91 -12.87 35.56
N THR C 190 -13.93 -12.67 34.68
CA THR C 190 -12.90 -13.68 34.41
C THR C 190 -11.73 -13.62 35.41
N THR C 191 -10.71 -14.43 35.20
CA THR C 191 -9.65 -14.60 36.19
C THR C 191 -8.67 -13.43 36.17
N TYR C 192 -8.71 -12.68 35.08
CA TYR C 192 -7.67 -11.76 34.73
C TYR C 192 -8.21 -10.36 34.43
N GLY C 193 -9.45 -10.12 34.84
CA GLY C 193 -10.09 -8.84 34.57
C GLY C 193 -11.59 -8.96 34.40
N VAL C 194 -12.21 -7.92 33.87
CA VAL C 194 -13.63 -7.99 33.60
C VAL C 194 -13.83 -7.72 32.14
N LEU C 195 -14.95 -8.19 31.63
CA LEU C 195 -15.24 -7.98 30.24
C LEU C 195 -16.69 -7.59 30.12
N GLY C 196 -17.00 -6.78 29.11
CA GLY C 196 -18.36 -6.32 28.92
C GLY C 196 -18.98 -6.87 27.66
N VAL C 197 -20.20 -7.39 27.81
CA VAL C 197 -20.89 -7.94 26.67
C VAL C 197 -22.14 -7.14 26.36
N LYS C 198 -22.10 -6.39 25.26
CA LYS C 198 -23.27 -5.63 24.84
C LYS C 198 -24.02 -6.38 23.73
N ALA C 199 -25.34 -6.48 23.83
CA ALA C 199 -26.09 -7.17 22.79
C ALA C 199 -27.26 -6.35 22.23
N TYR C 200 -27.29 -6.20 20.92
CA TYR C 200 -28.35 -5.44 20.28
C TYR C 200 -29.21 -6.39 19.47
N ILE C 201 -30.52 -6.20 19.50
CA ILE C 201 -31.39 -7.05 18.72
C ILE C 201 -32.51 -6.24 18.13
N PHE C 202 -32.44 -6.03 16.83
CA PHE C 202 -33.46 -5.28 16.12
C PHE C 202 -34.62 -6.18 15.79
N LEU C 203 -35.82 -5.61 15.79
CA LEU C 203 -37.02 -6.31 15.34
C LEU C 203 -38.14 -5.30 15.10
N GLY C 204 -39.01 -5.58 14.13
CA GLY C 204 -40.13 -4.69 13.82
C GLY C 204 -39.78 -3.27 13.41
N GLU C 205 -40.80 -2.45 13.17
CA GLU C 205 -40.59 -1.07 12.78
C GLU C 205 -41.52 -0.17 13.59
N VAL C 206 -42.67 0.17 13.01
CA VAL C 206 -43.66 1.05 13.66
C VAL C 206 -44.21 0.41 14.92
N GLY D 1 13.14 -54.24 29.43
CA GLY D 1 13.69 -54.39 28.08
C GLY D 1 14.54 -53.18 27.74
N ARG D 2 14.40 -52.69 26.51
CA ARG D 2 14.99 -51.41 26.08
C ARG D 2 13.96 -50.29 26.20
N TYR D 3 14.36 -49.07 25.86
CA TYR D 3 13.73 -47.88 26.41
C TYR D 3 13.84 -47.90 27.95
N ILE D 4 12.98 -48.68 28.63
CA ILE D 4 12.86 -48.72 30.12
C ILE D 4 12.21 -47.47 30.74
N GLY D 5 11.02 -47.63 31.29
CA GLY D 5 10.37 -46.49 31.88
C GLY D 5 8.87 -46.63 31.80
N PRO D 6 8.15 -45.61 32.30
CA PRO D 6 6.70 -45.68 32.26
C PRO D 6 6.34 -45.87 30.80
N VAL D 7 5.47 -46.81 30.55
CA VAL D 7 5.17 -47.18 29.18
C VAL D 7 3.80 -46.67 28.78
N CYS D 8 2.83 -46.76 29.69
CA CYS D 8 1.46 -46.38 29.34
C CYS D 8 1.39 -44.85 29.09
N ARG D 9 2.35 -44.08 29.61
CA ARG D 9 2.43 -42.67 29.21
C ARG D 9 2.69 -42.51 27.70
N LEU D 10 3.22 -43.57 27.09
CA LEU D 10 3.42 -43.60 25.65
C LEU D 10 2.11 -43.96 24.96
N CYS D 11 1.46 -45.05 25.43
CA CYS D 11 0.10 -45.42 25.02
C CYS D 11 -0.68 -44.07 24.93
N ARG D 12 -0.59 -43.28 26.00
CA ARG D 12 -1.32 -42.03 26.16
C ARG D 12 -0.92 -40.94 25.17
N ARG D 13 0.37 -40.76 24.98
CA ARG D 13 0.86 -39.74 24.05
C ARG D 13 0.49 -40.01 22.59
N GLU D 14 0.53 -41.27 22.15
CA GLU D 14 0.20 -41.57 20.76
C GLU D 14 -1.29 -41.68 20.55
N GLY D 15 -2.06 -41.55 21.64
CA GLY D 15 -3.52 -41.53 21.56
C GLY D 15 -4.13 -42.86 21.13
N VAL D 16 -3.29 -43.87 20.92
CA VAL D 16 -3.74 -45.21 20.57
C VAL D 16 -3.22 -46.20 21.60
N LYS D 17 -4.00 -47.23 21.88
CA LYS D 17 -3.46 -48.33 22.66
C LYS D 17 -2.38 -49.02 21.84
N LEU D 18 -1.24 -49.24 22.47
CA LEU D 18 -0.08 -49.83 21.80
C LEU D 18 0.19 -51.24 22.34
N TYR D 19 -0.42 -51.58 23.47
CA TYR D 19 -0.27 -52.90 24.07
C TYR D 19 1.21 -53.25 24.32
N LEU D 20 1.93 -52.40 25.06
CA LEU D 20 3.36 -52.64 25.41
C LEU D 20 3.60 -53.49 26.66
N LYS D 21 2.64 -54.35 27.00
CA LYS D 21 2.69 -55.17 28.22
C LYS D 21 1.66 -56.31 28.35
N GLY D 22 1.25 -56.91 27.24
CA GLY D 22 0.46 -58.15 27.31
C GLY D 22 -0.83 -58.15 28.12
N GLU D 23 -0.80 -58.73 29.31
CA GLU D 23 -1.98 -58.77 30.18
C GLU D 23 -2.35 -57.33 30.50
N ARG D 24 -3.47 -57.11 31.17
CA ARG D 24 -3.81 -55.77 31.69
C ARG D 24 -4.20 -54.75 30.62
N CYS D 25 -3.43 -54.72 29.52
CA CYS D 25 -3.78 -53.93 28.33
C CYS D 25 -5.06 -54.57 27.66
N TYR D 26 -5.58 -55.63 28.27
CA TYR D 26 -6.90 -56.15 27.91
C TYR D 26 -7.90 -55.98 29.05
N SER D 27 -7.41 -55.52 30.19
CA SER D 27 -8.25 -55.23 31.33
C SER D 27 -8.85 -53.84 31.13
N PRO D 28 -9.84 -53.44 31.97
CA PRO D 28 -10.32 -52.06 31.98
C PRO D 28 -9.32 -51.15 32.70
N LYS D 29 -8.05 -51.55 32.74
CA LYS D 29 -7.07 -50.81 33.50
C LYS D 29 -5.95 -50.15 32.69
N CYS D 30 -5.85 -50.38 31.37
CA CYS D 30 -4.89 -49.59 30.56
C CYS D 30 -5.40 -48.16 30.59
N ALA D 31 -4.53 -47.20 30.86
CA ALA D 31 -4.96 -45.83 31.11
C ALA D 31 -5.79 -45.26 29.97
N MET D 32 -5.52 -45.71 28.74
CA MET D 32 -6.23 -45.22 27.55
C MET D 32 -7.74 -45.36 27.69
N GLU D 33 -8.15 -46.37 28.45
CA GLU D 33 -9.53 -46.45 28.85
C GLU D 33 -9.71 -45.71 30.16
N ARG D 34 -10.47 -44.63 30.06
CA ARG D 34 -10.75 -43.73 31.16
C ARG D 34 -9.49 -43.02 31.67
N ARG D 35 -8.72 -42.56 30.69
CA ARG D 35 -7.69 -41.52 30.81
C ARG D 35 -6.92 -41.27 29.48
N PRO D 36 -7.64 -41.17 28.34
CA PRO D 36 -6.94 -41.32 27.06
C PRO D 36 -6.19 -40.09 26.54
N TYR D 37 -5.98 -39.06 27.37
CA TYR D 37 -5.30 -37.87 26.89
C TYR D 37 -3.79 -37.98 27.07
N PRO D 38 -3.04 -37.09 26.42
CA PRO D 38 -1.59 -37.03 26.64
C PRO D 38 -1.24 -36.87 28.12
N PRO D 39 0.01 -37.20 28.49
CA PRO D 39 0.44 -37.22 29.89
C PRO D 39 0.99 -35.88 30.37
N GLY D 40 0.91 -35.61 31.66
CA GLY D 40 1.50 -34.39 32.19
C GLY D 40 0.48 -33.31 32.48
N GLN D 41 0.99 -32.13 32.82
CA GLN D 41 0.17 -31.00 33.23
C GLN D 41 -0.88 -30.63 32.19
N HIS D 42 -0.44 -30.48 30.95
CA HIS D 42 -1.31 -29.98 29.89
C HIS D 42 -1.97 -31.09 29.10
N GLY D 43 -2.20 -32.21 29.76
CA GLY D 43 -2.77 -33.35 29.07
C GLY D 43 -4.15 -33.05 28.55
N GLN D 44 -4.94 -32.37 29.37
CA GLN D 44 -6.36 -32.25 29.12
C GLN D 44 -6.71 -30.92 28.48
N LYS D 45 -5.70 -30.10 28.21
CA LYS D 45 -5.97 -28.86 27.48
C LYS D 45 -6.22 -29.25 26.04
N ARG D 46 -6.98 -28.44 25.31
CA ARG D 46 -7.28 -28.77 23.91
C ARG D 46 -6.02 -28.66 23.08
N ALA D 47 -6.04 -29.25 21.89
CA ALA D 47 -4.83 -29.37 21.08
C ALA D 47 -4.73 -28.25 20.05
N ARG D 48 -3.58 -28.20 19.37
CA ARG D 48 -3.39 -27.27 18.27
C ARG D 48 -3.06 -28.11 17.04
N ARG D 49 -3.31 -27.55 15.86
CA ARG D 49 -3.01 -28.23 14.59
C ARG D 49 -1.55 -28.62 14.58
N PRO D 50 -1.28 -29.93 14.75
CA PRO D 50 0.11 -30.35 14.70
C PRO D 50 0.64 -30.18 13.29
N SER D 51 1.87 -29.69 13.16
CA SER D 51 2.47 -29.43 11.86
C SER D 51 2.52 -30.67 10.98
N ASP D 52 2.79 -30.47 9.71
CA ASP D 52 3.12 -31.59 8.85
C ASP D 52 4.19 -32.41 9.52
N TYR D 53 5.25 -31.73 9.93
CA TYR D 53 6.39 -32.38 10.56
C TYR D 53 5.95 -33.20 11.76
N ALA D 54 5.15 -32.56 12.62
CA ALA D 54 4.70 -33.16 13.88
C ALA D 54 4.05 -34.50 13.62
N VAL D 55 3.20 -34.53 12.61
CA VAL D 55 2.47 -35.73 12.31
C VAL D 55 3.40 -36.89 11.98
N ARG D 56 4.38 -36.62 11.14
CA ARG D 56 5.31 -37.65 10.72
C ARG D 56 6.15 -38.15 11.89
N LEU D 57 6.49 -37.26 12.81
CA LEU D 57 7.24 -37.67 13.99
C LEU D 57 6.46 -38.68 14.79
N ARG D 58 5.24 -38.33 15.20
CA ARG D 58 4.52 -39.20 16.10
C ARG D 58 4.28 -40.55 15.44
N GLU D 59 4.01 -40.53 14.14
CA GLU D 59 3.66 -41.74 13.41
C GLU D 59 4.83 -42.67 13.41
N LYS D 60 6.02 -42.12 13.48
CA LYS D 60 7.23 -42.91 13.54
C LYS D 60 7.34 -43.50 14.93
N GLN D 61 7.34 -42.61 15.92
CA GLN D 61 7.40 -43.02 17.32
C GLN D 61 6.38 -44.11 17.62
N LYS D 62 5.17 -43.95 17.11
CA LYS D 62 4.12 -44.93 17.32
C LYS D 62 4.59 -46.33 16.89
N LEU D 63 5.21 -46.41 15.72
CA LEU D 63 5.70 -47.68 15.21
C LEU D 63 6.84 -48.11 16.08
N ARG D 64 7.78 -47.19 16.27
CA ARG D 64 9.05 -47.51 16.90
C ARG D 64 8.91 -47.84 18.37
N ARG D 65 7.84 -47.37 19.00
CA ARG D 65 7.65 -47.65 20.40
C ARG D 65 6.88 -48.93 20.54
N ILE D 66 6.17 -49.29 19.49
CA ILE D 66 5.47 -50.56 19.45
C ILE D 66 6.45 -51.75 19.53
N TYR D 67 7.64 -51.60 18.95
CA TYR D 67 8.59 -52.71 18.92
C TYR D 67 9.67 -52.62 19.99
N GLY D 68 9.82 -51.46 20.61
CA GLY D 68 10.76 -51.34 21.70
C GLY D 68 12.20 -51.33 21.21
N ILE D 69 12.34 -51.25 19.89
CA ILE D 69 13.62 -50.96 19.27
C ILE D 69 14.10 -49.57 19.73
N SER D 70 15.42 -49.36 19.69
CA SER D 70 15.96 -48.02 19.84
C SER D 70 15.55 -47.18 18.65
N GLU D 71 16.50 -46.48 18.05
CA GLU D 71 16.20 -45.58 16.95
C GLU D 71 17.35 -45.66 15.99
N ARG D 72 18.57 -45.75 16.51
CA ARG D 72 19.72 -46.02 15.68
C ARG D 72 19.58 -47.43 15.15
N GLN D 73 18.86 -48.26 15.89
CA GLN D 73 18.59 -49.64 15.54
C GLN D 73 17.48 -49.69 14.53
N PHE D 74 16.51 -48.80 14.72
CA PHE D 74 15.33 -48.64 13.88
C PHE D 74 15.66 -48.00 12.55
N ARG D 75 16.37 -46.88 12.59
CA ARG D 75 16.85 -46.18 11.40
C ARG D 75 17.68 -47.06 10.48
N ASN D 76 18.48 -47.92 11.07
CA ASN D 76 19.28 -48.83 10.28
C ASN D 76 18.39 -49.83 9.56
N LEU D 77 17.35 -50.28 10.24
CA LEU D 77 16.44 -51.24 9.64
C LEU D 77 15.72 -50.62 8.46
N PHE D 78 15.23 -49.40 8.65
CA PHE D 78 14.59 -48.64 7.59
C PHE D 78 15.57 -48.28 6.48
N GLU D 79 16.82 -48.04 6.84
CA GLU D 79 17.76 -47.63 5.82
C GLU D 79 18.05 -48.79 4.95
N GLU D 80 18.08 -49.97 5.56
CA GLU D 80 18.38 -51.17 4.81
C GLU D 80 17.22 -51.50 3.91
N ALA D 81 16.02 -51.46 4.48
CA ALA D 81 14.82 -51.68 3.70
C ALA D 81 14.72 -50.65 2.57
N SER D 82 15.22 -49.44 2.80
CA SER D 82 15.22 -48.46 1.74
C SER D 82 16.07 -48.93 0.55
N LYS D 83 17.35 -49.21 0.81
CA LYS D 83 18.26 -49.68 -0.23
C LYS D 83 17.74 -50.95 -0.87
N LYS D 84 17.24 -51.83 -0.03
CA LYS D 84 16.70 -53.13 -0.43
C LYS D 84 15.75 -53.03 -1.63
N LYS D 85 15.73 -54.11 -2.42
CA LYS D 85 14.88 -54.22 -3.62
C LYS D 85 13.45 -54.56 -3.23
N GLY D 86 12.50 -53.79 -3.76
CA GLY D 86 11.10 -53.95 -3.39
C GLY D 86 10.56 -52.70 -2.72
N VAL D 87 9.27 -52.76 -2.38
CA VAL D 87 8.59 -51.60 -1.80
C VAL D 87 8.97 -51.33 -0.35
N THR D 88 9.50 -50.16 -0.13
CA THR D 88 10.22 -49.88 1.09
C THR D 88 9.35 -49.71 2.34
N GLY D 89 8.15 -49.15 2.19
CA GLY D 89 7.20 -49.14 3.28
C GLY D 89 6.97 -50.55 3.85
N SER D 90 6.36 -51.42 3.04
CA SER D 90 5.99 -52.76 3.48
C SER D 90 7.19 -53.58 3.92
N VAL D 91 8.31 -53.45 3.21
CA VAL D 91 9.50 -54.25 3.51
C VAL D 91 10.04 -53.96 4.92
N PHE D 92 10.13 -52.67 5.25
CA PHE D 92 10.47 -52.22 6.59
C PHE D 92 9.72 -52.99 7.68
N LEU D 93 8.40 -53.01 7.62
CA LEU D 93 7.62 -53.80 8.58
C LEU D 93 8.12 -55.22 8.65
N GLY D 94 8.39 -55.81 7.49
CA GLY D 94 8.81 -57.20 7.43
C GLY D 94 10.10 -57.43 8.18
N LEU D 95 10.98 -56.44 8.11
CA LEU D 95 12.25 -56.52 8.82
C LEU D 95 12.03 -56.36 10.31
N LEU D 96 11.15 -55.46 10.69
CA LEU D 96 10.83 -55.28 12.11
C LEU D 96 10.25 -56.57 12.64
N GLU D 97 9.41 -57.17 11.82
CA GLU D 97 8.55 -58.23 12.27
C GLU D 97 9.33 -59.52 12.24
N SER D 98 10.49 -59.49 11.60
CA SER D 98 11.37 -60.66 11.55
C SER D 98 12.35 -60.79 12.74
N ARG D 99 12.40 -59.77 13.60
CA ARG D 99 13.24 -59.79 14.78
C ARG D 99 12.80 -60.91 15.71
N LEU D 100 13.78 -61.67 16.20
CA LEU D 100 13.51 -62.78 17.11
C LEU D 100 12.67 -62.33 18.28
N ASP D 101 13.04 -61.22 18.90
CA ASP D 101 12.32 -60.74 20.08
C ASP D 101 10.81 -60.71 19.82
N ASN D 102 10.43 -60.17 18.65
CA ASN D 102 9.03 -59.98 18.32
C ASN D 102 8.35 -61.27 17.82
N VAL D 103 9.13 -62.11 17.15
CA VAL D 103 8.67 -63.41 16.68
C VAL D 103 8.32 -64.28 17.87
N VAL D 104 9.10 -64.16 18.95
CA VAL D 104 8.81 -64.85 20.20
C VAL D 104 7.51 -64.33 20.81
N TYR D 105 7.33 -63.02 20.74
CA TYR D 105 6.09 -62.39 21.18
C TYR D 105 4.90 -62.92 20.41
N ARG D 106 5.04 -62.91 19.10
CA ARG D 106 3.98 -63.33 18.20
C ARG D 106 3.54 -64.77 18.48
N LEU D 107 4.50 -65.66 18.71
CA LEU D 107 4.20 -67.06 19.01
C LEU D 107 3.67 -67.27 20.41
N GLY D 108 3.42 -66.17 21.12
CA GLY D 108 2.83 -66.22 22.45
C GLY D 108 3.63 -66.99 23.48
N PHE D 109 4.95 -66.99 23.34
CA PHE D 109 5.80 -67.54 24.39
C PHE D 109 5.83 -66.53 25.50
N ALA D 110 5.91 -65.27 25.11
CA ALA D 110 5.82 -64.15 26.03
C ALA D 110 4.53 -63.40 25.80
N VAL D 111 4.06 -62.72 26.84
CA VAL D 111 2.83 -61.97 26.76
C VAL D 111 3.08 -60.63 26.11
N SER D 112 4.33 -60.20 26.04
CA SER D 112 4.61 -58.93 25.38
C SER D 112 6.04 -58.94 24.91
N ARG D 113 6.44 -57.90 24.18
CA ARG D 113 7.76 -57.86 23.58
C ARG D 113 8.86 -57.56 24.60
N ARG D 114 8.54 -56.70 25.55
CA ARG D 114 9.46 -56.37 26.63
C ARG D 114 9.85 -57.65 27.36
N GLN D 115 8.85 -58.45 27.70
CA GLN D 115 9.06 -59.73 28.35
C GLN D 115 9.77 -60.68 27.39
N ALA D 116 9.44 -60.58 26.10
CA ALA D 116 10.06 -61.45 25.12
C ALA D 116 11.52 -61.10 24.95
N ARG D 117 11.85 -59.83 25.17
CA ARG D 117 13.23 -59.40 25.06
C ARG D 117 14.05 -59.98 26.22
N GLN D 118 13.38 -60.26 27.34
CA GLN D 118 14.05 -60.89 28.46
C GLN D 118 14.27 -62.34 28.16
N LEU D 119 13.19 -63.05 27.86
CA LEU D 119 13.25 -64.48 27.55
C LEU D 119 14.35 -64.85 26.57
N VAL D 120 14.81 -63.86 25.81
CA VAL D 120 15.81 -64.09 24.78
C VAL D 120 17.23 -63.86 25.30
N ARG D 121 17.44 -62.71 25.95
CA ARG D 121 18.75 -62.35 26.49
C ARG D 121 19.12 -63.33 27.58
N HIS D 122 18.11 -64.04 28.06
CA HIS D 122 18.31 -65.02 29.11
C HIS D 122 18.33 -66.46 28.56
N GLY D 123 18.38 -66.57 27.24
CA GLY D 123 18.62 -67.84 26.55
C GLY D 123 17.61 -68.96 26.71
N HIS D 124 16.36 -68.60 26.99
CA HIS D 124 15.29 -69.57 27.11
C HIS D 124 14.83 -69.99 25.73
N ILE D 125 15.31 -69.25 24.73
CA ILE D 125 14.86 -69.42 23.37
C ILE D 125 15.91 -70.05 22.47
N THR D 126 15.46 -71.01 21.67
CA THR D 126 16.25 -71.65 20.64
C THR D 126 15.72 -71.25 19.28
N VAL D 127 16.64 -71.14 18.31
CA VAL D 127 16.32 -70.99 16.90
C VAL D 127 17.00 -72.20 16.28
N ASN D 128 16.24 -73.01 15.55
CA ASN D 128 16.78 -74.25 14.99
C ASN D 128 17.47 -74.99 16.11
N GLY D 129 16.77 -75.14 17.23
CA GLY D 129 17.32 -75.84 18.38
C GLY D 129 18.70 -75.45 18.91
N ARG D 130 19.21 -74.28 18.53
CA ARG D 130 20.44 -73.82 19.14
C ARG D 130 20.22 -72.47 19.78
N ARG D 131 20.65 -72.33 21.04
CA ARG D 131 20.37 -71.11 21.81
C ARG D 131 20.78 -69.83 21.09
N VAL D 132 19.81 -68.97 20.84
CA VAL D 132 20.10 -67.63 20.35
C VAL D 132 19.72 -66.61 21.44
N ASP D 133 20.71 -65.93 22.00
CA ASP D 133 20.47 -65.01 23.09
C ASP D 133 20.61 -63.58 22.62
N LEU D 134 20.05 -63.31 21.45
CA LEU D 134 20.13 -61.98 20.83
C LEU D 134 18.78 -61.49 20.31
N PRO D 135 18.16 -60.55 21.01
CA PRO D 135 16.80 -60.13 20.70
C PRO D 135 16.63 -59.58 19.28
N SER D 136 17.71 -59.11 18.67
CA SER D 136 17.63 -58.53 17.32
C SER D 136 18.13 -59.47 16.23
N TYR D 137 18.28 -60.74 16.56
CA TYR D 137 18.67 -61.75 15.58
C TYR D 137 17.59 -61.83 14.54
N ARG D 138 17.96 -62.00 13.28
CA ARG D 138 16.94 -62.02 12.24
C ARG D 138 16.51 -63.42 11.86
N VAL D 139 15.25 -63.74 12.12
CA VAL D 139 14.74 -65.08 11.83
C VAL D 139 14.36 -65.17 10.37
N ARG D 140 15.10 -65.96 9.58
CA ARG D 140 14.75 -66.14 8.18
C ARG D 140 13.64 -67.18 8.09
N PRO D 141 13.02 -67.36 6.91
CA PRO D 141 11.91 -68.30 6.91
C PRO D 141 12.40 -69.75 6.80
N GLY D 142 11.73 -70.64 7.53
CA GLY D 142 12.13 -72.03 7.58
C GLY D 142 12.62 -72.33 8.98
N ASP D 143 13.17 -71.30 9.62
CA ASP D 143 13.76 -71.47 10.95
C ASP D 143 12.67 -71.89 11.95
N GLU D 144 13.08 -72.68 12.94
CA GLU D 144 12.15 -73.18 13.94
C GLU D 144 12.49 -72.68 15.33
N ILE D 145 11.65 -71.77 15.84
CA ILE D 145 11.85 -71.15 17.15
C ILE D 145 11.18 -71.90 18.31
N ALA D 146 12.00 -72.46 19.19
CA ALA D 146 11.49 -73.32 20.27
C ALA D 146 11.70 -72.68 21.64
N VAL D 147 11.13 -73.29 22.68
CA VAL D 147 11.52 -72.97 24.04
C VAL D 147 12.60 -73.97 24.43
N ALA D 148 13.67 -73.50 25.09
CA ALA D 148 14.87 -74.30 25.39
C ALA D 148 14.60 -75.49 26.28
N GLU D 149 14.94 -76.70 25.80
CA GLU D 149 14.65 -77.97 26.48
C GLU D 149 14.64 -77.85 28.01
N LYS D 150 15.73 -77.32 28.56
CA LYS D 150 15.85 -77.16 30.01
C LYS D 150 15.31 -75.82 30.56
N SER D 151 14.49 -75.15 29.78
CA SER D 151 13.72 -74.00 30.27
C SER D 151 12.28 -74.46 30.32
N ARG D 152 12.01 -75.52 29.57
CA ARG D 152 10.65 -75.83 29.11
C ARG D 152 9.59 -75.94 30.19
N ASN D 153 9.92 -75.55 31.42
CA ASN D 153 8.91 -75.47 32.45
C ASN D 153 9.28 -74.56 33.61
N LEU D 154 9.29 -73.26 33.34
CA LEU D 154 9.26 -72.29 34.40
C LEU D 154 7.80 -71.90 34.62
N GLU D 155 7.48 -71.48 35.84
CA GLU D 155 6.14 -71.03 36.23
C GLU D 155 5.56 -70.09 35.17
N LEU D 156 6.45 -69.31 34.55
CA LEU D 156 6.08 -68.32 33.53
C LEU D 156 5.77 -68.91 32.16
N ILE D 157 6.65 -69.74 31.63
CA ILE D 157 6.46 -70.24 30.28
C ILE D 157 5.45 -71.36 30.24
N ARG D 158 5.28 -72.03 31.37
CA ARG D 158 4.21 -73.00 31.46
C ARG D 158 2.90 -72.26 31.31
N GLN D 159 2.65 -71.32 32.21
CA GLN D 159 1.39 -70.58 32.24
C GLN D 159 1.13 -69.80 30.97
N ASN D 160 2.20 -69.51 30.23
CA ASN D 160 2.15 -68.66 29.05
C ASN D 160 1.78 -69.44 27.81
N LEU D 161 2.20 -70.70 27.74
CA LEU D 161 1.80 -71.52 26.63
C LEU D 161 0.51 -72.22 26.98
N GLU D 162 0.10 -72.10 28.24
CA GLU D 162 -1.18 -72.66 28.66
C GLU D 162 -2.29 -71.85 27.99
N ALA D 163 -2.08 -70.55 27.91
CA ALA D 163 -3.03 -69.68 27.25
C ALA D 163 -2.98 -69.87 25.74
N MET D 164 -1.84 -70.35 25.25
CA MET D 164 -1.65 -70.51 23.82
C MET D 164 -2.37 -71.74 23.27
N LYS D 165 -2.93 -72.53 24.18
CA LYS D 165 -3.77 -73.67 23.83
C LYS D 165 -5.10 -73.11 23.40
N GLY D 166 -5.41 -73.21 22.12
CA GLY D 166 -6.69 -72.74 21.61
C GLY D 166 -6.75 -71.30 21.13
N ARG D 167 -5.62 -70.60 21.18
CA ARG D 167 -5.55 -69.26 20.61
C ARG D 167 -4.94 -69.40 19.23
N LYS D 168 -5.29 -68.50 18.32
CA LYS D 168 -4.77 -68.55 16.95
C LYS D 168 -3.50 -67.70 16.81
N VAL D 169 -2.56 -68.19 16.01
CA VAL D 169 -1.31 -67.51 15.73
C VAL D 169 -1.27 -67.12 14.27
N GLY D 170 -0.79 -65.91 14.00
CA GLY D 170 -0.65 -65.35 12.65
C GLY D 170 -0.49 -66.30 11.47
N PRO D 171 -0.98 -65.88 10.30
CA PRO D 171 -0.91 -66.72 9.10
C PRO D 171 0.50 -67.10 8.80
N TRP D 172 1.45 -66.19 9.03
CA TRP D 172 2.84 -66.41 8.66
C TRP D 172 3.68 -67.18 9.69
N LEU D 173 3.04 -67.61 10.77
CA LEU D 173 3.71 -68.43 11.77
C LEU D 173 2.86 -69.65 12.05
N SER D 174 3.49 -70.82 12.11
CA SER D 174 2.80 -71.95 12.71
C SER D 174 3.45 -72.15 14.06
N LEU D 175 2.66 -72.51 15.05
CA LEU D 175 3.20 -72.79 16.37
C LEU D 175 2.80 -74.20 16.81
N ASP D 176 3.65 -74.86 17.58
CA ASP D 176 3.25 -76.10 18.23
C ASP D 176 3.17 -75.88 19.73
N VAL D 177 1.98 -76.03 20.28
CA VAL D 177 1.78 -75.73 21.69
C VAL D 177 2.43 -76.77 22.61
N GLU D 178 2.56 -78.00 22.11
CA GLU D 178 3.06 -79.13 22.89
C GLU D 178 4.54 -79.04 23.16
N GLY D 179 5.32 -79.34 22.14
CA GLY D 179 6.77 -79.34 22.25
C GLY D 179 7.32 -77.93 22.30
N MET D 180 6.42 -76.96 22.28
CA MET D 180 6.77 -75.54 22.39
C MET D 180 7.67 -75.12 21.23
N LYS D 181 7.54 -75.83 20.12
CA LYS D 181 8.18 -75.47 18.87
C LYS D 181 7.35 -74.35 18.27
N GLY D 182 7.65 -74.00 17.03
CA GLY D 182 6.93 -72.94 16.36
C GLY D 182 7.75 -72.55 15.15
N LYS D 183 7.09 -72.17 14.07
CA LYS D 183 7.84 -71.90 12.86
C LYS D 183 7.55 -70.54 12.21
N PHE D 184 8.57 -69.99 11.56
CA PHE D 184 8.45 -68.78 10.75
C PHE D 184 8.30 -69.28 9.33
N LEU D 185 7.10 -69.13 8.78
CA LEU D 185 6.77 -69.72 7.49
C LEU D 185 7.08 -68.75 6.38
N ARG D 186 6.64 -67.50 6.55
CA ARG D 186 6.95 -66.49 5.56
C ARG D 186 7.01 -65.08 6.14
N LEU D 187 7.85 -64.23 5.57
CA LEU D 187 7.88 -62.82 5.92
C LEU D 187 6.47 -62.36 5.81
N PRO D 188 5.92 -61.85 6.92
CA PRO D 188 4.56 -61.36 6.99
C PRO D 188 4.33 -60.29 5.94
N ASP D 189 3.14 -60.32 5.35
CA ASP D 189 2.76 -59.36 4.35
C ASP D 189 2.10 -58.20 5.04
N ARG D 190 2.17 -57.02 4.43
CA ARG D 190 1.70 -55.79 5.05
C ARG D 190 0.29 -55.93 5.59
N GLU D 191 -0.55 -56.68 4.86
CA GLU D 191 -1.98 -56.77 5.17
C GLU D 191 -2.18 -57.58 6.43
N ASP D 192 -1.35 -58.61 6.57
CA ASP D 192 -1.30 -59.46 7.76
C ASP D 192 -1.20 -58.62 9.03
N LEU D 193 -0.25 -57.70 9.02
CA LEU D 193 -0.04 -56.80 10.15
C LEU D 193 -1.20 -55.81 10.24
N ALA D 194 -1.91 -55.86 11.36
CA ALA D 194 -2.97 -54.90 11.67
C ALA D 194 -2.43 -53.72 12.49
N LEU D 195 -1.27 -53.22 12.09
CA LEU D 195 -0.59 -52.16 12.83
C LEU D 195 -1.34 -50.83 12.82
N PRO D 196 -1.54 -50.26 14.02
CA PRO D 196 -2.17 -48.95 14.23
C PRO D 196 -1.33 -47.78 13.73
N VAL D 197 -0.66 -47.95 12.60
CA VAL D 197 0.29 -46.96 12.12
C VAL D 197 0.32 -46.93 10.61
N ASN D 198 0.33 -45.72 10.06
CA ASN D 198 0.49 -45.57 8.63
C ASN D 198 1.96 -45.60 8.23
N GLU D 199 2.51 -46.77 7.95
CA GLU D 199 3.95 -46.87 7.69
C GLU D 199 4.46 -45.91 6.59
N GLN D 200 3.55 -45.37 5.81
CA GLN D 200 3.93 -44.47 4.74
C GLN D 200 4.50 -43.20 5.31
N LEU D 201 3.69 -42.51 6.12
CA LEU D 201 4.12 -41.35 6.90
C LEU D 201 5.53 -41.47 7.44
N VAL D 202 5.83 -42.67 7.96
CA VAL D 202 7.14 -42.92 8.54
C VAL D 202 8.24 -42.68 7.51
N ILE D 203 8.01 -43.15 6.29
CA ILE D 203 8.94 -42.93 5.18
C ILE D 203 9.16 -41.44 4.88
N GLU D 204 8.10 -40.64 4.97
CA GLU D 204 8.22 -39.21 4.78
C GLU D 204 9.14 -38.61 5.83
N PHE D 205 9.00 -39.06 7.07
CA PHE D 205 9.80 -38.51 8.17
C PHE D 205 11.28 -38.65 7.95
N TYR D 206 11.69 -39.83 7.48
CA TYR D 206 13.11 -40.11 7.27
C TYR D 206 13.69 -39.50 5.98
N SER D 207 12.85 -38.86 5.19
CA SER D 207 13.34 -38.22 3.97
C SER D 207 13.23 -36.71 4.06
N ARG D 208 13.20 -36.18 5.28
CA ARG D 208 12.91 -34.78 5.54
C ARG D 208 13.74 -33.80 4.70
N ASP E 1 -16.62 -38.05 0.04
CA ASP E 1 -16.66 -36.99 -0.96
C ASP E 1 -15.27 -36.36 -1.19
N PHE E 2 -15.24 -35.02 -1.21
CA PHE E 2 -14.04 -34.22 -1.41
C PHE E 2 -13.29 -34.00 -0.10
N GLU E 3 -11.97 -34.16 -0.09
CA GLU E 3 -11.19 -33.75 1.07
C GLU E 3 -10.62 -32.37 0.82
N GLU E 4 -10.42 -31.61 1.89
CA GLU E 4 -9.82 -30.29 1.79
C GLU E 4 -8.58 -30.22 2.69
N LYS E 5 -7.54 -29.54 2.22
CA LYS E 5 -6.29 -29.48 2.99
C LYS E 5 -5.96 -28.09 3.53
N MET E 6 -6.09 -27.06 2.70
CA MET E 6 -5.66 -25.69 3.08
C MET E 6 -4.14 -25.56 3.17
N ILE E 7 -3.53 -25.19 2.06
CA ILE E 7 -2.08 -25.15 1.95
C ILE E 7 -1.49 -24.02 2.77
N LEU E 8 -2.15 -22.85 2.78
CA LEU E 8 -1.68 -21.70 3.57
C LEU E 8 -2.80 -20.76 4.00
N ILE E 9 -2.64 -20.10 5.15
CA ILE E 9 -3.44 -18.90 5.50
C ILE E 9 -2.55 -17.69 5.76
N ARG E 10 -2.97 -16.52 5.29
CA ARG E 10 -2.20 -15.31 5.55
C ARG E 10 -3.03 -14.12 6.03
N ARG E 11 -2.38 -13.12 6.63
CA ARG E 11 -3.07 -11.92 7.11
C ARG E 11 -2.53 -10.66 6.43
N THR E 12 -3.25 -10.18 5.44
CA THR E 12 -2.82 -9.00 4.68
C THR E 12 -3.28 -7.70 5.36
N ALA E 13 -2.74 -6.57 4.90
CA ALA E 13 -2.96 -5.28 5.56
C ALA E 13 -3.12 -4.09 4.58
N ARG E 14 -4.09 -3.25 4.86
CA ARG E 14 -4.45 -2.12 4.01
C ARG E 14 -4.29 -0.91 4.89
N MET E 15 -4.11 0.26 4.30
CA MET E 15 -3.92 1.44 5.14
C MET E 15 -5.13 2.34 5.17
N GLN E 16 -5.45 2.80 6.37
CA GLN E 16 -6.57 3.67 6.55
C GLN E 16 -5.95 4.85 7.22
N ALA E 17 -6.59 6.01 7.11
CA ALA E 17 -6.26 7.11 7.98
C ALA E 17 -6.37 6.53 9.39
N GLY E 18 -5.45 6.86 10.28
CA GLY E 18 -5.47 6.30 11.63
C GLY E 18 -5.77 4.80 11.75
N GLY E 19 -4.75 3.97 11.60
CA GLY E 19 -4.92 2.54 11.68
C GLY E 19 -4.79 1.81 10.35
N ARG E 20 -4.44 0.54 10.43
CA ARG E 20 -4.41 -0.32 9.26
C ARG E 20 -5.45 -1.42 9.36
N ARG E 21 -6.07 -1.73 8.24
CA ARG E 21 -7.20 -2.65 8.17
C ARG E 21 -6.84 -4.01 7.58
N PHE E 22 -7.29 -5.06 8.24
CA PHE E 22 -6.83 -6.39 7.91
C PHE E 22 -7.74 -7.22 6.99
N ARG E 23 -7.19 -8.30 6.47
CA ARG E 23 -7.98 -9.38 5.88
C ARG E 23 -7.13 -10.64 5.78
N PHE E 24 -7.77 -11.73 5.36
CA PHE E 24 -7.15 -13.03 5.42
C PHE E 24 -7.32 -13.74 4.09
N GLY E 25 -6.23 -14.34 3.63
CA GLY E 25 -6.27 -15.14 2.42
C GLY E 25 -6.14 -16.60 2.80
N ALA E 26 -6.72 -17.46 1.97
CA ALA E 26 -6.71 -18.88 2.23
C ALA E 26 -6.54 -19.61 0.91
N LEU E 27 -5.46 -20.35 0.80
CA LEU E 27 -5.26 -21.23 -0.34
C LEU E 27 -5.77 -22.59 0.08
N VAL E 28 -6.64 -23.19 -0.71
CA VAL E 28 -7.04 -24.55 -0.40
C VAL E 28 -7.19 -25.45 -1.61
N VAL E 29 -6.78 -26.71 -1.44
CA VAL E 29 -6.97 -27.72 -2.45
C VAL E 29 -8.14 -28.58 -2.06
N VAL E 30 -8.90 -29.06 -3.03
CA VAL E 30 -9.86 -30.12 -2.75
C VAL E 30 -9.59 -31.21 -3.75
N GLY E 31 -9.88 -32.44 -3.38
CA GLY E 31 -9.63 -33.58 -4.25
C GLY E 31 -10.45 -34.77 -3.85
N ASP E 32 -10.62 -35.73 -4.76
CA ASP E 32 -11.38 -36.93 -4.44
C ASP E 32 -10.43 -38.09 -4.20
N ARG E 33 -9.16 -37.84 -4.45
CA ARG E 33 -8.10 -38.85 -4.42
C ARG E 33 -8.22 -39.93 -5.50
N GLN E 34 -9.07 -39.72 -6.51
CA GLN E 34 -8.98 -40.53 -7.71
C GLN E 34 -9.08 -39.69 -8.97
N GLY E 35 -8.21 -38.68 -9.08
CA GLY E 35 -7.99 -37.96 -10.34
C GLY E 35 -8.56 -36.56 -10.51
N ARG E 36 -9.25 -36.05 -9.49
CA ARG E 36 -9.79 -34.70 -9.53
C ARG E 36 -9.28 -33.86 -8.37
N VAL E 37 -8.71 -32.70 -8.69
CA VAL E 37 -8.38 -31.69 -7.69
C VAL E 37 -8.71 -30.31 -8.19
N GLY E 38 -8.84 -29.40 -7.23
CA GLY E 38 -9.08 -27.99 -7.51
C GLY E 38 -8.41 -27.09 -6.50
N LEU E 39 -7.89 -25.96 -6.98
CA LEU E 39 -7.17 -25.02 -6.14
C LEU E 39 -7.99 -23.78 -5.94
N GLY E 40 -8.23 -23.41 -4.69
CA GLY E 40 -9.01 -22.23 -4.39
C GLY E 40 -8.33 -21.11 -3.61
N PHE E 41 -8.36 -19.89 -4.16
CA PHE E 41 -7.89 -18.74 -3.40
C PHE E 41 -8.99 -17.86 -2.86
N GLY E 42 -9.11 -17.87 -1.54
CA GLY E 42 -10.23 -17.25 -0.85
C GLY E 42 -9.81 -16.18 0.13
N LYS E 43 -10.11 -14.94 -0.24
CA LYS E 43 -9.78 -13.79 0.55
C LYS E 43 -11.09 -13.29 1.15
N ALA E 44 -11.02 -12.79 2.39
CA ALA E 44 -12.20 -12.30 3.13
C ALA E 44 -11.86 -11.83 4.56
N PRO E 45 -12.70 -10.93 5.10
CA PRO E 45 -12.71 -10.34 6.44
C PRO E 45 -12.33 -11.21 7.63
N GLU E 46 -12.90 -12.41 7.77
CA GLU E 46 -12.58 -13.23 8.93
C GLU E 46 -11.96 -14.53 8.45
N VAL E 47 -10.99 -15.07 9.19
CA VAL E 47 -10.31 -16.33 8.78
C VAL E 47 -11.22 -17.46 8.28
N PRO E 48 -12.14 -17.94 9.14
CA PRO E 48 -12.88 -19.15 8.79
C PRO E 48 -13.80 -18.89 7.62
N LEU E 49 -14.14 -17.63 7.44
CA LEU E 49 -14.95 -17.27 6.32
C LEU E 49 -14.14 -17.45 5.02
N ALA E 50 -12.87 -17.03 5.03
CA ALA E 50 -12.09 -17.04 3.81
C ALA E 50 -11.59 -18.44 3.52
N VAL E 51 -11.43 -19.24 4.56
CA VAL E 51 -11.16 -20.65 4.40
C VAL E 51 -12.33 -21.29 3.70
N GLN E 52 -13.53 -21.09 4.24
CA GLN E 52 -14.74 -21.62 3.62
C GLN E 52 -14.91 -21.16 2.18
N LYS E 53 -14.74 -19.86 1.94
CA LYS E 53 -14.94 -19.27 0.61
C LYS E 53 -13.96 -19.83 -0.39
N ALA E 54 -12.74 -20.08 0.10
CA ALA E 54 -11.69 -20.64 -0.72
C ALA E 54 -12.06 -22.03 -1.16
N GLY E 55 -12.62 -22.83 -0.26
CA GLY E 55 -13.11 -24.15 -0.57
C GLY E 55 -14.08 -24.12 -1.73
N TYR E 56 -15.04 -23.22 -1.67
CA TYR E 56 -16.05 -23.06 -2.71
C TYR E 56 -15.42 -22.71 -4.04
N TYR E 57 -14.52 -21.74 -4.04
CA TYR E 57 -13.88 -21.33 -5.28
C TYR E 57 -13.12 -22.49 -5.90
N ALA E 58 -12.58 -23.35 -5.03
CA ALA E 58 -11.76 -24.50 -5.44
C ALA E 58 -12.57 -25.60 -6.11
N ARG E 59 -13.88 -25.56 -5.98
CA ARG E 59 -14.71 -26.57 -6.62
C ARG E 59 -15.11 -26.16 -8.02
N ARG E 60 -14.83 -24.91 -8.36
CA ARG E 60 -14.74 -24.52 -9.75
C ARG E 60 -13.29 -24.78 -10.09
N ASN E 61 -12.95 -24.70 -11.37
CA ASN E 61 -11.59 -25.00 -11.85
C ASN E 61 -10.93 -26.27 -11.30
N MET E 62 -11.60 -27.39 -11.48
CA MET E 62 -11.02 -28.69 -11.20
C MET E 62 -10.06 -29.08 -12.32
N VAL E 63 -9.25 -30.08 -12.06
CA VAL E 63 -8.40 -30.62 -13.09
C VAL E 63 -8.62 -32.12 -13.05
N GLU E 64 -8.73 -32.73 -14.22
CA GLU E 64 -8.77 -34.18 -14.26
C GLU E 64 -7.33 -34.64 -14.44
N VAL E 65 -6.82 -35.38 -13.47
CA VAL E 65 -5.44 -35.87 -13.55
C VAL E 65 -5.41 -37.29 -14.09
N PRO E 66 -4.57 -37.55 -15.11
CA PRO E 66 -4.44 -38.89 -15.69
C PRO E 66 -3.52 -39.78 -14.87
N LEU E 67 -3.93 -40.27 -13.71
CA LEU E 67 -3.08 -41.16 -12.94
C LEU E 67 -2.84 -42.50 -13.64
N GLN E 68 -1.58 -42.81 -13.93
CA GLN E 68 -1.19 -44.09 -14.48
C GLN E 68 -0.46 -44.88 -13.44
N ASN E 69 -1.22 -45.53 -12.56
CA ASN E 69 -0.69 -46.31 -11.46
C ASN E 69 -0.08 -45.45 -10.35
N GLY E 70 -0.79 -44.40 -10.01
CA GLY E 70 -0.40 -43.57 -8.89
C GLY E 70 0.61 -42.53 -9.28
N THR E 71 0.71 -42.28 -10.58
CA THR E 71 1.74 -41.38 -11.05
C THR E 71 1.35 -40.59 -12.30
N ILE E 72 2.32 -40.19 -13.08
CA ILE E 72 2.10 -39.19 -14.09
C ILE E 72 2.40 -39.89 -15.40
N PRO E 73 1.72 -39.47 -16.47
CA PRO E 73 2.04 -39.99 -17.80
C PRO E 73 3.45 -39.62 -18.25
N HIS E 74 3.80 -38.35 -18.21
CA HIS E 74 5.16 -37.95 -18.58
C HIS E 74 5.80 -37.09 -17.53
N GLU E 75 6.52 -36.06 -17.96
CA GLU E 75 7.06 -35.09 -17.01
C GLU E 75 6.83 -33.77 -17.66
N ILE E 76 6.40 -32.81 -16.86
CA ILE E 76 6.47 -31.43 -17.31
C ILE E 76 7.21 -30.56 -16.33
N GLU E 77 7.69 -29.43 -16.82
CA GLU E 77 7.97 -28.31 -15.95
C GLU E 77 6.98 -27.29 -16.40
N VAL E 78 6.55 -26.48 -15.44
CA VAL E 78 5.73 -25.33 -15.71
C VAL E 78 6.35 -24.13 -15.05
N GLU E 79 6.38 -23.00 -15.74
CA GLU E 79 6.72 -21.78 -15.07
C GLU E 79 5.47 -20.98 -14.94
N PHE E 80 5.07 -20.73 -13.71
CA PHE E 80 4.01 -19.79 -13.47
C PHE E 80 4.63 -18.53 -12.89
N GLY E 81 4.66 -17.48 -13.67
CA GLY E 81 5.36 -16.28 -13.27
C GLY E 81 6.81 -16.57 -12.98
N ALA E 82 7.24 -16.33 -11.75
CA ALA E 82 8.65 -16.50 -11.52
C ALA E 82 8.89 -17.80 -10.80
N SER E 83 7.83 -18.57 -10.56
CA SER E 83 7.96 -19.90 -9.94
C SER E 83 8.05 -20.97 -10.99
N LYS E 84 8.60 -22.11 -10.61
CA LYS E 84 8.72 -23.23 -11.54
C LYS E 84 8.63 -24.56 -10.80
N ILE E 85 7.65 -25.36 -11.17
CA ILE E 85 7.51 -26.67 -10.56
C ILE E 85 8.00 -27.69 -11.58
N VAL E 86 8.60 -28.77 -11.11
CA VAL E 86 9.06 -29.83 -11.99
C VAL E 86 8.54 -31.16 -11.50
N LEU E 87 7.70 -31.79 -12.32
CA LEU E 87 7.08 -33.05 -11.99
C LEU E 87 7.76 -34.17 -12.74
N LYS E 88 8.07 -35.25 -12.06
CA LYS E 88 8.74 -36.37 -12.69
C LYS E 88 8.09 -37.64 -12.16
N PRO E 89 7.71 -38.56 -13.04
CA PRO E 89 6.94 -39.73 -12.60
C PRO E 89 7.83 -40.76 -11.90
N ALA E 90 7.24 -41.62 -11.08
CA ALA E 90 8.07 -42.61 -10.39
C ALA E 90 7.37 -43.96 -10.24
N ALA E 91 8.16 -45.02 -10.08
CA ALA E 91 7.60 -46.34 -9.92
C ALA E 91 7.21 -46.57 -8.47
N PRO E 92 6.16 -47.39 -8.25
CA PRO E 92 5.60 -47.77 -6.95
C PRO E 92 6.58 -47.92 -5.82
N GLY E 93 6.22 -47.37 -4.67
CA GLY E 93 7.08 -47.37 -3.52
C GLY E 93 7.71 -46.01 -3.31
N THR E 94 7.96 -45.31 -4.41
CA THR E 94 8.70 -44.05 -4.36
C THR E 94 8.06 -43.01 -3.42
N GLY E 95 6.73 -43.00 -3.39
CA GLY E 95 5.98 -42.07 -2.57
C GLY E 95 6.00 -40.67 -3.16
N VAL E 96 5.26 -39.76 -2.54
CA VAL E 96 5.29 -38.40 -3.05
C VAL E 96 6.50 -37.68 -2.48
N ILE E 97 7.56 -37.56 -3.28
CA ILE E 97 8.72 -36.81 -2.84
C ILE E 97 8.63 -35.38 -3.34
N ALA E 98 8.04 -34.51 -2.51
CA ALA E 98 7.63 -33.22 -3.00
C ALA E 98 7.57 -32.21 -1.87
N GLY E 99 7.48 -30.93 -2.26
CA GLY E 99 7.34 -29.85 -1.29
C GLY E 99 6.11 -30.01 -0.42
N ALA E 100 5.76 -28.98 0.34
CA ALA E 100 4.56 -29.09 1.15
C ALA E 100 3.34 -28.70 0.32
N VAL E 101 3.51 -27.61 -0.43
CA VAL E 101 2.46 -27.10 -1.29
C VAL E 101 2.10 -28.10 -2.37
N PRO E 102 3.09 -28.57 -3.14
CA PRO E 102 2.63 -29.49 -4.17
C PRO E 102 2.28 -30.88 -3.64
N ARG E 103 2.77 -31.27 -2.47
CA ARG E 103 2.30 -32.53 -1.90
C ARG E 103 0.79 -32.50 -1.68
N ALA E 104 0.32 -31.48 -0.97
CA ALA E 104 -1.12 -31.26 -0.75
C ALA E 104 -1.93 -31.43 -2.03
N ILE E 105 -1.52 -30.74 -3.08
CA ILE E 105 -2.21 -30.80 -4.37
C ILE E 105 -2.13 -32.20 -4.96
N LEU E 106 -0.92 -32.66 -5.19
CA LEU E 106 -0.71 -33.98 -5.78
C LEU E 106 -1.44 -35.09 -5.03
N GLU E 107 -1.35 -35.10 -3.70
CA GLU E 107 -1.96 -36.16 -2.90
C GLU E 107 -3.45 -36.26 -3.09
N LEU E 108 -4.13 -35.13 -3.14
CA LEU E 108 -5.57 -35.15 -3.25
C LEU E 108 -6.05 -35.53 -4.64
N ALA E 109 -5.16 -35.48 -5.63
CA ALA E 109 -5.54 -35.93 -6.96
C ALA E 109 -5.41 -37.45 -7.03
N GLY E 110 -4.58 -38.02 -6.16
CA GLY E 110 -4.38 -39.46 -6.16
C GLY E 110 -2.96 -39.87 -6.50
N VAL E 111 -2.17 -38.98 -7.04
CA VAL E 111 -0.75 -39.26 -7.24
C VAL E 111 -0.15 -39.82 -5.94
N THR E 112 0.44 -41.00 -6.03
CA THR E 112 0.99 -41.62 -4.84
C THR E 112 2.47 -42.00 -4.99
N ASP E 113 3.01 -41.73 -6.17
CA ASP E 113 4.45 -41.85 -6.42
C ASP E 113 4.87 -40.83 -7.44
N ILE E 114 5.67 -39.85 -6.99
CA ILE E 114 6.12 -38.78 -7.86
C ILE E 114 7.42 -38.14 -7.36
N LEU E 115 8.22 -37.64 -8.30
CA LEU E 115 9.38 -36.79 -8.03
C LEU E 115 9.05 -35.37 -8.42
N THR E 116 9.65 -34.42 -7.72
CA THR E 116 9.17 -33.04 -7.75
C THR E 116 10.30 -32.08 -7.44
N LYS E 117 10.34 -30.94 -8.11
CA LYS E 117 11.31 -29.93 -7.67
C LYS E 117 10.77 -28.52 -7.77
N GLU E 118 10.86 -27.75 -6.70
CA GLU E 118 10.48 -26.36 -6.80
C GLU E 118 11.69 -25.55 -7.21
N LEU E 119 11.52 -24.77 -8.27
CA LEU E 119 12.60 -23.96 -8.81
C LEU E 119 12.13 -22.52 -9.00
N GLY E 120 13.07 -21.60 -9.13
CA GLY E 120 12.69 -20.20 -9.24
C GLY E 120 12.16 -19.77 -7.89
N SER E 121 11.36 -18.70 -7.84
CA SER E 121 10.81 -18.23 -6.57
C SER E 121 10.00 -19.33 -5.90
N ARG E 122 9.70 -19.18 -4.62
CA ARG E 122 9.04 -20.26 -3.92
C ARG E 122 7.69 -19.88 -3.36
N ASN E 123 7.20 -18.74 -3.81
CA ASN E 123 5.93 -18.24 -3.34
C ASN E 123 4.86 -19.32 -3.47
N PRO E 124 4.37 -19.82 -2.34
CA PRO E 124 3.45 -20.94 -2.37
C PRO E 124 2.24 -20.71 -3.24
N ILE E 125 1.72 -19.48 -3.26
CA ILE E 125 0.55 -19.17 -4.06
C ILE E 125 0.87 -19.48 -5.49
N ASN E 126 2.00 -18.96 -5.98
CA ASN E 126 2.39 -19.24 -7.35
C ASN E 126 2.84 -20.68 -7.59
N ILE E 127 3.54 -21.27 -6.64
CA ILE E 127 3.94 -22.67 -6.83
C ILE E 127 2.74 -23.56 -7.00
N ALA E 128 1.69 -23.30 -6.21
CA ALA E 128 0.45 -24.07 -6.30
C ALA E 128 -0.17 -23.86 -7.65
N TYR E 129 -0.43 -22.61 -7.99
CA TYR E 129 -0.92 -22.25 -9.33
C TYR E 129 -0.18 -22.93 -10.46
N ALA E 130 1.13 -23.11 -10.31
CA ALA E 130 1.96 -23.81 -11.30
C ALA E 130 1.80 -25.33 -11.25
N THR E 131 1.83 -25.90 -10.05
CA THR E 131 1.58 -27.33 -9.89
C THR E 131 0.30 -27.65 -10.63
N MET E 132 -0.72 -26.82 -10.42
CA MET E 132 -2.00 -27.05 -11.08
C MET E 132 -1.86 -26.93 -12.58
N GLU E 133 -1.17 -25.92 -13.07
CA GLU E 133 -1.05 -25.80 -14.51
C GLU E 133 -0.27 -26.97 -15.05
N ALA E 134 0.60 -27.54 -14.24
CA ALA E 134 1.27 -28.76 -14.64
C ALA E 134 0.26 -29.90 -14.83
N LEU E 135 -0.42 -30.30 -13.76
CA LEU E 135 -1.46 -31.29 -13.88
C LEU E 135 -2.44 -31.03 -15.03
N ARG E 136 -2.70 -29.77 -15.30
CA ARG E 136 -3.62 -29.42 -16.34
C ARG E 136 -3.03 -29.80 -17.70
N GLN E 137 -1.72 -29.92 -17.77
CA GLN E 137 -1.10 -30.08 -19.07
C GLN E 137 -0.71 -31.51 -19.42
N LEU E 138 -0.88 -32.39 -18.47
CA LEU E 138 -0.53 -33.78 -18.68
C LEU E 138 -1.42 -34.34 -19.75
N ARG E 139 -0.81 -34.89 -20.80
CA ARG E 139 -1.52 -35.61 -21.84
C ARG E 139 -1.23 -37.07 -21.58
N THR E 140 -1.95 -37.98 -22.22
CA THR E 140 -1.62 -39.40 -22.15
C THR E 140 -1.53 -39.96 -23.53
N LYS E 141 -0.95 -41.16 -23.63
CA LYS E 141 -0.62 -41.77 -24.91
C LYS E 141 -1.84 -41.75 -25.78
N ALA E 142 -2.98 -41.88 -25.13
CA ALA E 142 -4.26 -41.92 -25.82
C ALA E 142 -4.71 -40.58 -26.38
N ASP E 143 -4.39 -39.50 -25.67
CA ASP E 143 -4.86 -38.19 -26.10
C ASP E 143 -3.95 -37.75 -27.21
N VAL E 144 -2.70 -38.15 -27.07
CA VAL E 144 -1.68 -37.79 -28.05
C VAL E 144 -1.98 -38.53 -29.34
N GLU E 145 -2.51 -39.75 -29.21
CA GLU E 145 -2.87 -40.50 -30.40
C GLU E 145 -3.96 -39.76 -31.13
N ARG E 146 -4.93 -39.23 -30.40
CA ARG E 146 -6.04 -38.52 -31.01
C ARG E 146 -5.58 -37.27 -31.72
N LEU E 147 -4.55 -36.66 -31.17
CA LEU E 147 -4.09 -35.39 -31.70
C LEU E 147 -3.39 -35.56 -33.03
N ARG E 148 -2.38 -36.44 -33.06
CA ARG E 148 -1.60 -36.72 -34.27
C ARG E 148 -2.44 -37.32 -35.40
N LYS E 149 -3.28 -38.30 -35.09
CA LYS E 149 -4.20 -38.99 -36.03
C LYS E 149 -4.83 -38.15 -37.16
N GLY E 150 -4.85 -38.72 -38.37
CA GLY E 150 -5.41 -38.03 -39.53
C GLY E 150 -6.41 -38.86 -40.33
N MET F 1 33.86 21.61 -65.84
CA MET F 1 32.96 22.74 -66.08
C MET F 1 31.55 22.47 -65.55
N ARG F 2 31.00 23.47 -64.87
CA ARG F 2 29.66 23.38 -64.30
C ARG F 2 28.93 24.68 -64.59
N ARG F 3 27.60 24.68 -64.49
CA ARG F 3 26.83 25.88 -64.82
C ARG F 3 26.42 26.72 -63.60
N TYR F 4 27.07 27.87 -63.46
CA TYR F 4 26.81 28.76 -62.35
C TYR F 4 25.94 29.95 -62.75
N GLU F 5 25.40 30.64 -61.75
CA GLU F 5 24.70 31.90 -61.96
C GLU F 5 25.39 32.97 -61.11
N VAL F 6 26.06 33.90 -61.78
CA VAL F 6 26.85 34.94 -61.13
C VAL F 6 26.02 36.20 -60.92
N ASN F 7 25.67 36.51 -59.66
CA ASN F 7 24.91 37.71 -59.35
C ASN F 7 25.81 38.83 -58.94
N ILE F 8 25.69 39.97 -59.60
CA ILE F 8 26.48 41.14 -59.27
C ILE F 8 25.63 42.38 -59.02
N VAL F 9 25.68 42.88 -57.80
CA VAL F 9 24.96 44.09 -57.46
C VAL F 9 25.91 45.30 -57.52
N LEU F 10 25.57 46.26 -58.38
CA LEU F 10 26.45 47.39 -58.66
C LEU F 10 26.00 48.65 -57.96
N ASN F 11 26.93 49.57 -57.79
CA ASN F 11 26.65 50.90 -57.31
C ASN F 11 25.63 51.57 -58.23
N PRO F 12 24.47 51.95 -57.68
CA PRO F 12 23.42 52.51 -58.56
C PRO F 12 23.69 53.93 -59.01
N ASN F 13 24.77 54.54 -58.51
CA ASN F 13 24.97 55.97 -58.68
C ASN F 13 25.74 56.42 -59.92
N LEU F 14 26.36 55.49 -60.62
CA LEU F 14 27.30 55.83 -61.68
C LEU F 14 26.69 56.14 -63.05
N ASP F 15 27.04 57.31 -63.59
CA ASP F 15 26.62 57.68 -64.95
C ASP F 15 27.13 56.69 -65.98
N GLN F 16 26.72 56.89 -67.23
CA GLN F 16 26.98 55.93 -68.30
C GLN F 16 28.45 55.50 -68.43
N SER F 17 29.35 56.47 -68.47
CA SER F 17 30.78 56.21 -68.67
C SER F 17 31.32 55.23 -67.64
N GLN F 18 31.13 55.57 -66.37
CA GLN F 18 31.62 54.77 -65.23
C GLN F 18 31.01 53.36 -65.18
N LEU F 19 29.74 53.24 -65.59
CA LEU F 19 29.02 51.96 -65.53
C LEU F 19 29.60 50.89 -66.44
N ALA F 20 29.58 51.14 -67.74
CA ALA F 20 30.08 50.18 -68.70
C ALA F 20 31.60 50.04 -68.59
N LEU F 21 32.21 50.85 -67.72
CA LEU F 21 33.60 50.61 -67.33
C LEU F 21 33.67 49.35 -66.49
N GLU F 22 32.77 49.24 -65.51
CA GLU F 22 32.75 48.10 -64.59
C GLU F 22 32.41 46.82 -65.30
N LYS F 23 31.43 46.91 -66.20
CA LYS F 23 30.99 45.78 -67.00
C LYS F 23 32.15 45.18 -67.77
N GLU F 24 32.97 46.05 -68.35
CA GLU F 24 34.15 45.63 -69.09
C GLU F 24 35.07 44.80 -68.22
N ILE F 25 35.28 45.24 -66.98
CA ILE F 25 36.13 44.49 -66.04
C ILE F 25 35.46 43.20 -65.59
N ILE F 26 34.15 43.25 -65.43
CA ILE F 26 33.36 42.07 -65.08
C ILE F 26 33.54 40.96 -66.13
N GLN F 27 33.30 41.32 -67.39
CA GLN F 27 33.41 40.35 -68.47
C GLN F 27 34.85 39.94 -68.73
N ARG F 28 35.79 40.87 -68.54
CA ARG F 28 37.21 40.55 -68.67
C ARG F 28 37.55 39.47 -67.67
N ALA F 29 37.31 39.75 -66.40
CA ALA F 29 37.63 38.83 -65.32
C ALA F 29 37.06 37.44 -65.57
N LEU F 30 35.90 37.39 -66.24
CA LEU F 30 35.34 36.13 -66.70
C LEU F 30 36.24 35.44 -67.75
N GLU F 31 36.60 36.17 -68.80
CA GLU F 31 37.47 35.64 -69.85
C GLU F 31 38.78 35.06 -69.27
N ASN F 32 39.34 35.76 -68.30
CA ASN F 32 40.60 35.36 -67.66
C ASN F 32 40.45 34.12 -66.80
N TYR F 33 39.25 33.93 -66.27
CA TYR F 33 38.99 32.83 -65.34
C TYR F 33 38.30 31.62 -65.97
N GLY F 34 38.16 31.65 -67.30
CA GLY F 34 37.65 30.51 -68.04
C GLY F 34 36.14 30.40 -67.98
N ALA F 35 35.48 31.55 -67.93
CA ALA F 35 34.04 31.59 -67.85
C ALA F 35 33.40 31.78 -69.23
N ARG F 36 33.13 30.67 -69.90
CA ARG F 36 32.32 30.69 -71.11
C ARG F 36 30.93 31.21 -70.73
N VAL F 37 30.50 32.29 -71.37
CA VAL F 37 29.28 32.95 -70.95
C VAL F 37 28.09 32.56 -71.81
N GLU F 38 27.17 31.76 -71.26
CA GLU F 38 25.89 31.53 -71.91
C GLU F 38 25.01 32.78 -71.75
N LYS F 39 23.71 32.59 -71.57
CA LYS F 39 22.78 33.74 -71.49
C LYS F 39 23.07 34.75 -70.36
N VAL F 40 22.58 35.98 -70.54
CA VAL F 40 22.91 37.09 -69.63
C VAL F 40 21.86 38.22 -69.62
N GLU F 41 21.32 38.52 -68.44
CA GLU F 41 20.39 39.63 -68.31
C GLU F 41 20.77 40.67 -67.27
N GLU F 42 20.92 41.89 -67.75
CA GLU F 42 21.15 43.07 -66.94
C GLU F 42 19.77 43.61 -66.61
N LEU F 43 19.31 43.33 -65.40
CA LEU F 43 17.95 43.64 -64.98
C LEU F 43 17.80 45.08 -64.47
N GLY F 44 18.80 45.91 -64.75
CA GLY F 44 18.76 47.31 -64.38
C GLY F 44 18.97 47.52 -62.89
N LEU F 45 18.29 48.52 -62.33
CA LEU F 45 18.40 48.76 -60.91
C LEU F 45 17.05 48.53 -60.23
N ARG F 46 17.09 48.10 -58.98
CA ARG F 46 15.86 47.87 -58.21
C ARG F 46 15.96 48.43 -56.80
N ARG F 47 14.83 48.69 -56.18
CA ARG F 47 14.81 49.23 -54.83
C ARG F 47 15.14 48.12 -53.86
N LEU F 48 16.14 48.32 -53.02
CA LEU F 48 16.58 47.30 -52.06
C LEU F 48 15.73 47.28 -50.81
N ALA F 49 15.61 46.11 -50.20
CA ALA F 49 14.80 45.91 -49.00
C ALA F 49 15.38 46.60 -47.77
N TYR F 50 16.71 46.63 -47.72
CA TYR F 50 17.46 47.39 -46.74
C TYR F 50 18.58 48.06 -47.51
N PRO F 51 19.22 49.10 -46.93
CA PRO F 51 20.31 49.77 -47.66
C PRO F 51 21.60 48.95 -47.74
N ILE F 52 22.25 48.98 -48.90
CA ILE F 52 23.56 48.36 -49.06
C ILE F 52 24.58 49.42 -49.40
N ALA F 53 25.49 49.66 -48.45
CA ALA F 53 26.44 50.75 -48.55
C ALA F 53 25.67 52.05 -48.71
N LYS F 54 24.83 52.34 -47.71
CA LYS F 54 24.12 53.62 -47.61
C LYS F 54 23.14 53.94 -48.74
N ASP F 55 23.25 53.23 -49.86
CA ASP F 55 22.30 53.37 -50.96
C ASP F 55 21.06 52.55 -50.67
N PRO F 56 19.87 53.10 -50.98
CA PRO F 56 18.58 52.41 -50.87
C PRO F 56 18.23 51.73 -52.19
N GLN F 57 19.14 51.87 -53.16
CA GLN F 57 19.01 51.25 -54.46
C GLN F 57 20.27 50.46 -54.84
N GLY F 58 20.14 49.60 -55.85
CA GLY F 58 21.26 48.80 -56.33
C GLY F 58 21.10 48.41 -57.78
N TYR F 59 22.20 48.47 -58.54
CA TYR F 59 22.15 48.12 -59.94
C TYR F 59 22.48 46.66 -60.15
N PHE F 60 21.62 45.97 -60.89
CA PHE F 60 21.67 44.52 -60.93
C PHE F 60 22.20 43.90 -62.21
N LEU F 61 22.70 42.68 -62.08
CA LEU F 61 23.38 41.97 -63.14
C LEU F 61 23.25 40.48 -62.90
N TRP F 62 23.20 39.70 -63.98
CA TRP F 62 23.04 38.28 -63.83
C TRP F 62 23.66 37.57 -65.01
N TYR F 63 24.60 36.70 -64.71
CA TYR F 63 25.33 35.99 -65.74
C TYR F 63 25.13 34.51 -65.51
N GLN F 64 24.59 33.82 -66.51
CA GLN F 64 24.60 32.36 -66.49
C GLN F 64 25.86 31.94 -67.19
N VAL F 65 26.68 31.13 -66.53
CA VAL F 65 27.95 30.75 -67.11
C VAL F 65 28.20 29.23 -67.18
N GLU F 66 29.36 28.88 -67.68
CA GLU F 66 29.86 27.53 -67.57
C GLU F 66 31.36 27.75 -67.43
N MET F 67 31.93 27.26 -66.35
CA MET F 67 33.31 27.60 -66.01
C MET F 67 33.90 26.54 -65.10
N PRO F 68 35.25 26.47 -65.03
CA PRO F 68 35.86 25.38 -64.26
C PRO F 68 35.70 25.57 -62.76
N GLU F 69 35.11 24.58 -62.11
CA GLU F 69 34.83 24.56 -60.68
C GLU F 69 36.01 25.04 -59.84
N ASP F 70 37.20 24.54 -60.15
CA ASP F 70 38.41 24.86 -59.42
C ASP F 70 38.79 26.32 -59.48
N ARG F 71 38.08 27.09 -60.30
CA ARG F 71 38.42 28.48 -60.54
C ARG F 71 37.28 29.44 -60.15
N VAL F 72 36.33 28.96 -59.36
CA VAL F 72 35.13 29.77 -59.06
C VAL F 72 35.30 30.73 -57.89
N ASN F 73 35.83 30.23 -56.79
CA ASN F 73 36.08 31.09 -55.64
C ASN F 73 37.10 32.19 -55.95
N ASP F 74 38.10 31.87 -56.75
CA ASP F 74 39.08 32.88 -57.14
C ASP F 74 38.51 33.85 -58.16
N LEU F 75 37.47 33.43 -58.87
CA LEU F 75 36.77 34.28 -59.82
C LEU F 75 35.81 35.20 -59.07
N ALA F 76 35.24 34.68 -57.99
CA ALA F 76 34.31 35.45 -57.20
C ALA F 76 35.09 36.50 -56.43
N ARG F 77 36.34 36.20 -56.08
CA ARG F 77 37.17 37.15 -55.35
C ARG F 77 37.46 38.34 -56.24
N GLU F 78 37.86 38.05 -57.45
CA GLU F 78 38.27 39.06 -58.40
C GLU F 78 37.13 39.98 -58.76
N LEU F 79 35.92 39.43 -58.77
CA LEU F 79 34.75 40.24 -59.08
C LEU F 79 34.44 41.21 -57.95
N ARG F 80 34.78 40.81 -56.72
CA ARG F 80 34.47 41.59 -55.53
C ARG F 80 35.51 42.66 -55.21
N ILE F 81 36.70 42.48 -55.79
CA ILE F 81 37.89 43.32 -55.55
C ILE F 81 37.64 44.82 -55.79
N ARG F 82 36.56 45.13 -56.49
CA ARG F 82 36.25 46.50 -56.89
C ARG F 82 35.30 47.22 -55.92
N ASP F 83 35.20 48.53 -56.08
CA ASP F 83 34.41 49.35 -55.16
C ASP F 83 32.93 49.32 -55.50
N ASN F 84 32.61 49.74 -56.72
CA ASN F 84 31.22 49.86 -57.17
C ASN F 84 30.52 48.52 -57.32
N VAL F 85 31.25 47.45 -57.02
CA VAL F 85 30.72 46.11 -56.93
C VAL F 85 30.35 45.82 -55.47
N ARG F 86 29.05 45.89 -55.18
CA ARG F 86 28.53 45.77 -53.82
C ARG F 86 28.31 44.33 -53.34
N ARG F 87 27.57 43.55 -54.12
CA ARG F 87 27.40 42.14 -53.83
C ARG F 87 27.81 41.30 -55.01
N VAL F 88 28.42 40.16 -54.71
CA VAL F 88 28.58 39.15 -55.71
C VAL F 88 28.02 37.85 -55.17
N MET F 89 27.09 37.24 -55.90
CA MET F 89 26.54 35.97 -55.46
C MET F 89 26.61 34.95 -56.58
N VAL F 90 27.60 34.07 -56.51
CA VAL F 90 27.76 33.01 -57.49
C VAL F 90 27.09 31.74 -57.00
N VAL F 91 25.94 31.42 -57.57
CA VAL F 91 25.24 30.19 -57.23
C VAL F 91 25.47 29.19 -58.35
N LYS F 92 25.45 27.89 -58.03
CA LYS F 92 25.46 26.89 -59.08
C LYS F 92 24.04 26.65 -59.53
N SER F 93 23.84 26.38 -60.82
CA SER F 93 22.50 26.31 -61.40
C SER F 93 21.72 25.09 -60.94
N GLN F 94 20.39 25.16 -61.02
CA GLN F 94 19.55 24.02 -60.70
C GLN F 94 18.34 23.93 -61.63
N GLU F 95 17.79 22.72 -61.75
CA GLU F 95 16.51 22.50 -62.39
C GLU F 95 15.48 23.26 -61.60
N PRO F 96 14.63 24.03 -62.28
CA PRO F 96 13.65 24.83 -61.55
C PRO F 96 12.52 23.99 -60.98
N PHE F 97 12.63 23.63 -59.70
CA PHE F 97 11.58 22.92 -58.96
C PHE F 97 10.30 23.76 -58.89
N LEU F 98 9.39 23.52 -59.84
CA LEU F 98 8.12 24.23 -59.88
C LEU F 98 7.29 23.83 -58.67
N ALA F 99 6.23 24.57 -58.42
CA ALA F 99 5.32 24.23 -57.33
C ALA F 99 3.96 24.80 -57.59
N ASN F 100 2.92 24.01 -57.27
CA ASN F 100 1.55 24.49 -57.37
C ASN F 100 1.22 25.04 -58.76
N ALA F 101 1.84 24.46 -59.79
CA ALA F 101 1.74 24.99 -61.16
C ALA F 101 0.71 24.27 -62.03
N ALA G 1 -19.43 34.69 3.94
CA ALA G 1 -20.10 34.32 2.70
C ALA G 1 -19.28 33.38 1.81
N ARG G 2 -19.25 32.11 2.14
CA ARG G 2 -18.58 31.21 1.23
C ARG G 2 -19.52 30.63 0.18
N ARG G 3 -20.74 30.31 0.59
CA ARG G 3 -21.71 29.77 -0.35
C ARG G 3 -22.40 30.86 -1.18
N ARG G 4 -23.42 31.49 -0.59
CA ARG G 4 -24.28 32.47 -1.27
C ARG G 4 -23.82 33.90 -1.09
N ARG G 5 -24.09 34.74 -2.08
CA ARG G 5 -23.67 36.13 -2.10
C ARG G 5 -24.22 36.95 -0.92
N ALA G 6 -25.17 36.39 -0.17
CA ALA G 6 -25.75 37.02 1.05
C ALA G 6 -26.42 38.37 0.84
N GLU G 7 -27.75 38.40 0.90
CA GLU G 7 -28.49 39.61 0.62
C GLU G 7 -28.58 40.57 1.81
N VAL G 8 -28.96 41.81 1.53
CA VAL G 8 -29.13 42.83 2.55
C VAL G 8 -30.52 42.74 3.16
N ARG G 9 -30.64 43.03 4.46
CA ARG G 9 -31.94 43.03 5.12
C ARG G 9 -32.69 44.36 4.92
N GLN G 10 -34.01 44.27 4.89
CA GLN G 10 -34.81 45.43 4.54
C GLN G 10 -35.41 46.09 5.76
N LEU G 11 -34.69 47.04 6.33
CA LEU G 11 -35.21 47.79 7.48
C LEU G 11 -36.53 48.50 7.15
N GLN G 12 -37.53 48.34 8.01
CA GLN G 12 -38.82 48.99 7.79
C GLN G 12 -38.65 50.48 7.96
N PRO G 13 -39.34 51.26 7.12
CA PRO G 13 -39.19 52.73 7.07
C PRO G 13 -39.45 53.45 8.39
N ASP G 14 -38.97 54.68 8.46
CA ASP G 14 -39.11 55.49 9.64
C ASP G 14 -40.58 55.67 10.00
N LEU G 15 -40.84 55.98 11.26
CA LEU G 15 -42.20 56.21 11.75
C LEU G 15 -42.61 57.68 11.60
N VAL G 16 -41.65 58.51 11.21
CA VAL G 16 -41.84 59.95 11.26
C VAL G 16 -41.37 60.64 9.98
N TYR G 17 -40.53 59.95 9.20
CA TYR G 17 -40.14 60.46 7.90
C TYR G 17 -40.40 59.37 6.86
N GLY G 18 -40.86 58.22 7.33
CA GLY G 18 -41.21 57.10 6.48
C GLY G 18 -40.05 56.68 5.60
N ASP G 19 -38.85 56.82 6.13
CA ASP G 19 -37.65 56.60 5.35
C ASP G 19 -36.83 55.43 5.87
N VAL G 20 -36.03 54.84 4.99
CA VAL G 20 -35.17 53.71 5.32
C VAL G 20 -33.81 54.13 5.86
N LEU G 21 -33.25 55.19 5.28
CA LEU G 21 -31.99 55.72 5.74
C LEU G 21 -32.09 56.13 7.20
N VAL G 22 -33.19 56.77 7.55
CA VAL G 22 -33.36 57.25 8.91
C VAL G 22 -33.48 56.10 9.91
N THR G 23 -34.03 54.96 9.49
CA THR G 23 -33.97 53.81 10.38
C THR G 23 -32.52 53.39 10.51
N ALA G 24 -31.84 53.28 9.38
CA ALA G 24 -30.44 52.89 9.35
C ALA G 24 -29.61 53.74 10.33
N PHE G 25 -29.71 55.06 10.19
CA PHE G 25 -29.00 55.96 11.09
C PHE G 25 -29.40 55.63 12.52
N ILE G 26 -30.69 55.53 12.78
CA ILE G 26 -31.16 55.32 14.13
C ILE G 26 -30.58 54.02 14.68
N ASN G 27 -30.44 53.03 13.82
CA ASN G 27 -29.85 51.77 14.23
C ASN G 27 -28.39 51.89 14.62
N LYS G 28 -27.63 52.71 13.89
CA LYS G 28 -26.20 52.90 14.19
C LYS G 28 -25.99 53.73 15.44
N ILE G 29 -26.93 54.64 15.70
CA ILE G 29 -26.94 55.46 16.91
C ILE G 29 -27.25 54.62 18.14
N MET G 30 -28.11 53.62 17.99
CA MET G 30 -28.52 52.73 19.07
C MET G 30 -27.40 51.86 19.62
N ARG G 31 -27.37 51.68 20.93
CA ARG G 31 -26.44 50.73 21.53
C ARG G 31 -27.20 49.88 22.54
N ASP G 32 -26.72 48.66 22.77
CA ASP G 32 -27.25 47.75 23.79
C ASP G 32 -28.73 47.46 23.62
N GLY G 33 -29.21 47.57 22.39
CA GLY G 33 -30.60 47.24 22.12
C GLY G 33 -31.62 48.29 22.47
N LYS G 34 -31.15 49.42 23.01
CA LYS G 34 -32.03 50.52 23.39
C LYS G 34 -32.44 51.35 22.18
N LYS G 35 -33.29 50.77 21.33
CA LYS G 35 -33.78 51.46 20.14
C LYS G 35 -34.73 52.60 20.46
N ASN G 36 -35.38 52.54 21.63
CA ASN G 36 -36.32 53.61 21.93
C ASN G 36 -35.57 54.93 22.08
N LEU G 37 -34.51 54.94 22.87
CA LEU G 37 -33.83 56.22 23.07
C LEU G 37 -32.76 56.48 22.04
N ALA G 38 -32.75 55.69 20.98
CA ALA G 38 -31.91 56.03 19.84
C ALA G 38 -32.75 56.88 18.94
N ALA G 39 -34.04 56.56 18.88
CA ALA G 39 -34.97 57.32 18.07
C ALA G 39 -35.29 58.59 18.81
N ARG G 40 -35.38 58.46 20.13
CA ARG G 40 -35.61 59.58 21.03
C ARG G 40 -34.45 60.57 20.91
N ILE G 41 -33.33 60.10 20.36
CA ILE G 41 -32.24 61.00 20.07
C ILE G 41 -32.37 61.59 18.69
N PHE G 42 -32.44 60.75 17.66
CA PHE G 42 -32.44 61.26 16.30
C PHE G 42 -33.51 62.33 16.08
N TYR G 43 -34.64 62.18 16.75
CA TYR G 43 -35.74 63.10 16.59
C TYR G 43 -35.54 64.37 17.37
N ASP G 44 -35.06 64.23 18.59
CA ASP G 44 -34.64 65.39 19.35
C ASP G 44 -33.61 66.18 18.55
N ALA G 45 -32.78 65.45 17.81
CA ALA G 45 -31.79 66.07 16.96
C ALA G 45 -32.49 66.81 15.83
N CYS G 46 -33.59 66.25 15.35
CA CYS G 46 -34.29 66.85 14.25
C CYS G 46 -34.97 68.18 14.60
N LYS G 47 -35.53 68.29 15.81
CA LYS G 47 -36.09 69.56 16.29
C LYS G 47 -35.02 70.65 16.26
N ILE G 48 -33.81 70.27 16.67
CA ILE G 48 -32.65 71.13 16.72
C ILE G 48 -32.13 71.54 15.33
N ILE G 49 -32.26 70.67 14.34
CA ILE G 49 -31.85 71.02 12.98
C ILE G 49 -32.70 72.14 12.39
N GLN G 50 -33.93 72.30 12.89
CA GLN G 50 -34.80 73.39 12.46
C GLN G 50 -34.64 74.65 13.29
N GLU G 51 -34.70 74.52 14.60
CA GLU G 51 -34.56 75.69 15.44
C GLU G 51 -33.14 76.26 15.44
N LYS G 52 -32.36 75.87 14.44
CA LYS G 52 -31.02 76.42 14.20
C LYS G 52 -30.82 76.64 12.69
N THR G 53 -31.82 76.29 11.89
CA THR G 53 -31.73 76.35 10.44
C THR G 53 -33.12 76.31 9.80
N GLY G 54 -33.36 77.18 8.82
CA GLY G 54 -34.66 77.20 8.15
C GLY G 54 -35.01 75.93 7.38
N GLN G 55 -34.04 75.01 7.24
CA GLN G 55 -34.22 73.81 6.41
C GLN G 55 -34.92 72.64 7.11
N GLU G 56 -35.64 71.85 6.32
CA GLU G 56 -36.31 70.64 6.82
C GLU G 56 -35.29 69.54 7.04
N PRO G 57 -35.45 68.79 8.13
CA PRO G 57 -34.38 67.93 8.65
C PRO G 57 -34.04 66.79 7.71
N LEU G 58 -35.04 66.15 7.13
CA LEU G 58 -34.80 65.04 6.23
C LEU G 58 -33.89 65.43 5.08
N LYS G 59 -34.23 66.54 4.43
CA LYS G 59 -33.45 67.12 3.35
C LYS G 59 -32.00 67.40 3.78
N VAL G 60 -31.78 67.65 5.07
CA VAL G 60 -30.44 67.99 5.58
C VAL G 60 -29.66 66.74 5.93
N PHE G 61 -30.36 65.79 6.55
CA PHE G 61 -29.76 64.52 6.91
C PHE G 61 -29.29 63.83 5.64
N LYS G 62 -30.19 63.77 4.66
CA LYS G 62 -29.84 63.22 3.35
C LYS G 62 -28.71 63.99 2.71
N GLN G 63 -28.76 65.31 2.83
CA GLN G 63 -27.76 66.17 2.22
C GLN G 63 -26.36 65.89 2.76
N ALA G 64 -26.28 65.57 4.06
CA ALA G 64 -25.00 65.42 4.75
C ALA G 64 -24.42 64.01 4.55
N VAL G 65 -25.30 63.03 4.51
CA VAL G 65 -24.88 61.68 4.17
C VAL G 65 -24.11 61.67 2.85
N GLU G 66 -24.58 62.45 1.88
CA GLU G 66 -23.97 62.47 0.57
C GLU G 66 -22.60 63.09 0.61
N ASN G 67 -22.38 63.98 1.56
CA ASN G 67 -21.10 64.65 1.64
C ASN G 67 -20.05 63.81 2.34
N VAL G 68 -20.48 62.69 2.91
CA VAL G 68 -19.58 61.84 3.69
C VAL G 68 -19.29 60.53 2.95
N LYS G 69 -20.16 60.17 2.00
CA LYS G 69 -19.96 58.98 1.20
C LYS G 69 -18.65 59.06 0.40
N PRO G 70 -17.79 58.05 0.56
CA PRO G 70 -16.47 58.04 -0.07
C PRO G 70 -16.45 57.31 -1.41
N ARG G 71 -16.03 58.01 -2.47
CA ARG G 71 -15.98 57.43 -3.81
C ARG G 71 -14.82 56.46 -4.00
N MET G 72 -13.84 56.55 -3.10
CA MET G 72 -12.65 55.72 -3.19
C MET G 72 -12.19 55.41 -1.78
N GLU G 73 -11.52 54.27 -1.59
CA GLU G 73 -10.93 53.90 -0.31
C GLU G 73 -9.88 52.89 -0.63
N VAL G 74 -8.96 52.66 0.29
CA VAL G 74 -8.05 51.53 0.11
C VAL G 74 -8.43 50.40 1.04
N ARG G 75 -8.21 49.18 0.56
CA ARG G 75 -8.14 48.03 1.44
C ARG G 75 -6.86 47.29 1.09
N SER G 76 -6.12 46.91 2.12
CA SER G 76 -4.80 46.29 1.98
C SER G 76 -4.81 45.06 1.05
N ARG G 77 -3.64 44.62 0.61
CA ARG G 77 -3.56 43.37 -0.15
C ARG G 77 -2.22 42.64 0.03
N ARG G 78 -2.30 41.35 0.33
CA ARG G 78 -1.13 40.47 0.38
C ARG G 78 -0.86 39.97 -1.04
N VAL G 79 0.40 40.13 -1.47
CA VAL G 79 0.79 39.76 -2.85
C VAL G 79 1.81 38.61 -2.94
N GLY G 80 2.77 38.79 -3.84
CA GLY G 80 3.97 37.98 -3.86
C GLY G 80 5.08 38.85 -3.30
N GLY G 81 4.75 39.57 -2.24
CA GLY G 81 5.69 40.46 -1.58
C GLY G 81 5.26 40.76 -0.16
N ALA G 82 4.21 41.56 -0.02
CA ALA G 82 3.72 41.96 1.28
C ALA G 82 2.38 42.67 1.18
N ASN G 83 2.22 43.71 1.99
CA ASN G 83 1.01 44.53 2.01
C ASN G 83 1.06 45.65 0.99
N TYR G 84 0.18 45.59 0.02
CA TYR G 84 0.04 46.69 -0.92
C TYR G 84 -1.34 47.31 -0.79
N GLN G 85 -1.36 48.62 -0.55
CA GLN G 85 -2.61 49.35 -0.35
C GLN G 85 -3.31 49.65 -1.66
N VAL G 86 -4.16 48.73 -2.11
CA VAL G 86 -4.81 48.89 -3.41
C VAL G 86 -6.00 49.82 -3.33
N PRO G 87 -5.97 50.89 -4.13
CA PRO G 87 -7.08 51.84 -4.26
C PRO G 87 -8.26 51.19 -4.97
N MET G 88 -9.38 51.07 -4.28
CA MET G 88 -10.54 50.42 -4.82
C MET G 88 -11.65 51.42 -5.04
N GLU G 89 -12.63 51.05 -5.87
CA GLU G 89 -13.87 51.79 -5.93
C GLU G 89 -14.64 51.44 -4.66
N VAL G 90 -15.72 52.18 -4.39
CA VAL G 90 -16.56 51.85 -3.23
C VAL G 90 -18.03 51.71 -3.61
N SER G 91 -18.52 50.47 -3.58
CA SER G 91 -19.90 50.15 -3.91
C SER G 91 -20.89 51.10 -3.25
N PRO G 92 -22.06 51.30 -3.87
CA PRO G 92 -23.05 52.18 -3.25
C PRO G 92 -23.57 51.61 -1.95
N ARG G 93 -23.49 50.30 -1.76
CA ARG G 93 -23.93 49.69 -0.50
C ARG G 93 -23.00 50.06 0.64
N ARG G 94 -21.70 50.06 0.35
CA ARG G 94 -20.68 50.27 1.37
C ARG G 94 -20.52 51.75 1.71
N GLN G 95 -20.88 52.62 0.76
CA GLN G 95 -20.82 54.06 1.00
C GLN G 95 -21.86 54.47 2.01
N GLN G 96 -23.04 53.85 1.87
CA GLN G 96 -24.12 53.98 2.83
C GLN G 96 -23.61 53.75 4.25
N SER G 97 -23.07 52.55 4.47
CA SER G 97 -22.68 52.08 5.80
C SER G 97 -21.58 52.95 6.35
N LEU G 98 -20.58 53.18 5.52
CA LEU G 98 -19.42 53.98 5.90
C LEU G 98 -19.82 55.39 6.31
N ALA G 99 -20.67 56.02 5.50
CA ALA G 99 -21.15 57.35 5.81
C ALA G 99 -21.83 57.39 7.17
N LEU G 100 -22.88 56.59 7.33
CA LEU G 100 -23.62 56.55 8.58
C LEU G 100 -22.75 56.25 9.80
N ARG G 101 -21.95 55.19 9.73
CA ARG G 101 -21.05 54.87 10.81
C ARG G 101 -20.15 56.07 11.13
N TRP G 102 -19.55 56.63 10.09
CA TRP G 102 -18.67 57.76 10.31
C TRP G 102 -19.41 58.92 10.95
N LEU G 103 -20.68 59.08 10.60
CA LEU G 103 -21.44 60.20 11.14
C LEU G 103 -21.66 60.07 12.63
N VAL G 104 -22.02 58.88 13.09
CA VAL G 104 -22.24 58.67 14.51
C VAL G 104 -20.95 58.83 15.25
N GLN G 105 -19.91 58.17 14.77
CA GLN G 105 -18.61 58.20 15.44
C GLN G 105 -18.13 59.63 15.58
N ALA G 106 -18.21 60.39 14.49
CA ALA G 106 -17.79 61.78 14.48
C ALA G 106 -18.61 62.53 15.50
N ALA G 107 -19.92 62.28 15.48
CA ALA G 107 -20.81 62.97 16.39
C ALA G 107 -20.43 62.73 17.83
N ASN G 108 -20.03 61.51 18.15
CA ASN G 108 -19.74 61.20 19.55
C ASN G 108 -18.35 61.64 20.02
N GLN G 109 -17.57 62.17 19.09
CA GLN G 109 -16.29 62.78 19.43
C GLN G 109 -16.51 64.18 19.98
N ARG G 110 -17.56 64.82 19.48
CA ARG G 110 -17.87 66.22 19.79
C ARG G 110 -17.97 66.52 21.30
N PRO G 111 -17.79 67.80 21.70
CA PRO G 111 -17.71 68.19 23.11
C PRO G 111 -19.03 68.65 23.68
N GLU G 112 -20.07 68.67 22.84
CA GLU G 112 -21.40 69.01 23.30
C GLU G 112 -21.92 67.87 24.18
N ARG G 113 -22.68 68.21 25.20
CA ARG G 113 -23.02 67.24 26.23
C ARG G 113 -24.24 66.35 25.93
N ARG G 114 -25.34 66.94 25.43
CA ARG G 114 -26.48 66.12 25.05
C ARG G 114 -26.16 65.35 23.79
N ALA G 115 -26.73 64.16 23.64
CA ALA G 115 -26.42 63.35 22.45
C ALA G 115 -27.04 63.94 21.21
N ALA G 116 -28.28 64.39 21.36
CA ALA G 116 -29.03 64.93 20.24
C ALA G 116 -28.27 66.07 19.61
N VAL G 117 -27.71 66.92 20.46
CA VAL G 117 -26.92 68.06 20.02
C VAL G 117 -25.72 67.61 19.19
N ARG G 118 -25.00 66.60 19.67
CA ARG G 118 -23.80 66.14 18.98
C ARG G 118 -24.19 65.64 17.61
N ILE G 119 -25.23 64.83 17.57
CA ILE G 119 -25.76 64.36 16.30
C ILE G 119 -26.17 65.55 15.45
N ALA G 120 -26.94 66.45 16.05
CA ALA G 120 -27.41 67.66 15.37
C ALA G 120 -26.29 68.42 14.70
N HIS G 121 -25.28 68.81 15.48
CA HIS G 121 -24.21 69.62 14.95
C HIS G 121 -23.39 68.86 13.92
N GLU G 122 -23.14 67.58 14.16
CA GLU G 122 -22.41 66.81 13.17
C GLU G 122 -23.21 66.74 11.89
N LEU G 123 -24.50 66.44 12.01
CA LEU G 123 -25.39 66.40 10.85
C LEU G 123 -25.42 67.72 10.09
N MET G 124 -25.47 68.82 10.82
CA MET G 124 -25.39 70.15 10.23
C MET G 124 -24.03 70.39 9.59
N ASP G 125 -23.00 70.45 10.43
CA ASP G 125 -21.63 70.72 9.97
C ASP G 125 -21.25 69.94 8.72
N ALA G 126 -21.71 68.70 8.64
CA ALA G 126 -21.41 67.84 7.51
C ALA G 126 -22.14 68.28 6.25
N ALA G 127 -23.35 68.79 6.41
CA ALA G 127 -24.08 69.33 5.27
C ALA G 127 -23.30 70.52 4.71
N GLU G 128 -22.94 71.43 5.62
CA GLU G 128 -22.23 72.66 5.25
C GLU G 128 -20.77 72.42 4.87
N GLY G 129 -20.40 71.15 4.65
CA GLY G 129 -19.09 70.83 4.10
C GLY G 129 -17.97 70.45 5.05
N LYS G 130 -18.09 70.85 6.32
CA LYS G 130 -17.03 70.62 7.30
C LYS G 130 -17.40 69.54 8.32
N GLY G 131 -16.52 69.32 9.29
CA GLY G 131 -16.85 68.43 10.39
C GLY G 131 -16.23 67.05 10.31
N GLY G 132 -15.76 66.57 11.47
CA GLY G 132 -14.97 65.35 11.60
C GLY G 132 -15.33 64.16 10.74
N ALA G 133 -16.61 64.01 10.44
CA ALA G 133 -17.07 62.92 9.58
C ALA G 133 -16.45 63.09 8.21
N VAL G 134 -16.55 64.29 7.69
CA VAL G 134 -16.07 64.57 6.35
C VAL G 134 -14.55 64.47 6.32
N LYS G 135 -13.91 64.93 7.40
CA LYS G 135 -12.46 64.83 7.47
C LYS G 135 -11.94 63.39 7.41
N LYS G 136 -12.61 62.43 8.05
CA LYS G 136 -12.24 61.01 7.84
C LYS G 136 -12.96 60.45 6.61
N LYS G 137 -13.01 61.26 5.56
CA LYS G 137 -13.56 60.83 4.28
C LYS G 137 -12.75 61.48 3.19
N GLU G 138 -12.54 62.79 3.33
CA GLU G 138 -11.60 63.48 2.48
C GLU G 138 -10.24 62.87 2.73
N ASP G 139 -10.06 62.35 3.94
CA ASP G 139 -8.83 61.67 4.31
C ASP G 139 -8.73 60.34 3.60
N VAL G 140 -9.76 59.51 3.78
CA VAL G 140 -9.82 58.18 3.18
C VAL G 140 -9.50 58.25 1.69
N GLU G 141 -10.21 59.13 0.98
CA GLU G 141 -9.99 59.24 -0.45
C GLU G 141 -8.61 59.79 -0.78
N ARG G 142 -7.94 60.36 0.21
CA ARG G 142 -6.62 60.90 -0.04
C ARG G 142 -5.59 59.78 -0.07
N MET G 143 -5.85 58.67 0.62
CA MET G 143 -4.94 57.55 0.56
C MET G 143 -5.02 56.85 -0.80
N ALA G 144 -6.22 56.75 -1.35
CA ALA G 144 -6.36 56.48 -2.77
C ALA G 144 -5.75 57.70 -3.47
N GLU G 145 -5.43 57.59 -4.74
CA GLU G 145 -4.75 58.71 -5.44
C GLU G 145 -3.57 59.17 -4.61
N ALA G 146 -2.76 58.21 -4.21
CA ALA G 146 -1.55 58.43 -3.45
C ALA G 146 -0.88 57.06 -3.48
N ASN G 147 -1.75 56.06 -3.58
CA ASN G 147 -1.32 54.69 -3.84
C ASN G 147 -1.75 54.33 -5.23
N ARG G 148 -2.18 55.37 -5.95
CA ARG G 148 -2.51 55.32 -7.38
C ARG G 148 -1.61 54.39 -8.18
N ALA G 149 -0.36 54.25 -7.73
CA ALA G 149 0.64 53.41 -8.36
C ALA G 149 0.21 51.95 -8.32
N TYR G 150 -0.66 51.62 -7.38
CA TYR G 150 -1.09 50.25 -7.20
C TYR G 150 -2.52 50.03 -7.66
N ALA G 151 -3.00 50.95 -8.49
CA ALA G 151 -4.34 50.85 -9.04
C ALA G 151 -4.48 49.58 -9.88
N HIS G 152 -3.38 49.12 -10.45
CA HIS G 152 -3.40 47.92 -11.29
C HIS G 152 -3.46 46.64 -10.47
N TYR G 153 -4.32 46.62 -9.45
CA TYR G 153 -4.67 45.40 -8.76
C TYR G 153 -6.17 45.43 -8.48
N ARG G 154 -6.93 45.97 -9.42
CA ARG G 154 -8.35 46.35 -9.23
C ARG G 154 -9.32 45.28 -8.69
N TRP G 155 -8.84 44.04 -8.51
CA TRP G 155 -9.66 42.91 -8.04
C TRP G 155 -10.80 42.52 -8.98
N MET H 1 22.33 -14.09 -44.19
CA MET H 1 22.64 -15.52 -44.13
C MET H 1 22.18 -16.08 -42.78
N LEU H 2 21.32 -17.08 -42.84
CA LEU H 2 20.82 -17.75 -41.65
C LEU H 2 21.95 -18.59 -41.04
N THR H 3 22.19 -18.42 -39.74
CA THR H 3 23.28 -19.16 -39.12
C THR H 3 22.99 -20.65 -38.97
N ASP H 4 21.79 -20.98 -38.49
CA ASP H 4 21.34 -22.37 -38.46
C ASP H 4 20.00 -22.47 -39.18
N PRO H 5 19.99 -23.15 -40.33
CA PRO H 5 18.77 -23.27 -41.12
C PRO H 5 17.84 -24.36 -40.65
N ILE H 6 18.33 -25.35 -39.91
CA ILE H 6 17.43 -26.34 -39.33
C ILE H 6 16.61 -25.70 -38.23
N ALA H 7 17.25 -24.79 -37.50
CA ALA H 7 16.59 -24.18 -36.38
C ALA H 7 15.63 -23.11 -36.87
N ASP H 8 15.96 -22.48 -37.98
CA ASP H 8 15.09 -21.46 -38.53
C ASP H 8 13.79 -22.08 -38.99
N MET H 9 13.87 -23.33 -39.42
CA MET H 9 12.70 -24.07 -39.83
C MET H 9 11.89 -24.57 -38.64
N LEU H 10 12.57 -25.16 -37.67
CA LEU H 10 11.89 -25.59 -36.47
C LEU H 10 11.13 -24.44 -35.88
N THR H 11 11.72 -23.26 -36.01
CA THR H 11 11.11 -22.07 -35.47
C THR H 11 9.96 -21.61 -36.35
N ARG H 12 10.23 -21.33 -37.63
CA ARG H 12 9.20 -20.87 -38.57
C ARG H 12 7.87 -21.57 -38.31
N ILE H 13 7.98 -22.90 -38.23
CA ILE H 13 6.94 -23.82 -37.78
C ILE H 13 6.34 -23.37 -36.45
N ARG H 14 7.17 -23.34 -35.41
CA ARG H 14 6.70 -22.99 -34.08
C ARG H 14 5.95 -21.66 -34.06
N ASN H 15 6.43 -20.69 -34.83
CA ASN H 15 5.80 -19.39 -34.89
C ASN H 15 4.46 -19.43 -35.59
N ALA H 16 4.38 -20.27 -36.62
CA ALA H 16 3.18 -20.42 -37.44
C ALA H 16 2.09 -21.07 -36.62
N THR H 17 2.43 -22.19 -35.99
CA THR H 17 1.47 -22.94 -35.20
C THR H 17 0.90 -22.06 -34.12
N ARG H 18 1.73 -21.23 -33.51
CA ARG H 18 1.33 -20.52 -32.31
C ARG H 18 0.26 -19.48 -32.61
N VAL H 19 0.19 -19.07 -33.87
CA VAL H 19 -0.91 -18.22 -34.37
C VAL H 19 -1.86 -18.95 -35.37
N TYR H 20 -1.75 -20.28 -35.37
CA TYR H 20 -2.65 -21.15 -36.08
C TYR H 20 -2.73 -20.82 -37.56
N LYS H 21 -1.60 -20.76 -38.23
CA LYS H 21 -1.62 -20.56 -39.67
C LYS H 21 -2.19 -21.79 -40.36
N GLU H 22 -2.27 -21.76 -41.67
CA GLU H 22 -2.71 -22.92 -42.43
C GLU H 22 -1.50 -23.76 -42.77
N SER H 23 -0.46 -23.04 -43.16
CA SER H 23 0.74 -23.60 -43.72
C SER H 23 1.83 -22.55 -43.75
N THR H 24 3.04 -22.93 -44.14
CA THR H 24 4.17 -22.00 -44.09
C THR H 24 5.38 -22.43 -44.92
N ASP H 25 6.04 -21.45 -45.52
CA ASP H 25 7.15 -21.73 -46.42
C ASP H 25 8.47 -21.67 -45.70
N VAL H 26 9.24 -22.73 -45.85
CA VAL H 26 10.61 -22.73 -45.37
C VAL H 26 11.48 -23.01 -46.59
N PRO H 27 12.61 -22.30 -46.70
CA PRO H 27 13.40 -22.45 -47.92
C PRO H 27 13.94 -23.86 -48.00
N ALA H 28 14.09 -24.34 -49.22
CA ALA H 28 14.28 -25.76 -49.46
C ALA H 28 15.71 -26.25 -49.25
N SER H 29 15.80 -27.48 -48.76
CA SER H 29 17.06 -28.18 -48.57
C SER H 29 16.71 -29.64 -48.32
N ARG H 30 17.47 -30.56 -48.90
CA ARG H 30 17.17 -31.98 -48.74
C ARG H 30 17.02 -32.34 -47.27
N PHE H 31 17.87 -31.75 -46.46
CA PHE H 31 17.94 -32.10 -45.05
C PHE H 31 16.69 -31.69 -44.32
N LYS H 32 16.31 -30.43 -44.49
CA LYS H 32 15.06 -29.92 -43.93
C LYS H 32 13.92 -30.85 -44.38
N GLU H 33 13.93 -31.14 -45.67
CA GLU H 33 12.96 -32.03 -46.26
C GLU H 33 13.00 -33.35 -45.51
N GLU H 34 14.20 -33.90 -45.37
CA GLU H 34 14.38 -35.20 -44.73
C GLU H 34 13.74 -35.26 -43.35
N ILE H 35 13.82 -34.15 -42.65
CA ILE H 35 13.20 -34.01 -41.35
C ILE H 35 11.66 -34.01 -41.40
N LEU H 36 11.06 -33.07 -42.16
CA LEU H 36 9.60 -32.96 -42.27
C LEU H 36 8.89 -34.27 -42.60
N ARG H 37 9.54 -35.08 -43.45
CA ARG H 37 9.11 -36.44 -43.74
C ARG H 37 8.74 -37.15 -42.43
N ILE H 38 9.61 -37.05 -41.43
CA ILE H 38 9.38 -37.63 -40.11
C ILE H 38 8.24 -36.96 -39.35
N LEU H 39 8.20 -35.64 -39.41
CA LEU H 39 7.14 -34.93 -38.72
C LEU H 39 5.79 -35.45 -39.22
N ALA H 40 5.73 -35.73 -40.53
CA ALA H 40 4.50 -36.21 -41.14
C ALA H 40 4.17 -37.61 -40.63
N ARG H 41 5.06 -38.57 -40.86
CA ARG H 41 4.93 -39.94 -40.35
C ARG H 41 4.36 -40.00 -38.92
N GLU H 42 4.89 -39.18 -38.02
CA GLU H 42 4.47 -39.21 -36.63
C GLU H 42 3.29 -38.31 -36.36
N GLY H 43 2.84 -37.59 -37.39
CA GLY H 43 1.61 -36.82 -37.31
C GLY H 43 1.67 -35.42 -36.71
N PHE H 44 2.79 -34.74 -36.86
CA PHE H 44 2.91 -33.45 -36.23
C PHE H 44 2.53 -32.41 -37.24
N ILE H 45 2.64 -32.80 -38.50
CA ILE H 45 2.24 -31.92 -39.57
C ILE H 45 1.37 -32.70 -40.52
N LYS H 46 0.40 -32.04 -41.13
CA LYS H 46 -0.42 -32.73 -42.10
C LYS H 46 0.50 -33.22 -43.21
N GLY H 47 1.24 -32.29 -43.81
CA GLY H 47 2.19 -32.68 -44.84
C GLY H 47 3.17 -31.57 -45.21
N TYR H 48 4.05 -31.83 -46.16
CA TYR H 48 4.89 -30.79 -46.73
C TYR H 48 4.77 -30.85 -48.25
N GLU H 49 5.42 -29.94 -48.95
CA GLU H 49 5.23 -29.86 -50.40
C GLU H 49 6.29 -28.95 -50.97
N ARG H 50 6.65 -29.16 -52.22
CA ARG H 50 7.77 -28.40 -52.79
C ARG H 50 7.29 -27.25 -53.66
N VAL H 51 6.58 -26.31 -53.07
CA VAL H 51 6.17 -25.09 -53.75
C VAL H 51 7.36 -24.24 -54.22
N ASP H 52 7.09 -23.05 -54.75
CA ASP H 52 8.14 -22.31 -55.38
C ASP H 52 7.94 -20.81 -55.36
N VAL H 53 8.05 -20.22 -54.18
CA VAL H 53 7.77 -18.80 -53.99
C VAL H 53 8.80 -17.94 -54.71
N ASP H 54 8.38 -17.40 -55.85
CA ASP H 54 9.19 -16.56 -56.70
C ASP H 54 10.56 -17.13 -57.05
N GLY H 55 10.59 -18.05 -58.00
CA GLY H 55 11.83 -18.46 -58.61
C GLY H 55 12.61 -19.47 -57.79
N LYS H 56 12.73 -19.23 -56.49
CA LYS H 56 13.52 -20.11 -55.63
C LYS H 56 12.63 -21.05 -54.83
N PRO H 57 13.12 -22.26 -54.56
CA PRO H 57 12.37 -23.38 -53.98
C PRO H 57 12.13 -23.34 -52.48
N TYR H 58 10.87 -23.55 -52.12
CA TYR H 58 10.50 -23.64 -50.73
C TYR H 58 9.79 -24.93 -50.41
N LEU H 59 9.50 -25.11 -49.14
CA LEU H 59 8.73 -26.24 -48.68
C LEU H 59 7.52 -25.66 -47.99
N ARG H 60 6.36 -25.74 -48.64
CA ARG H 60 5.14 -25.40 -47.96
C ARG H 60 4.89 -26.49 -46.95
N VAL H 61 4.90 -26.15 -45.66
CA VAL H 61 4.53 -27.11 -44.64
C VAL H 61 3.11 -26.84 -44.24
N TYR H 62 2.25 -27.86 -44.22
CA TYR H 62 0.87 -27.67 -43.77
C TYR H 62 0.69 -28.14 -42.32
N LEU H 63 0.10 -27.26 -41.51
CA LEU H 63 0.00 -27.49 -40.07
C LEU H 63 -1.27 -28.21 -39.66
N LYS H 64 -1.21 -28.83 -38.49
CA LYS H 64 -2.31 -29.61 -37.98
C LYS H 64 -2.54 -29.21 -36.54
N TYR H 65 -3.77 -28.84 -36.21
CA TYR H 65 -4.06 -28.47 -34.82
C TYR H 65 -5.13 -29.38 -34.24
N GLY H 66 -5.67 -28.99 -33.09
CA GLY H 66 -6.68 -29.80 -32.43
C GLY H 66 -8.03 -29.39 -32.97
N PRO H 67 -9.11 -29.75 -32.26
CA PRO H 67 -10.45 -29.19 -32.49
C PRO H 67 -10.68 -27.95 -31.62
N ARG H 68 -11.70 -27.17 -31.95
CA ARG H 68 -12.06 -25.98 -31.18
C ARG H 68 -12.50 -26.39 -29.79
N ARG H 69 -12.24 -25.55 -28.79
CA ARG H 69 -12.59 -25.91 -27.42
C ARG H 69 -13.68 -25.01 -26.86
N GLN H 70 -14.27 -25.42 -25.76
CA GLN H 70 -15.29 -24.60 -25.15
C GLN H 70 -14.74 -23.96 -23.91
N GLY H 71 -15.14 -22.71 -23.70
CA GLY H 71 -14.65 -21.94 -22.58
C GLY H 71 -14.25 -20.60 -23.13
N PRO H 72 -13.78 -19.69 -22.25
CA PRO H 72 -13.13 -18.47 -22.72
C PRO H 72 -11.87 -18.91 -23.44
N ASP H 73 -11.52 -18.29 -24.56
CA ASP H 73 -10.42 -18.78 -25.41
C ASP H 73 -10.60 -20.22 -25.98
N PRO H 74 -11.28 -20.30 -27.14
CA PRO H 74 -11.52 -21.54 -27.90
C PRO H 74 -10.29 -22.13 -28.61
N ARG H 75 -9.31 -21.30 -28.97
CA ARG H 75 -8.13 -21.73 -29.75
C ARG H 75 -7.74 -23.17 -29.48
N PRO H 76 -7.62 -23.96 -30.54
CA PRO H 76 -7.46 -25.42 -30.43
C PRO H 76 -6.10 -25.78 -29.88
N GLU H 77 -5.94 -27.03 -29.46
CA GLU H 77 -4.70 -27.49 -28.86
C GLU H 77 -3.70 -27.75 -29.98
N GLN H 78 -2.44 -27.37 -29.78
CA GLN H 78 -1.42 -27.61 -30.80
C GLN H 78 -1.17 -29.09 -30.86
N VAL H 79 -0.81 -29.60 -32.03
CA VAL H 79 -0.38 -30.98 -32.08
C VAL H 79 1.12 -31.05 -31.76
N ILE H 80 1.84 -30.03 -32.23
CA ILE H 80 3.24 -29.74 -31.86
C ILE H 80 3.29 -28.77 -30.68
N HIS H 81 3.24 -29.28 -29.46
CA HIS H 81 3.24 -28.35 -28.33
C HIS H 81 4.60 -27.70 -28.20
N HIS H 82 5.63 -28.46 -28.55
CA HIS H 82 6.99 -28.14 -28.22
C HIS H 82 7.87 -28.75 -29.29
N ILE H 83 8.82 -27.97 -29.77
CA ILE H 83 9.75 -28.40 -30.81
C ILE H 83 11.03 -27.58 -30.64
N ARG H 84 12.12 -28.21 -30.16
CA ARG H 84 13.36 -27.48 -29.83
C ARG H 84 14.63 -28.09 -30.42
N ARG H 85 15.53 -27.26 -30.96
CA ARG H 85 16.85 -27.71 -31.42
C ARG H 85 17.73 -28.18 -30.28
N ILE H 86 18.21 -29.42 -30.36
CA ILE H 86 19.13 -29.95 -29.39
C ILE H 86 20.57 -29.61 -29.77
N SER H 87 21.02 -30.09 -30.93
CA SER H 87 22.36 -29.74 -31.39
C SER H 87 22.35 -28.47 -32.21
N LYS H 88 23.12 -27.48 -31.79
CA LYS H 88 23.22 -26.21 -32.50
C LYS H 88 24.67 -26.04 -32.99
N PRO H 89 24.91 -25.19 -33.99
CA PRO H 89 26.31 -24.94 -34.40
C PRO H 89 27.11 -24.35 -33.24
N GLY H 90 28.41 -24.57 -33.19
CA GLY H 90 29.11 -24.12 -32.01
C GLY H 90 28.62 -24.65 -30.65
N ARG H 91 27.73 -25.66 -30.69
CA ARG H 91 27.65 -26.71 -29.67
C ARG H 91 26.90 -27.95 -30.19
N ARG H 92 27.59 -28.71 -31.04
CA ARG H 92 27.11 -29.96 -31.60
C ARG H 92 26.81 -30.98 -30.49
N VAL H 93 25.83 -31.86 -30.70
CA VAL H 93 25.45 -32.80 -29.65
C VAL H 93 25.23 -34.21 -30.15
N TYR H 94 26.21 -35.08 -30.02
CA TYR H 94 26.09 -36.45 -30.51
C TYR H 94 25.82 -37.43 -29.40
N VAL H 95 24.91 -38.37 -29.63
CA VAL H 95 24.68 -39.40 -28.64
C VAL H 95 24.88 -40.75 -29.25
N GLY H 96 25.36 -41.68 -28.43
CA GLY H 96 25.53 -43.06 -28.82
C GLY H 96 24.21 -43.77 -28.64
N VAL H 97 24.09 -44.96 -29.22
CA VAL H 97 22.78 -45.63 -29.26
C VAL H 97 22.34 -45.96 -27.85
N LYS H 98 23.28 -46.00 -26.92
CA LYS H 98 22.97 -46.26 -25.54
C LYS H 98 22.34 -45.07 -24.82
N GLU H 99 22.61 -43.86 -25.29
CA GLU H 99 22.10 -42.64 -24.65
C GLU H 99 21.23 -41.78 -25.55
N ILE H 100 20.39 -42.41 -26.35
CA ILE H 100 19.35 -41.69 -27.05
C ILE H 100 18.17 -41.45 -26.13
N PRO H 101 17.83 -40.17 -25.90
CA PRO H 101 16.73 -39.65 -25.09
C PRO H 101 15.41 -40.41 -25.20
N ARG H 102 14.75 -40.60 -24.07
CA ARG H 102 13.36 -41.04 -24.04
C ARG H 102 12.55 -39.77 -23.82
N VAL H 103 11.97 -39.25 -24.90
CA VAL H 103 11.21 -38.00 -24.88
C VAL H 103 9.74 -38.08 -24.38
N ARG H 104 9.49 -37.50 -23.20
CA ARG H 104 8.17 -37.46 -22.59
C ARG H 104 7.65 -38.84 -22.39
N ARG H 105 8.51 -39.73 -21.91
CA ARG H 105 8.14 -41.12 -21.80
C ARG H 105 7.55 -41.64 -23.12
N GLY H 106 7.98 -41.04 -24.23
CA GLY H 106 7.63 -41.53 -25.55
C GLY H 106 6.34 -41.00 -26.17
N LEU H 107 5.70 -40.04 -25.52
CA LEU H 107 4.55 -39.39 -26.11
C LEU H 107 5.07 -38.29 -27.02
N GLY H 108 6.34 -38.42 -27.42
CA GLY H 108 7.03 -37.43 -28.22
C GLY H 108 8.28 -38.04 -28.79
N ILE H 109 8.77 -37.46 -29.88
CA ILE H 109 9.96 -37.97 -30.59
C ILE H 109 11.23 -37.15 -30.30
N ALA H 110 12.37 -37.65 -30.75
CA ALA H 110 13.60 -36.86 -30.85
C ALA H 110 14.13 -37.20 -32.21
N ILE H 111 14.57 -36.22 -32.99
CA ILE H 111 15.00 -36.55 -34.35
C ILE H 111 16.52 -36.51 -34.48
N LEU H 112 17.14 -37.64 -34.84
CA LEU H 112 18.59 -37.65 -34.98
C LEU H 112 19.12 -38.11 -36.32
N SER H 113 20.09 -37.39 -36.84
CA SER H 113 20.76 -37.74 -38.09
C SER H 113 21.82 -38.77 -37.80
N THR H 114 21.79 -39.88 -38.54
CA THR H 114 22.76 -40.97 -38.38
C THR H 114 23.31 -41.37 -39.73
N SER H 115 24.31 -42.24 -39.72
CA SER H 115 24.92 -42.69 -40.94
C SER H 115 23.95 -43.58 -41.69
N LYS H 116 22.84 -43.93 -41.05
CA LYS H 116 21.79 -44.71 -41.69
C LYS H 116 20.61 -43.82 -42.06
N GLY H 117 20.80 -42.52 -41.89
CA GLY H 117 19.82 -41.51 -42.30
C GLY H 117 19.13 -40.80 -41.16
N VAL H 118 18.22 -39.89 -41.51
CA VAL H 118 17.48 -39.17 -40.49
C VAL H 118 16.38 -40.04 -39.90
N LEU H 119 16.47 -40.30 -38.60
CA LEU H 119 15.59 -41.26 -37.94
C LEU H 119 15.03 -40.72 -36.64
N THR H 120 13.95 -41.34 -36.16
CA THR H 120 13.43 -41.00 -34.86
C THR H 120 14.20 -41.72 -33.76
N ASP H 121 13.89 -41.39 -32.51
CA ASP H 121 14.49 -42.08 -31.38
C ASP H 121 14.22 -43.58 -31.39
N ARG H 122 13.01 -44.01 -31.76
CA ARG H 122 12.67 -45.43 -31.77
C ARG H 122 13.21 -46.07 -33.02
N GLU H 123 13.35 -45.28 -34.08
CA GLU H 123 13.87 -45.78 -35.35
C GLU H 123 15.34 -46.13 -35.23
N ALA H 124 16.10 -45.27 -34.57
CA ALA H 124 17.53 -45.50 -34.36
C ALA H 124 17.77 -46.60 -33.34
N ARG H 125 16.87 -46.75 -32.38
CA ARG H 125 17.02 -47.79 -31.39
C ARG H 125 16.94 -49.17 -32.03
N LYS H 126 16.00 -49.37 -32.94
CA LYS H 126 15.88 -50.65 -33.64
C LYS H 126 17.12 -50.90 -34.47
N LEU H 127 17.38 -50.01 -35.41
CA LEU H 127 18.56 -50.07 -36.26
C LEU H 127 19.87 -50.14 -35.48
N GLY H 128 19.84 -49.78 -34.19
CA GLY H 128 21.02 -49.85 -33.35
C GLY H 128 22.11 -48.83 -33.67
N VAL H 129 21.69 -47.58 -33.86
CA VAL H 129 22.61 -46.49 -34.16
C VAL H 129 22.42 -45.21 -33.31
N GLY H 130 23.50 -44.48 -33.11
CA GLY H 130 23.41 -43.15 -32.59
C GLY H 130 23.73 -42.20 -33.72
N GLY H 131 23.78 -40.91 -33.39
CA GLY H 131 24.07 -39.89 -34.37
C GLY H 131 24.05 -38.54 -33.70
N GLU H 132 23.60 -37.53 -34.43
CA GLU H 132 23.61 -36.17 -33.94
C GLU H 132 22.21 -35.76 -33.59
N LEU H 133 21.91 -35.72 -32.31
CA LEU H 133 20.60 -35.34 -31.78
C LEU H 133 20.18 -33.99 -32.29
N ILE H 134 19.26 -33.95 -33.25
CA ILE H 134 18.91 -32.69 -33.90
C ILE H 134 17.86 -31.83 -33.17
N CYS H 135 16.79 -32.48 -32.71
CA CYS H 135 15.72 -31.77 -32.04
C CYS H 135 14.79 -32.74 -31.34
N GLU H 136 14.14 -32.30 -30.27
CA GLU H 136 13.04 -33.07 -29.70
C GLU H 136 11.74 -32.40 -30.09
N VAL H 137 10.67 -33.16 -30.28
CA VAL H 137 9.35 -32.61 -30.56
C VAL H 137 8.37 -33.40 -29.76
N TRP H 138 7.44 -32.75 -29.09
CA TRP H 138 6.51 -33.53 -28.30
C TRP H 138 5.22 -32.77 -28.02
N GLU I 1 -71.73 42.58 15.44
CA GLU I 1 -71.77 43.83 16.21
C GLU I 1 -70.40 44.53 16.17
N GLN I 2 -69.32 43.75 16.31
CA GLN I 2 -67.93 44.25 16.26
C GLN I 2 -67.12 43.36 15.33
N TYR I 3 -65.81 43.57 15.25
CA TYR I 3 -64.97 42.66 14.48
C TYR I 3 -63.68 42.25 15.21
N TYR I 4 -63.21 41.03 14.94
CA TYR I 4 -62.20 40.41 15.80
C TYR I 4 -61.03 39.75 15.10
N GLY I 5 -59.84 39.92 15.68
CA GLY I 5 -58.66 39.18 15.28
C GLY I 5 -57.79 38.93 16.50
N THR I 6 -56.93 37.91 16.44
CA THR I 6 -56.04 37.61 17.55
C THR I 6 -54.67 38.28 17.41
N GLY I 7 -53.76 37.68 16.68
CA GLY I 7 -52.44 38.28 16.59
C GLY I 7 -51.56 38.06 17.81
N ARG I 8 -50.57 37.18 17.64
CA ARG I 8 -49.58 36.95 18.66
C ARG I 8 -48.22 37.39 18.14
N ARG I 9 -47.28 37.60 19.05
CA ARG I 9 -45.95 37.99 18.67
C ARG I 9 -45.01 37.72 19.83
N LYS I 10 -44.15 36.71 19.70
CA LYS I 10 -43.04 36.56 20.63
C LYS I 10 -43.56 36.57 22.08
N GLU I 11 -44.29 35.53 22.47
CA GLU I 11 -44.77 35.35 23.85
C GLU I 11 -45.81 36.37 24.28
N ALA I 12 -46.28 37.18 23.33
CA ALA I 12 -47.30 38.17 23.63
C ALA I 12 -48.56 37.96 22.79
N VAL I 13 -49.72 38.19 23.42
CA VAL I 13 -51.01 38.01 22.75
C VAL I 13 -51.87 39.25 22.89
N ALA I 14 -52.29 39.79 21.75
CA ALA I 14 -53.31 40.83 21.76
C ALA I 14 -54.60 40.16 21.33
N ARG I 15 -55.74 40.73 21.69
CA ARG I 15 -57.02 40.35 21.12
C ARG I 15 -57.61 41.64 20.61
N VAL I 16 -57.88 41.71 19.33
CA VAL I 16 -58.35 42.95 18.73
C VAL I 16 -59.87 42.96 18.46
N PHE I 17 -60.57 43.91 19.06
CA PHE I 17 -61.99 44.11 18.80
C PHE I 17 -62.22 45.39 18.02
N LEU I 18 -62.88 45.28 16.86
CA LEU I 18 -63.16 46.43 16.00
C LEU I 18 -64.62 46.88 15.98
N ARG I 19 -64.90 48.03 16.60
CA ARG I 19 -66.21 48.64 16.55
C ARG I 19 -66.19 49.64 15.41
N PRO I 20 -67.36 50.00 14.86
CA PRO I 20 -67.41 51.17 13.98
C PRO I 20 -67.42 52.41 14.86
N GLY I 21 -66.65 53.45 14.52
CA GLY I 21 -66.59 54.63 15.36
C GLY I 21 -65.69 55.78 14.96
N ASN I 22 -65.12 56.46 15.96
CA ASN I 22 -64.42 57.72 15.75
C ASN I 22 -62.91 57.64 15.62
N GLY I 23 -62.35 56.46 15.90
CA GLY I 23 -60.92 56.29 15.85
C GLY I 23 -60.29 56.10 17.21
N LYS I 24 -61.14 56.01 18.24
CA LYS I 24 -60.67 55.83 19.61
C LYS I 24 -60.28 54.38 19.87
N VAL I 25 -58.98 54.17 20.07
CA VAL I 25 -58.44 52.86 20.38
C VAL I 25 -58.18 52.77 21.87
N THR I 26 -58.64 51.71 22.52
CA THR I 26 -58.31 51.52 23.93
C THR I 26 -57.66 50.15 24.17
N VAL I 27 -56.61 50.17 24.98
CA VAL I 27 -55.80 48.98 25.19
C VAL I 27 -55.70 48.65 26.68
N ASN I 28 -56.34 47.55 27.06
CA ASN I 28 -56.29 47.06 28.44
C ASN I 28 -56.80 48.09 29.42
N GLY I 29 -58.10 48.36 29.32
CA GLY I 29 -58.75 49.28 30.23
C GLY I 29 -58.09 50.64 30.31
N GLN I 30 -57.34 50.99 29.27
CA GLN I 30 -56.60 52.25 29.26
C GLN I 30 -56.58 52.86 27.87
N ASP I 31 -56.27 54.15 27.77
CA ASP I 31 -56.17 54.77 26.46
C ASP I 31 -54.99 54.17 25.72
N PHE I 32 -55.03 54.23 24.39
CA PHE I 32 -53.96 53.69 23.55
C PHE I 32 -52.65 54.42 23.80
N ASN I 33 -52.73 55.72 23.94
CA ASN I 33 -51.51 56.48 24.13
C ASN I 33 -51.08 56.51 25.58
N GLU I 34 -52.03 56.36 26.49
CA GLU I 34 -51.67 56.28 27.90
C GLU I 34 -50.89 54.99 28.14
N TYR I 35 -51.17 53.97 27.34
CA TYR I 35 -50.52 52.66 27.51
C TYR I 35 -49.14 52.59 26.83
N PHE I 36 -49.00 53.17 25.65
CA PHE I 36 -47.70 53.17 24.98
C PHE I 36 -47.00 54.51 25.12
N GLN I 37 -47.19 55.14 26.27
CA GLN I 37 -46.68 56.49 26.49
C GLN I 37 -45.19 56.57 26.22
N GLY I 38 -44.82 57.33 25.19
CA GLY I 38 -43.43 57.61 24.93
C GLY I 38 -42.63 56.50 24.28
N LEU I 39 -43.32 55.56 23.64
CA LEU I 39 -42.65 54.52 22.87
C LEU I 39 -42.82 54.82 21.38
N VAL I 40 -41.78 55.36 20.75
CA VAL I 40 -41.85 55.80 19.35
C VAL I 40 -42.38 54.75 18.36
N ARG I 41 -42.18 53.48 18.68
CA ARG I 41 -42.66 52.42 17.81
C ARG I 41 -44.18 52.28 17.81
N ALA I 42 -44.83 52.87 18.80
CA ALA I 42 -46.26 52.64 19.05
C ALA I 42 -47.15 52.82 17.83
N VAL I 43 -47.04 53.97 17.18
CA VAL I 43 -47.90 54.34 16.07
C VAL I 43 -48.02 53.25 15.00
N ALA I 44 -47.12 52.27 15.03
CA ALA I 44 -47.04 51.24 14.02
C ALA I 44 -47.94 50.05 14.31
N ALA I 45 -48.67 50.13 15.41
CA ALA I 45 -49.65 49.11 15.71
C ALA I 45 -50.87 49.35 14.84
N LEU I 46 -51.02 50.58 14.39
CA LEU I 46 -52.23 51.00 13.70
C LEU I 46 -51.94 51.21 12.23
N GLU I 47 -50.83 50.65 11.77
CA GLU I 47 -50.46 50.72 10.37
C GLU I 47 -51.34 49.90 9.41
N PRO I 48 -52.13 48.94 9.94
CA PRO I 48 -53.17 48.42 9.03
C PRO I 48 -54.24 49.46 8.65
N LEU I 49 -54.93 50.02 9.66
CA LEU I 49 -55.98 51.01 9.45
C LEU I 49 -55.50 52.20 8.63
N ARG I 50 -54.23 52.56 8.78
CA ARG I 50 -53.65 53.66 8.04
C ARG I 50 -53.57 53.35 6.55
N ALA I 51 -53.36 52.08 6.24
CA ALA I 51 -53.14 51.65 4.86
C ALA I 51 -54.30 50.83 4.30
N VAL I 52 -55.49 51.03 4.86
CA VAL I 52 -56.75 50.58 4.25
C VAL I 52 -57.80 51.67 4.47
N ASP I 53 -57.31 52.85 4.84
CA ASP I 53 -58.15 53.99 5.17
C ASP I 53 -59.22 53.65 6.21
N ALA I 54 -58.81 53.60 7.47
CA ALA I 54 -59.70 53.22 8.55
C ALA I 54 -59.31 53.86 9.86
N LEU I 55 -58.20 54.61 9.83
CA LEU I 55 -57.60 55.28 11.01
C LEU I 55 -58.63 55.83 12.00
N GLY I 56 -59.69 56.44 11.49
CA GLY I 56 -60.68 57.06 12.35
C GLY I 56 -62.09 56.53 12.14
N ARG I 57 -62.23 55.54 11.27
CA ARG I 57 -63.56 54.99 11.00
C ARG I 57 -63.88 53.78 11.90
N PHE I 58 -62.94 53.43 12.80
CA PHE I 58 -63.16 52.35 13.76
C PHE I 58 -62.76 52.76 15.17
N ASP I 59 -63.53 52.31 16.17
CA ASP I 59 -63.05 52.29 17.54
C ASP I 59 -62.43 50.92 17.71
N ALA I 60 -61.68 50.72 18.79
CA ALA I 60 -61.00 49.43 18.96
C ALA I 60 -60.68 49.08 20.41
N TYR I 61 -61.42 48.11 20.93
CA TYR I 61 -61.24 47.62 22.29
C TYR I 61 -60.31 46.41 22.28
N ILE I 62 -59.07 46.63 22.71
CA ILE I 62 -58.02 45.62 22.59
C ILE I 62 -57.50 45.13 23.94
N THR I 63 -57.49 43.82 24.16
CA THR I 63 -56.93 43.28 25.37
C THR I 63 -55.59 42.67 25.03
N VAL I 64 -54.60 42.84 25.92
CA VAL I 64 -53.24 42.41 25.64
C VAL I 64 -52.57 41.74 26.84
N ARG I 65 -52.15 40.49 26.65
CA ARG I 65 -51.64 39.66 27.74
C ARG I 65 -50.29 39.11 27.36
N GLY I 66 -49.27 39.41 28.16
CA GLY I 66 -47.98 38.73 28.05
C GLY I 66 -46.84 39.44 27.35
N GLY I 67 -45.63 39.14 27.79
CA GLY I 67 -44.42 39.62 27.13
C GLY I 67 -43.93 41.00 27.51
N GLY I 68 -43.74 41.84 26.50
CA GLY I 68 -43.30 43.20 26.69
C GLY I 68 -43.90 44.13 25.65
N LYS I 69 -44.02 45.40 26.01
CA LYS I 69 -44.83 46.35 25.26
C LYS I 69 -44.52 46.45 23.77
N SER I 70 -43.27 46.20 23.39
CA SER I 70 -42.89 46.36 21.99
C SER I 70 -43.36 45.17 21.15
N GLY I 71 -43.58 44.04 21.81
CA GLY I 71 -44.07 42.86 21.12
C GLY I 71 -45.57 42.95 21.10
N GLN I 72 -46.11 43.57 22.15
CA GLN I 72 -47.53 43.82 22.22
C GLN I 72 -47.90 44.75 21.07
N ILE I 73 -46.99 45.63 20.69
CA ILE I 73 -47.26 46.51 19.56
C ILE I 73 -47.39 45.68 18.30
N ASP I 74 -46.42 44.79 18.08
CA ASP I 74 -46.44 43.98 16.89
C ASP I 74 -47.63 43.03 16.87
N ALA I 75 -48.08 42.60 18.04
CA ALA I 75 -49.16 41.62 18.14
C ALA I 75 -50.56 42.21 17.93
N ILE I 76 -50.78 43.41 18.49
CA ILE I 76 -51.95 44.22 18.19
C ILE I 76 -52.02 44.46 16.70
N LYS I 77 -50.88 44.76 16.10
CA LYS I 77 -50.79 45.03 14.67
C LYS I 77 -51.30 43.86 13.84
N LEU I 78 -51.03 42.65 14.30
CA LEU I 78 -51.51 41.45 13.61
C LEU I 78 -52.99 41.30 13.95
N GLY I 79 -53.33 41.56 15.20
CA GLY I 79 -54.71 41.48 15.62
C GLY I 79 -55.62 42.32 14.76
N ILE I 80 -55.29 43.61 14.65
CA ILE I 80 -56.05 44.53 13.80
C ILE I 80 -56.13 44.02 12.36
N ALA I 81 -54.99 43.73 11.77
CA ALA I 81 -54.93 43.27 10.38
C ALA I 81 -55.82 42.06 10.06
N ARG I 82 -56.12 41.27 11.08
CA ARG I 82 -56.92 40.06 10.89
C ARG I 82 -58.41 40.37 11.01
N ALA I 83 -58.77 41.19 11.99
CA ALA I 83 -60.16 41.59 12.19
C ALA I 83 -60.63 42.26 10.92
N LEU I 84 -59.79 43.15 10.41
CA LEU I 84 -60.08 43.95 9.25
C LEU I 84 -60.17 43.15 7.96
N VAL I 85 -59.91 41.84 8.05
CA VAL I 85 -60.02 40.95 6.89
C VAL I 85 -61.23 40.04 7.01
N GLN I 86 -61.66 39.76 8.24
CA GLN I 86 -62.89 39.01 8.44
C GLN I 86 -64.08 39.97 8.49
N TYR I 87 -63.79 41.25 8.30
CA TYR I 87 -64.83 42.28 8.18
C TYR I 87 -65.07 42.59 6.70
N ASN I 88 -64.13 42.18 5.86
CA ASN I 88 -64.20 42.48 4.44
C ASN I 88 -63.09 41.74 3.71
N PRO I 89 -63.31 40.46 3.42
CA PRO I 89 -62.28 39.59 2.84
C PRO I 89 -61.54 40.17 1.62
N ASP I 90 -62.07 41.23 1.03
CA ASP I 90 -61.44 41.83 -0.14
C ASP I 90 -60.21 42.67 0.25
N TYR I 91 -60.12 43.05 1.51
CA TYR I 91 -59.04 43.95 1.99
C TYR I 91 -57.65 43.35 1.84
N ARG I 92 -57.56 42.03 1.67
CA ARG I 92 -56.27 41.34 1.55
C ARG I 92 -55.37 41.94 0.47
N ALA I 93 -55.95 42.28 -0.68
CA ALA I 93 -55.21 42.89 -1.79
C ALA I 93 -54.33 44.05 -1.34
N LYS I 94 -54.92 45.02 -0.67
CA LYS I 94 -54.16 46.13 -0.11
C LYS I 94 -53.78 45.84 1.34
N LEU I 95 -53.25 44.64 1.62
CA LEU I 95 -52.92 44.27 3.00
C LEU I 95 -51.90 43.13 3.10
N LYS I 96 -52.07 42.12 2.27
CA LYS I 96 -51.15 40.99 2.24
C LYS I 96 -49.73 41.31 1.74
N PRO I 97 -49.58 42.10 0.66
CA PRO I 97 -48.22 42.39 0.19
C PRO I 97 -47.42 43.24 1.19
N LEU I 98 -48.12 44.04 2.00
CA LEU I 98 -47.50 44.84 3.05
C LEU I 98 -46.89 43.94 4.12
N GLY I 99 -47.50 42.76 4.28
CA GLY I 99 -46.98 41.74 5.17
C GLY I 99 -47.78 41.60 6.45
N PHE I 100 -48.76 42.47 6.63
CA PHE I 100 -49.45 42.57 7.92
C PHE I 100 -50.17 41.30 8.33
N LEU I 101 -50.42 40.40 7.39
CA LEU I 101 -51.15 39.19 7.71
C LEU I 101 -50.25 38.11 8.29
N THR I 102 -49.00 38.07 7.85
CA THR I 102 -48.03 37.09 8.34
C THR I 102 -47.83 37.26 9.83
N ARG I 103 -47.54 36.16 10.55
CA ARG I 103 -47.24 36.28 11.98
C ARG I 103 -45.77 36.08 12.24
N ASP I 104 -45.15 37.00 13.00
CA ASP I 104 -43.69 36.97 13.19
C ASP I 104 -43.25 35.85 14.13
N ALA I 105 -42.78 34.76 13.52
CA ALA I 105 -42.48 33.55 14.25
C ALA I 105 -41.07 33.59 14.84
N ARG I 106 -40.47 34.78 14.81
CA ARG I 106 -39.14 35.03 15.38
C ARG I 106 -39.24 35.01 16.91
N VAL I 107 -38.72 33.97 17.55
CA VAL I 107 -38.84 33.84 19.00
C VAL I 107 -37.50 33.58 19.65
N VAL I 108 -37.34 34.00 20.91
CA VAL I 108 -36.12 33.79 21.69
C VAL I 108 -35.58 32.38 21.57
N GLU I 109 -34.28 32.26 21.29
CA GLU I 109 -33.63 30.97 21.11
C GLU I 109 -33.15 30.42 22.46
N ARG I 110 -33.37 29.11 22.66
CA ARG I 110 -33.06 28.39 23.89
C ARG I 110 -31.62 28.53 24.31
N LYS I 111 -31.36 28.46 25.62
CA LYS I 111 -29.99 28.47 26.16
C LYS I 111 -29.33 27.11 26.06
N LYS I 112 -28.20 27.05 25.37
CA LYS I 112 -27.51 25.78 25.15
C LYS I 112 -26.43 25.59 26.21
N TYR I 113 -26.24 24.35 26.67
CA TYR I 113 -25.16 24.06 27.62
C TYR I 113 -23.76 24.23 27.03
N GLY I 114 -22.81 24.61 27.87
CA GLY I 114 -21.46 24.75 27.37
C GLY I 114 -21.33 26.00 26.54
N LYS I 115 -22.44 26.69 26.35
CA LYS I 115 -22.40 28.03 25.82
C LYS I 115 -22.67 28.95 27.00
N HIS I 116 -22.65 30.24 26.79
CA HIS I 116 -22.94 31.15 27.87
C HIS I 116 -24.39 31.55 27.77
N LYS I 117 -25.01 31.18 26.65
CA LYS I 117 -26.11 31.98 26.17
C LYS I 117 -26.53 31.57 24.77
N ALA I 118 -26.94 30.32 24.58
CA ALA I 118 -27.37 29.86 23.24
C ALA I 118 -26.28 29.85 22.15
N ARG I 119 -25.67 30.99 21.90
CA ARG I 119 -24.61 31.07 20.89
C ARG I 119 -23.32 31.68 21.41
N ARG I 120 -23.43 32.65 22.32
CA ARG I 120 -22.27 33.19 22.99
C ARG I 120 -21.50 32.00 23.48
N ALA I 121 -20.28 31.84 22.97
CA ALA I 121 -19.44 30.74 23.36
C ALA I 121 -18.42 31.21 24.37
N PRO I 122 -18.08 30.35 25.34
CA PRO I 122 -17.11 30.77 26.34
C PRO I 122 -15.77 30.99 25.69
N GLN I 123 -15.03 31.95 26.23
CA GLN I 123 -13.76 32.34 25.64
C GLN I 123 -12.63 31.40 26.05
N TYR I 124 -11.74 31.06 25.11
CA TYR I 124 -10.66 30.15 25.43
C TYR I 124 -9.31 30.74 25.12
N SER I 125 -8.28 30.14 25.71
CA SER I 125 -6.90 30.54 25.45
C SER I 125 -6.05 29.39 24.88
N LYS I 126 -4.81 29.73 24.52
CA LYS I 126 -3.82 28.78 24.00
C LYS I 126 -4.27 27.96 22.79
N ARG I 127 -3.97 28.46 21.59
CA ARG I 127 -4.32 27.78 20.33
C ARG I 127 -3.52 28.35 19.16
N LYS J 1 -71.49 17.83 44.82
CA LYS J 1 -70.44 18.44 44.02
C LYS J 1 -69.04 17.91 44.37
N ILE J 2 -68.69 16.75 43.82
CA ILE J 2 -67.45 16.04 44.15
C ILE J 2 -66.20 16.50 43.36
N ARG J 3 -65.07 16.56 44.04
CA ARG J 3 -63.81 17.05 43.45
C ARG J 3 -62.80 15.94 43.23
N ILE J 4 -62.22 15.85 42.03
CA ILE J 4 -61.32 14.75 41.69
C ILE J 4 -60.08 15.17 40.90
N LYS J 5 -59.02 15.58 41.58
CA LYS J 5 -57.79 15.97 40.91
C LYS J 5 -56.96 14.73 40.58
N LEU J 6 -56.91 14.38 39.30
CA LEU J 6 -56.16 13.22 38.81
C LEU J 6 -54.75 13.63 38.39
N ARG J 7 -53.77 12.76 38.66
CA ARG J 7 -52.39 13.03 38.26
C ARG J 7 -51.49 11.81 38.23
N GLY J 8 -50.62 11.77 37.22
CA GLY J 8 -49.64 10.71 37.07
C GLY J 8 -48.47 11.18 36.21
N PHE J 9 -47.54 10.27 35.90
CA PHE J 9 -46.39 10.63 35.08
C PHE J 9 -46.61 10.36 33.60
N ASP J 10 -47.66 9.59 33.29
CA ASP J 10 -48.05 9.37 31.91
C ASP J 10 -49.44 9.89 31.63
N HIS J 11 -49.62 10.44 30.44
CA HIS J 11 -50.84 11.13 30.07
C HIS J 11 -51.68 10.37 29.06
N LYS J 12 -51.11 9.31 28.50
CA LYS J 12 -51.90 8.42 27.67
C LYS J 12 -52.78 7.62 28.62
N THR J 13 -52.24 7.37 29.81
CA THR J 13 -52.89 6.56 30.81
C THR J 13 -53.84 7.40 31.66
N LEU J 14 -53.61 8.71 31.71
CA LEU J 14 -54.52 9.62 32.41
C LEU J 14 -55.81 9.80 31.62
N ASP J 15 -55.72 10.43 30.46
CA ASP J 15 -56.90 10.75 29.66
C ASP J 15 -57.73 9.52 29.29
N ALA J 16 -57.14 8.34 29.42
CA ALA J 16 -57.84 7.09 29.14
C ALA J 16 -58.41 6.47 30.40
N SER J 17 -58.26 7.15 31.54
CA SER J 17 -58.84 6.68 32.80
C SER J 17 -59.58 7.80 33.54
N ALA J 18 -59.36 9.02 33.10
CA ALA J 18 -60.22 10.13 33.49
C ALA J 18 -61.49 9.96 32.69
N GLN J 19 -61.34 9.43 31.48
CA GLN J 19 -62.48 9.12 30.62
C GLN J 19 -63.33 8.03 31.27
N LYS J 20 -62.65 7.10 31.94
CA LYS J 20 -63.31 5.98 32.59
C LYS J 20 -63.91 6.38 33.94
N ILE J 21 -63.61 7.60 34.37
CA ILE J 21 -64.25 8.15 35.56
C ILE J 21 -65.51 8.89 35.13
N VAL J 22 -65.52 9.36 33.88
CA VAL J 22 -66.73 9.95 33.30
C VAL J 22 -67.61 8.88 32.66
N GLU J 23 -67.94 7.85 33.43
CA GLU J 23 -68.77 6.76 32.96
C GLU J 23 -70.10 6.74 33.68
N ALA J 24 -70.45 7.86 34.29
CA ALA J 24 -71.78 8.06 34.82
C ALA J 24 -72.75 8.07 33.64
N ALA J 25 -72.44 8.96 32.69
CA ALA J 25 -73.15 9.11 31.43
C ALA J 25 -72.39 10.18 30.63
N ARG J 26 -72.69 10.31 29.34
CA ARG J 26 -72.06 11.38 28.55
C ARG J 26 -72.56 12.76 29.00
N ARG J 27 -73.89 12.87 29.13
CA ARG J 27 -74.55 14.02 29.75
C ARG J 27 -76.07 13.79 29.93
N SER J 28 -76.42 12.80 30.76
CA SER J 28 -77.82 12.44 30.96
C SER J 28 -78.22 12.16 32.42
N GLY J 29 -77.23 12.00 33.30
CA GLY J 29 -77.48 11.77 34.72
C GLY J 29 -77.08 12.95 35.58
N ALA J 30 -75.81 13.00 35.96
CA ALA J 30 -75.23 14.19 36.59
C ALA J 30 -74.49 15.00 35.52
N GLN J 31 -74.25 16.28 35.79
CA GLN J 31 -73.81 17.21 34.74
C GLN J 31 -72.57 16.79 33.94
N VAL J 32 -71.52 16.36 34.65
CA VAL J 32 -70.21 16.13 34.04
C VAL J 32 -69.57 17.43 33.54
N SER J 33 -68.43 17.79 34.12
CA SER J 33 -67.74 19.04 33.78
C SER J 33 -66.57 18.81 32.84
N GLY J 34 -66.58 17.68 32.13
CA GLY J 34 -65.54 17.31 31.18
C GLY J 34 -64.17 17.11 31.79
N PRO J 35 -63.37 16.20 31.23
CA PRO J 35 -61.99 16.07 31.73
C PRO J 35 -61.19 17.38 31.57
N ILE J 36 -60.88 18.03 32.69
CA ILE J 36 -60.22 19.34 32.68
C ILE J 36 -58.70 19.27 32.49
N PRO J 37 -58.18 19.94 31.44
CA PRO J 37 -56.75 19.93 31.05
C PRO J 37 -55.84 20.16 32.23
N LEU J 38 -55.66 21.40 32.70
CA LEU J 38 -54.95 21.71 33.95
C LEU J 38 -53.44 21.46 33.85
N PRO J 39 -52.65 22.54 33.82
CA PRO J 39 -51.24 22.53 33.41
C PRO J 39 -50.37 21.50 34.12
N THR J 40 -49.40 20.94 33.39
CA THR J 40 -48.46 19.98 33.94
C THR J 40 -47.23 20.65 34.55
N ARG J 41 -46.65 20.01 35.57
CA ARG J 41 -45.50 20.56 36.28
C ARG J 41 -44.24 19.76 35.98
N VAL J 42 -43.24 20.44 35.43
CA VAL J 42 -42.05 19.79 34.88
C VAL J 42 -40.79 19.98 35.71
N ARG J 43 -40.37 18.92 36.40
CA ARG J 43 -39.10 18.93 37.10
C ARG J 43 -38.01 18.55 36.12
N ARG J 44 -36.84 19.17 36.25
CA ARG J 44 -35.73 18.87 35.36
C ARG J 44 -34.46 18.58 36.15
N PHE J 45 -33.64 17.68 35.63
CA PHE J 45 -32.35 17.40 36.24
C PHE J 45 -31.31 17.51 35.16
N THR J 46 -30.20 18.16 35.46
CA THR J 46 -29.17 18.27 34.46
C THR J 46 -27.84 17.69 34.90
N VAL J 47 -27.47 16.61 34.24
CA VAL J 47 -26.34 15.83 34.65
C VAL J 47 -25.21 15.97 33.65
N ILE J 48 -24.03 16.26 34.18
CA ILE J 48 -22.73 16.14 33.52
C ILE J 48 -22.60 14.71 32.99
N ARG J 49 -22.24 14.56 31.72
CA ARG J 49 -22.36 13.25 31.06
C ARG J 49 -21.43 12.15 31.58
N GLY J 50 -20.16 12.47 31.74
CA GLY J 50 -19.23 11.47 32.23
C GLY J 50 -18.94 11.62 33.71
N PRO J 51 -18.29 10.61 34.28
CA PRO J 51 -17.70 10.85 35.60
C PRO J 51 -16.44 11.67 35.36
N PHE J 52 -15.93 12.34 36.38
CA PHE J 52 -14.66 13.07 36.27
C PHE J 52 -14.42 14.02 35.08
N LYS J 53 -14.52 15.31 35.38
CA LYS J 53 -14.35 16.43 34.44
C LYS J 53 -15.24 16.42 33.20
N HIS J 54 -14.81 17.15 32.19
CA HIS J 54 -15.59 17.35 30.97
C HIS J 54 -16.81 18.18 31.25
N LYS J 55 -16.61 19.33 31.91
CA LYS J 55 -17.69 20.26 32.29
C LYS J 55 -18.77 20.42 31.24
N ASP J 56 -18.34 20.49 29.98
CA ASP J 56 -19.15 20.99 28.90
C ASP J 56 -20.03 19.95 28.25
N SER J 57 -20.08 18.79 28.90
CA SER J 57 -20.80 17.67 28.35
C SER J 57 -22.29 17.82 28.55
N ARG J 58 -22.79 17.47 29.74
CA ARG J 58 -24.21 17.69 30.10
C ARG J 58 -25.27 16.87 29.36
N GLU J 59 -26.33 16.48 30.07
CA GLU J 59 -27.48 15.82 29.44
C GLU J 59 -28.75 16.04 30.24
N HIS J 60 -29.83 16.39 29.56
CA HIS J 60 -31.04 16.79 30.28
C HIS J 60 -32.03 15.66 30.50
N PHE J 61 -32.59 15.62 31.69
CA PHE J 61 -33.66 14.71 32.01
C PHE J 61 -34.80 15.51 32.56
N GLU J 62 -36.03 15.09 32.29
CA GLU J 62 -37.18 15.71 32.90
C GLU J 62 -38.10 14.63 33.45
N LEU J 63 -38.90 14.99 34.45
CA LEU J 63 -39.96 14.13 34.97
C LEU J 63 -41.23 14.98 35.07
N ARG J 64 -42.22 14.73 34.21
CA ARG J 64 -43.36 15.63 34.17
C ARG J 64 -44.66 15.04 34.70
N THR J 65 -45.28 15.76 35.64
CA THR J 65 -46.54 15.34 36.26
C THR J 65 -47.73 16.00 35.56
N HIS J 66 -48.62 15.20 34.97
CA HIS J 66 -49.78 15.76 34.30
C HIS J 66 -50.99 15.69 35.21
N ASN J 67 -51.82 16.73 35.18
CA ASN J 67 -52.91 16.84 36.14
C ASN J 67 -54.27 17.09 35.49
N ARG J 68 -55.28 16.32 35.86
CA ARG J 68 -56.65 16.48 35.32
C ARG J 68 -57.64 16.87 36.43
N LEU J 69 -58.86 17.28 36.07
CA LEU J 69 -59.82 17.68 37.10
C LEU J 69 -61.22 17.07 37.10
N VAL J 70 -61.87 16.99 35.93
CA VAL J 70 -63.18 16.33 35.81
C VAL J 70 -64.34 16.96 36.61
N ASP J 71 -64.49 16.60 37.89
CA ASP J 71 -65.53 17.15 38.77
C ASP J 71 -66.96 16.90 38.32
N ILE J 72 -67.72 16.21 39.16
CA ILE J 72 -69.11 15.86 38.86
C ILE J 72 -70.10 16.57 39.81
N ILE J 73 -71.15 17.16 39.24
CA ILE J 73 -72.13 17.90 40.04
C ILE J 73 -73.41 17.09 40.28
N ASN J 74 -73.88 17.12 41.52
CA ASN J 74 -74.98 16.28 41.98
C ASN J 74 -74.72 14.77 41.88
N PRO J 75 -74.13 14.23 42.96
CA PRO J 75 -73.71 12.83 43.09
C PRO J 75 -74.83 11.89 43.53
N ASN J 76 -75.47 11.25 42.56
CA ASN J 76 -76.41 10.18 42.88
C ASN J 76 -75.61 9.00 43.38
N ARG J 77 -76.21 8.21 44.26
CA ARG J 77 -75.47 7.17 44.96
C ARG J 77 -74.96 6.04 44.08
N LYS J 78 -75.64 5.76 42.97
CA LYS J 78 -75.18 4.73 42.05
C LYS J 78 -73.99 5.23 41.22
N THR J 79 -73.91 6.55 41.05
CA THR J 79 -72.75 7.17 40.42
C THR J 79 -71.53 6.89 41.29
N ILE J 80 -71.70 7.02 42.61
CA ILE J 80 -70.64 6.69 43.57
C ILE J 80 -70.32 5.19 43.62
N GLU J 81 -71.35 4.34 43.59
CA GLU J 81 -71.15 2.89 43.60
C GLU J 81 -70.18 2.46 42.52
N GLN J 82 -70.11 3.23 41.44
CA GLN J 82 -69.20 2.95 40.35
C GLN J 82 -67.75 3.34 40.67
N LEU J 83 -67.57 4.13 41.72
CA LEU J 83 -66.23 4.47 42.18
C LEU J 83 -65.59 3.36 43.03
N MET J 84 -66.15 2.16 42.93
CA MET J 84 -65.58 1.01 43.63
C MET J 84 -64.52 0.35 42.73
N THR J 85 -64.45 -0.97 42.75
CA THR J 85 -63.43 -1.70 41.97
C THR J 85 -63.69 -1.62 40.46
N LEU J 86 -63.40 -0.46 39.89
CA LEU J 86 -63.50 -0.23 38.45
C LEU J 86 -62.31 0.62 37.95
N ASP J 87 -61.14 -0.02 37.83
CA ASP J 87 -59.91 0.64 37.34
C ASP J 87 -58.91 -0.33 36.69
N LEU J 88 -57.96 0.23 35.95
CA LEU J 88 -56.87 -0.52 35.32
C LEU J 88 -55.49 0.19 35.39
N PRO J 89 -55.44 1.55 35.30
CA PRO J 89 -54.11 2.18 35.39
C PRO J 89 -53.43 2.06 36.75
N THR J 90 -52.12 1.87 36.69
CA THR J 90 -51.27 1.65 37.86
C THR J 90 -50.49 2.91 38.23
N GLY J 91 -50.14 3.71 37.22
CA GLY J 91 -49.34 4.90 37.43
C GLY J 91 -50.14 6.19 37.50
N VAL J 92 -51.45 6.05 37.75
CA VAL J 92 -52.38 7.17 37.89
C VAL J 92 -52.85 7.31 39.32
N GLU J 93 -52.87 8.53 39.84
CA GLU J 93 -53.37 8.74 41.20
C GLU J 93 -54.59 9.64 41.31
N ILE J 94 -55.18 9.65 42.50
CA ILE J 94 -56.58 10.01 42.69
C ILE J 94 -56.85 10.83 43.96
N GLU J 95 -56.91 12.16 43.86
CA GLU J 95 -57.32 12.93 45.01
C GLU J 95 -58.85 13.06 44.93
N ILE J 96 -59.51 12.94 46.07
CA ILE J 96 -60.97 13.13 46.13
C ILE J 96 -61.41 14.02 47.30
N LYS J 97 -62.06 15.13 46.95
CA LYS J 97 -62.72 16.00 47.93
C LYS J 97 -64.16 16.26 47.48
N THR J 98 -64.97 16.87 48.36
CA THR J 98 -66.34 17.24 48.00
C THR J 98 -66.68 18.68 48.45
N LYS K 1 12.14 76.61 -27.82
CA LYS K 1 11.70 77.56 -28.84
C LYS K 1 12.19 77.19 -30.25
N ARG K 2 12.49 75.91 -30.47
CA ARG K 2 12.96 75.42 -31.77
C ARG K 2 11.86 75.51 -32.81
N GLN K 3 10.64 75.21 -32.38
CA GLN K 3 9.48 75.00 -33.26
C GLN K 3 9.67 73.77 -34.15
N VAL K 4 8.81 72.79 -34.00
CA VAL K 4 8.93 71.53 -34.73
C VAL K 4 7.59 70.99 -35.27
N ALA K 5 6.54 71.06 -34.45
CA ALA K 5 5.21 70.54 -34.79
C ALA K 5 5.17 69.03 -34.96
N SER K 6 5.90 68.54 -35.95
CA SER K 6 5.99 67.10 -36.23
C SER K 6 7.21 66.51 -35.56
N GLY K 7 7.04 65.37 -34.89
CA GLY K 7 8.12 64.74 -34.17
C GLY K 7 7.85 63.28 -33.87
N ARG K 8 8.74 62.66 -33.09
CA ARG K 8 8.69 61.23 -32.78
C ARG K 8 8.74 60.95 -31.29
N ALA K 9 7.98 59.95 -30.85
CA ALA K 9 8.00 59.52 -29.45
C ALA K 9 8.54 58.09 -29.32
N TYR K 10 9.68 57.97 -28.66
CA TYR K 10 10.25 56.66 -28.40
C TYR K 10 9.93 56.23 -26.97
N ILE K 11 9.01 55.29 -26.83
CA ILE K 11 8.75 54.72 -25.51
C ILE K 11 9.72 53.60 -25.22
N HIS K 12 10.52 53.74 -24.18
CA HIS K 12 11.43 52.65 -23.86
C HIS K 12 10.94 51.82 -22.70
N ALA K 13 10.23 50.73 -22.99
CA ALA K 13 9.61 49.91 -21.95
C ALA K 13 10.57 48.91 -21.33
N SER K 14 10.36 48.63 -20.04
CA SER K 14 11.21 47.73 -19.27
C SER K 14 10.52 47.34 -17.98
N TYR K 15 10.85 46.17 -17.46
CA TYR K 15 10.18 45.67 -16.27
C TYR K 15 10.58 46.46 -15.02
N ASN K 16 11.24 47.60 -15.24
CA ASN K 16 11.99 48.30 -14.19
C ASN K 16 11.86 49.82 -14.13
N ASN K 17 11.31 50.36 -15.22
CA ASN K 17 11.17 51.79 -15.49
C ASN K 17 10.58 51.97 -16.87
N THR K 18 10.18 53.20 -17.16
CA THR K 18 9.67 53.56 -18.48
C THR K 18 10.27 54.89 -18.83
N ILE K 19 10.88 55.01 -20.01
CA ILE K 19 11.49 56.28 -20.35
C ILE K 19 11.04 56.77 -21.74
N VAL K 20 10.52 57.98 -21.80
CA VAL K 20 9.91 58.49 -23.02
C VAL K 20 10.73 59.61 -23.64
N THR K 21 11.34 59.37 -24.79
CA THR K 21 12.09 60.44 -25.44
C THR K 21 11.31 61.00 -26.61
N ILE K 22 11.21 62.33 -26.67
CA ILE K 22 10.63 63.03 -27.82
C ILE K 22 11.71 63.69 -28.68
N THR K 23 11.63 63.48 -29.98
CA THR K 23 12.67 63.94 -30.90
C THR K 23 12.08 64.69 -32.10
N ASP K 24 12.95 65.31 -32.89
CA ASP K 24 12.54 65.89 -34.16
C ASP K 24 12.51 64.79 -35.23
N PRO K 25 11.92 65.08 -36.41
CA PRO K 25 11.82 64.07 -37.48
C PRO K 25 13.14 63.42 -37.95
N ASP K 26 14.27 63.96 -37.52
CA ASP K 26 15.56 63.35 -37.81
C ASP K 26 15.89 62.32 -36.74
N GLY K 27 15.42 62.57 -35.52
CA GLY K 27 15.59 61.65 -34.44
C GLY K 27 16.29 62.25 -33.24
N ASN K 28 16.61 63.54 -33.32
CA ASN K 28 17.31 64.21 -32.24
C ASN K 28 16.36 64.72 -31.17
N PRO K 29 16.64 64.35 -29.91
CA PRO K 29 15.69 64.61 -28.83
C PRO K 29 15.38 66.08 -28.59
N ILE K 30 14.10 66.39 -28.50
CA ILE K 30 13.66 67.69 -28.08
C ILE K 30 13.66 67.66 -26.57
N THR K 31 13.12 66.57 -26.03
CA THR K 31 12.91 66.42 -24.60
C THR K 31 12.66 64.98 -24.22
N TRP K 32 12.84 64.65 -22.94
CA TRP K 32 12.62 63.28 -22.46
C TRP K 32 12.02 63.26 -21.05
N SER K 33 11.66 62.06 -20.61
CA SER K 33 11.13 61.84 -19.27
C SER K 33 11.09 60.35 -18.92
N SER K 34 10.88 60.06 -17.65
CA SER K 34 10.90 58.68 -17.18
C SER K 34 10.28 58.62 -15.80
N GLY K 35 10.13 57.42 -15.25
CA GLY K 35 9.63 57.27 -13.90
C GLY K 35 10.43 58.02 -12.84
N GLY K 36 11.74 58.09 -13.02
CA GLY K 36 12.58 58.74 -12.03
C GLY K 36 12.48 60.25 -12.12
N VAL K 37 12.15 60.72 -13.31
CA VAL K 37 12.04 62.15 -13.52
C VAL K 37 10.79 62.67 -12.86
N ILE K 38 9.73 61.86 -12.81
CA ILE K 38 8.58 62.28 -12.02
C ILE K 38 8.71 61.90 -10.55
N GLY K 39 9.94 61.95 -10.04
CA GLY K 39 10.19 61.81 -8.61
C GLY K 39 9.90 60.48 -7.94
N TYR K 40 9.66 59.43 -8.72
CA TYR K 40 9.53 58.10 -8.15
C TYR K 40 10.92 57.49 -7.91
N LYS K 41 10.99 56.43 -7.12
CA LYS K 41 12.30 55.95 -6.70
C LYS K 41 12.65 54.52 -7.12
N GLY K 42 11.99 53.55 -6.52
CA GLY K 42 12.44 52.18 -6.69
C GLY K 42 11.63 51.41 -7.70
N SER K 43 10.77 50.55 -7.19
CA SER K 43 9.97 49.70 -8.02
C SER K 43 8.85 50.47 -8.71
N ARG K 44 8.44 51.60 -8.13
CA ARG K 44 7.28 52.30 -8.65
C ARG K 44 7.53 52.94 -10.02
N LYS K 45 8.79 53.05 -10.45
CA LYS K 45 9.07 53.62 -11.79
C LYS K 45 8.64 52.70 -12.95
N GLY K 46 8.62 51.40 -12.65
CA GLY K 46 8.12 50.43 -13.62
C GLY K 46 6.61 50.48 -13.67
N THR K 47 6.00 50.87 -12.55
CA THR K 47 4.55 50.96 -12.45
C THR K 47 3.99 51.72 -13.64
N PRO K 48 2.88 51.22 -14.20
CA PRO K 48 2.30 51.84 -15.38
C PRO K 48 1.74 53.21 -15.07
N TYR K 49 1.29 53.47 -13.84
CA TYR K 49 0.86 54.83 -13.52
C TYR K 49 1.99 55.81 -13.78
N ALA K 50 3.16 55.49 -13.24
CA ALA K 50 4.37 56.24 -13.51
C ALA K 50 4.50 56.45 -15.01
N ALA K 51 4.30 55.39 -15.76
CA ALA K 51 4.49 55.47 -17.20
C ALA K 51 3.51 56.45 -17.80
N GLN K 52 2.34 56.56 -17.20
CA GLN K 52 1.35 57.48 -17.71
C GLN K 52 1.85 58.91 -17.51
N LEU K 53 2.28 59.23 -16.29
CA LEU K 53 2.84 60.54 -16.00
C LEU K 53 4.09 60.81 -16.84
N ALA K 54 4.96 59.81 -16.91
CA ALA K 54 6.23 59.94 -17.62
C ALA K 54 6.00 60.36 -19.08
N ALA K 55 4.95 59.82 -19.69
CA ALA K 55 4.59 60.19 -21.05
C ALA K 55 3.93 61.56 -21.06
N LEU K 56 2.98 61.78 -20.16
CA LEU K 56 2.31 63.07 -20.08
C LEU K 56 3.29 64.20 -19.83
N ASP K 57 4.18 64.03 -18.85
CA ASP K 57 5.23 65.01 -18.62
C ASP K 57 6.03 65.27 -19.89
N ALA K 58 6.57 64.20 -20.49
CA ALA K 58 7.37 64.34 -21.70
C ALA K 58 6.56 65.01 -22.80
N ALA K 59 5.26 64.75 -22.84
CA ALA K 59 4.40 65.42 -23.80
C ALA K 59 4.44 66.91 -23.57
N LYS K 60 3.83 67.37 -22.47
CA LYS K 60 3.70 68.79 -22.17
C LYS K 60 4.99 69.55 -22.45
N LYS K 61 6.08 69.01 -21.91
CA LYS K 61 7.43 69.55 -22.14
C LYS K 61 7.70 69.81 -23.62
N ALA K 62 7.23 68.91 -24.47
CA ALA K 62 7.41 69.06 -25.92
C ALA K 62 6.27 69.88 -26.52
N MET K 63 5.10 69.86 -25.89
CA MET K 63 3.97 70.61 -26.45
C MET K 63 4.24 72.10 -26.34
N ALA K 64 5.31 72.44 -25.63
CA ALA K 64 5.80 73.82 -25.58
C ALA K 64 6.98 74.06 -26.55
N TYR K 65 7.14 73.18 -27.53
CA TYR K 65 8.02 73.47 -28.64
C TYR K 65 7.10 73.49 -29.82
N GLY K 66 5.81 73.53 -29.51
CA GLY K 66 4.79 73.65 -30.51
C GLY K 66 4.55 72.38 -31.28
N MET K 67 4.90 71.24 -30.69
CA MET K 67 4.58 69.93 -31.24
C MET K 67 3.08 69.80 -31.37
N GLN K 68 2.64 68.90 -32.22
CA GLN K 68 1.22 68.60 -32.36
C GLN K 68 1.07 67.16 -32.79
N SER K 69 2.01 66.73 -33.63
CA SER K 69 1.95 65.44 -34.28
C SER K 69 3.16 64.59 -33.93
N VAL K 70 2.91 63.34 -33.58
CA VAL K 70 3.97 62.43 -33.20
C VAL K 70 3.80 61.07 -33.86
N ASP K 71 4.92 60.50 -34.29
CA ASP K 71 4.98 59.08 -34.65
C ASP K 71 5.47 58.33 -33.41
N VAL K 72 4.72 57.34 -32.95
CA VAL K 72 5.14 56.59 -31.78
C VAL K 72 5.94 55.35 -32.15
N ILE K 73 6.99 55.10 -31.40
CA ILE K 73 7.84 53.95 -31.60
C ILE K 73 8.08 53.27 -30.26
N VAL K 74 7.20 52.32 -29.95
CA VAL K 74 7.29 51.52 -28.74
C VAL K 74 8.50 50.64 -28.84
N ARG K 75 9.26 50.49 -27.76
CA ARG K 75 10.48 49.72 -27.89
C ARG K 75 10.88 49.07 -26.59
N GLY K 76 10.09 48.10 -26.15
CA GLY K 76 10.38 47.41 -24.91
C GLY K 76 9.31 46.39 -24.65
N THR K 77 9.59 45.47 -23.72
CA THR K 77 8.68 44.37 -23.44
C THR K 77 7.78 44.66 -22.26
N GLY K 78 8.15 45.67 -21.47
CA GLY K 78 7.66 45.78 -20.10
C GLY K 78 6.26 46.29 -19.84
N ALA K 79 5.92 46.32 -18.54
CA ALA K 79 4.66 46.86 -18.06
C ALA K 79 4.72 48.36 -18.23
N GLY K 80 3.55 48.99 -18.34
CA GLY K 80 3.49 50.43 -18.51
C GLY K 80 3.87 50.82 -19.92
N ARG K 81 3.88 49.83 -20.79
CA ARG K 81 4.21 50.04 -22.18
C ARG K 81 3.01 50.67 -22.89
N GLU K 82 1.88 49.97 -22.87
CA GLU K 82 0.68 50.44 -23.56
C GLU K 82 0.11 51.66 -22.85
N GLN K 83 0.31 51.71 -21.55
CA GLN K 83 -0.21 52.82 -20.78
C GLN K 83 0.54 54.08 -21.13
N ALA K 84 1.79 53.92 -21.57
CA ALA K 84 2.59 55.09 -21.96
C ALA K 84 2.05 55.59 -23.27
N ILE K 85 1.54 54.68 -24.09
CA ILE K 85 0.84 55.06 -25.31
C ILE K 85 -0.49 55.74 -24.97
N ARG K 86 -1.29 55.08 -24.14
CA ARG K 86 -2.55 55.65 -23.69
C ARG K 86 -2.34 57.11 -23.30
N ALA K 87 -1.33 57.36 -22.48
CA ALA K 87 -1.04 58.73 -22.06
C ALA K 87 -0.69 59.66 -23.23
N LEU K 88 0.11 59.13 -24.16
CA LEU K 88 0.53 59.86 -25.34
C LEU K 88 -0.66 60.27 -26.19
N GLN K 89 -1.60 59.37 -26.37
CA GLN K 89 -2.82 59.64 -27.14
C GLN K 89 -3.64 60.76 -26.50
N ALA K 90 -3.93 60.58 -25.20
CA ALA K 90 -4.83 61.48 -24.47
C ALA K 90 -4.19 62.83 -24.09
N SER K 91 -3.16 63.21 -24.81
CA SER K 91 -2.48 64.46 -24.54
C SER K 91 -2.68 65.44 -25.68
N GLY K 92 -3.71 65.20 -26.48
CA GLY K 92 -4.03 66.11 -27.57
C GLY K 92 -3.08 65.97 -28.74
N LEU K 93 -1.80 65.80 -28.47
CA LEU K 93 -0.80 65.43 -29.48
C LEU K 93 -1.37 64.40 -30.45
N GLN K 94 -1.45 64.73 -31.74
CA GLN K 94 -1.94 63.75 -32.68
C GLN K 94 -0.90 62.67 -32.81
N VAL K 95 -1.30 61.43 -32.52
CA VAL K 95 -0.43 60.26 -32.74
C VAL K 95 -0.64 59.74 -34.18
N LYS K 96 0.31 60.05 -35.05
CA LYS K 96 0.16 59.75 -36.47
C LYS K 96 0.32 58.27 -36.81
N SER K 97 1.00 57.51 -35.94
CA SER K 97 1.27 56.08 -36.15
C SER K 97 2.15 55.47 -35.07
N ILE K 98 1.73 54.31 -34.54
CA ILE K 98 2.52 53.56 -33.55
C ILE K 98 3.21 52.35 -34.18
N VAL K 99 4.47 52.13 -33.83
CA VAL K 99 5.29 51.07 -34.40
C VAL K 99 6.03 50.37 -33.27
N ASP K 100 5.99 49.04 -33.22
CA ASP K 100 6.85 48.33 -32.28
C ASP K 100 8.20 48.09 -32.92
N ASP K 101 9.25 48.52 -32.24
CA ASP K 101 10.59 48.40 -32.77
C ASP K 101 11.50 47.81 -31.70
N THR K 102 10.97 46.86 -30.93
CA THR K 102 11.79 46.20 -29.92
C THR K 102 12.90 45.45 -30.63
N PRO K 103 14.16 45.70 -30.23
CA PRO K 103 15.31 45.10 -30.91
C PRO K 103 15.51 43.66 -30.46
N VAL K 104 15.79 42.78 -31.41
CA VAL K 104 15.96 41.37 -31.06
C VAL K 104 17.04 40.73 -31.90
N PRO K 105 18.03 40.11 -31.25
CA PRO K 105 19.17 39.53 -31.95
C PRO K 105 18.72 38.34 -32.76
N HIS K 106 19.46 38.01 -33.82
CA HIS K 106 19.21 36.78 -34.56
C HIS K 106 20.09 35.69 -33.94
N ASN K 107 19.75 35.43 -32.68
CA ASN K 107 20.60 34.78 -31.69
C ASN K 107 22.07 35.10 -31.78
N GLY K 108 22.51 35.98 -30.88
CA GLY K 108 23.83 36.57 -30.96
C GLY K 108 24.68 36.55 -29.70
N CYS K 109 24.31 37.36 -28.71
CA CYS K 109 25.09 37.44 -27.49
C CYS K 109 24.60 36.57 -26.36
N ARG K 110 25.52 35.89 -25.69
CA ARG K 110 25.15 35.07 -24.55
C ARG K 110 24.48 35.95 -23.51
N PRO K 111 23.20 35.70 -23.25
CA PRO K 111 22.44 36.53 -22.31
C PRO K 111 22.92 36.37 -20.87
N LYS K 112 22.53 37.29 -20.01
CA LYS K 112 22.77 37.17 -18.59
C LYS K 112 22.08 35.88 -18.16
N LYS K 113 22.64 35.23 -17.14
CA LYS K 113 22.02 34.04 -16.53
C LYS K 113 20.55 34.24 -16.18
N LYS K 114 20.25 35.27 -15.40
CA LYS K 114 18.88 35.64 -15.05
C LYS K 114 17.91 35.49 -16.23
N PHE K 115 18.38 35.81 -17.43
CA PHE K 115 17.53 35.81 -18.61
C PHE K 115 17.74 34.62 -19.53
N ARG K 116 17.88 33.41 -18.99
CA ARG K 116 18.02 32.29 -19.89
C ARG K 116 17.53 30.98 -19.30
N LYS K 117 17.85 30.74 -18.03
CA LYS K 117 17.37 29.56 -17.31
C LYS K 117 17.58 28.24 -18.09
N ALA K 118 16.71 28.00 -19.08
CA ALA K 118 16.89 26.93 -20.05
C ALA K 118 17.24 27.56 -21.38
N SER K 119 18.41 28.21 -21.43
CA SER K 119 18.91 28.96 -22.59
C SER K 119 18.14 30.26 -22.90
N PRO L 1 26.45 -16.76 -20.95
CA PRO L 1 27.49 -16.47 -21.95
C PRO L 1 27.50 -17.56 -23.00
N THR L 2 28.13 -17.33 -24.16
CA THR L 2 28.07 -18.29 -25.23
C THR L 2 28.78 -19.56 -24.78
N ILE L 3 28.55 -20.70 -25.46
CA ILE L 3 29.31 -21.91 -25.12
C ILE L 3 30.77 -21.64 -25.34
N ASN L 4 31.08 -21.04 -26.49
CA ASN L 4 32.46 -20.69 -26.83
C ASN L 4 33.09 -19.78 -25.79
N GLN L 5 32.30 -18.85 -25.24
CA GLN L 5 32.75 -17.99 -24.14
C GLN L 5 33.09 -18.82 -22.91
N LEU L 6 32.22 -19.76 -22.57
CA LEU L 6 32.45 -20.63 -21.44
C LEU L 6 33.59 -21.56 -21.71
N VAL L 7 34.03 -21.59 -22.96
CA VAL L 7 35.18 -22.39 -23.35
C VAL L 7 36.44 -21.56 -23.15
N ARG L 8 36.38 -20.28 -23.54
CA ARG L 8 37.51 -19.36 -23.44
C ARG L 8 37.80 -18.94 -22.02
N LYS L 9 36.86 -18.24 -21.38
CA LYS L 9 36.93 -18.14 -19.93
C LYS L 9 36.25 -19.40 -19.45
N GLY L 10 35.95 -19.51 -18.17
CA GLY L 10 35.13 -20.61 -17.72
C GLY L 10 34.16 -20.06 -16.70
N ARG L 11 33.54 -20.94 -15.91
CA ARG L 11 32.92 -20.45 -14.69
C ARG L 11 34.00 -20.26 -13.63
N GLU L 12 33.61 -19.82 -12.45
CA GLU L 12 34.58 -19.51 -11.45
C GLU L 12 34.14 -20.01 -10.10
N LYS L 13 34.88 -20.99 -9.60
CA LYS L 13 34.54 -21.64 -8.34
C LYS L 13 34.61 -20.58 -7.26
N VAL L 14 33.91 -20.80 -6.14
CA VAL L 14 33.78 -19.78 -5.11
C VAL L 14 34.83 -19.90 -4.01
N ARG L 15 34.82 -19.01 -3.03
CA ARG L 15 35.79 -19.06 -1.95
C ARG L 15 35.19 -18.77 -0.57
N LYS L 16 35.48 -19.64 0.39
CA LYS L 16 34.96 -19.49 1.75
C LYS L 16 35.82 -18.61 2.63
N LYS L 17 35.21 -17.59 3.22
CA LYS L 17 35.90 -16.72 4.18
C LYS L 17 35.56 -17.21 5.58
N SER L 18 36.57 -17.57 6.35
CA SER L 18 36.34 -18.10 7.70
C SER L 18 35.81 -17.05 8.67
N LYS L 19 34.63 -17.29 9.22
CA LYS L 19 34.08 -16.34 10.19
C LYS L 19 34.83 -16.38 11.54
N VAL L 20 35.96 -17.09 11.57
CA VAL L 20 36.73 -17.34 12.78
C VAL L 20 38.19 -17.69 12.48
N PRO L 21 39.08 -16.70 12.36
CA PRO L 21 40.50 -17.12 12.26
C PRO L 21 41.19 -17.51 13.61
N ALA L 22 40.71 -18.68 14.07
CA ALA L 22 41.26 -19.45 15.20
C ALA L 22 42.37 -20.30 14.60
N LEU L 23 43.08 -19.72 13.63
CA LEU L 23 44.13 -20.34 12.78
C LEU L 23 44.00 -21.83 12.65
N LYS L 24 45.14 -22.51 12.45
CA LYS L 24 45.26 -23.97 12.40
C LYS L 24 44.03 -24.79 11.98
N GLY L 25 42.94 -24.10 11.62
CA GLY L 25 41.65 -24.72 11.44
C GLY L 25 41.00 -24.94 12.79
N ALA L 26 41.81 -25.41 13.73
CA ALA L 26 41.46 -25.91 15.07
C ALA L 26 40.10 -25.51 15.67
N PRO L 27 39.50 -26.43 16.42
CA PRO L 27 38.23 -26.17 17.05
C PRO L 27 38.38 -25.28 18.29
N PHE L 28 39.56 -25.26 18.90
CA PHE L 28 39.81 -24.36 20.04
C PHE L 28 41.25 -23.86 20.08
N ARG L 29 41.43 -22.73 20.72
CA ARG L 29 42.73 -22.16 20.81
C ARG L 29 42.85 -21.54 22.19
N ARG L 30 44.05 -21.71 22.77
CA ARG L 30 44.36 -21.22 24.10
C ARG L 30 44.92 -19.83 24.01
N GLY L 31 44.66 -19.04 25.03
CA GLY L 31 45.14 -17.68 25.06
C GLY L 31 45.25 -17.14 26.47
N VAL L 32 45.74 -15.91 26.59
CA VAL L 32 45.82 -15.29 27.89
C VAL L 32 45.08 -13.98 27.90
N CYS L 33 44.26 -13.78 28.91
CA CYS L 33 43.51 -12.55 29.01
C CYS L 33 44.44 -11.39 29.26
N THR L 34 44.19 -10.31 28.57
CA THR L 34 45.01 -9.12 28.71
C THR L 34 44.14 -7.97 29.17
N VAL L 35 42.84 -8.10 28.92
CA VAL L 35 41.88 -7.11 29.36
C VAL L 35 40.61 -7.88 29.68
N VAL L 36 40.08 -7.72 30.88
CA VAL L 36 38.68 -8.08 31.07
C VAL L 36 37.88 -6.78 31.06
N ARG L 37 37.02 -6.65 30.07
CA ARG L 37 36.32 -5.40 29.88
C ARG L 37 34.85 -5.64 29.93
N THR L 38 34.12 -4.55 29.76
CA THR L 38 32.68 -4.60 29.68
C THR L 38 32.29 -3.83 28.43
N VAL L 39 31.30 -4.33 27.70
CA VAL L 39 30.93 -3.67 26.46
C VAL L 39 29.42 -3.42 26.34
N THR L 40 29.12 -2.21 25.86
CA THR L 40 27.79 -1.77 25.52
C THR L 40 27.37 -2.39 24.17
N PRO L 41 26.20 -3.05 24.14
CA PRO L 41 25.62 -3.75 22.99
C PRO L 41 25.01 -2.75 22.02
N LYS L 42 24.27 -3.20 21.01
CA LYS L 42 23.87 -2.24 20.01
C LYS L 42 22.40 -2.18 19.64
N LYS L 43 22.17 -1.43 18.58
CA LYS L 43 20.93 -1.44 17.82
C LYS L 43 19.75 -1.32 18.79
N PRO L 44 19.06 -2.44 19.18
CA PRO L 44 18.02 -2.15 20.17
C PRO L 44 18.23 -2.90 21.50
N ASN L 45 19.48 -3.01 21.91
CA ASN L 45 19.79 -3.71 23.13
C ASN L 45 20.78 -2.99 23.99
N SER L 46 20.40 -2.76 25.24
CA SER L 46 21.31 -2.14 26.21
C SER L 46 21.58 -3.11 27.34
N ALA L 47 22.82 -3.19 27.76
CA ALA L 47 23.22 -3.94 28.94
C ALA L 47 24.72 -3.76 29.11
N LEU L 48 25.33 -4.60 29.94
CA LEU L 48 26.76 -4.54 30.19
C LEU L 48 27.39 -5.89 29.93
N ARG L 49 28.04 -6.04 28.78
CA ARG L 49 28.45 -7.36 28.33
C ARG L 49 29.89 -7.71 28.67
N LYS L 50 30.12 -8.94 29.13
CA LYS L 50 31.47 -9.37 29.51
C LYS L 50 32.32 -9.92 28.36
N VAL L 51 33.54 -9.42 28.29
CA VAL L 51 34.37 -9.59 27.12
C VAL L 51 35.81 -9.72 27.62
N ALA L 52 36.71 -10.29 26.83
CA ALA L 52 38.10 -10.41 27.27
C ALA L 52 39.03 -10.37 26.07
N LYS L 53 39.89 -9.34 26.02
CA LYS L 53 40.90 -9.29 24.99
C LYS L 53 41.91 -10.38 25.27
N VAL L 54 42.01 -11.34 24.34
CA VAL L 54 42.78 -12.56 24.59
C VAL L 54 43.88 -12.73 23.55
N ARG L 55 45.09 -13.00 24.04
CA ARG L 55 46.30 -13.14 23.23
C ARG L 55 46.46 -14.63 23.00
N LEU L 56 46.35 -15.06 21.76
CA LEU L 56 46.21 -16.48 21.43
C LEU L 56 47.54 -17.15 21.14
N THR L 57 47.59 -18.49 21.30
CA THR L 57 48.77 -19.26 20.93
C THR L 57 49.02 -19.13 19.43
N SER L 58 47.96 -18.80 18.70
CA SER L 58 48.05 -18.60 17.26
C SER L 58 48.65 -17.24 16.87
N GLY L 59 49.23 -16.54 17.84
CA GLY L 59 49.78 -15.21 17.62
C GLY L 59 48.74 -14.20 17.16
N TYR L 60 47.60 -14.18 17.85
CA TYR L 60 46.49 -13.36 17.44
C TYR L 60 45.90 -12.72 18.69
N GLU L 61 45.70 -11.41 18.64
CA GLU L 61 45.05 -10.71 19.73
C GLU L 61 43.62 -10.38 19.31
N VAL L 62 42.71 -11.15 19.86
CA VAL L 62 41.30 -11.12 19.50
C VAL L 62 40.45 -10.94 20.74
N THR L 63 39.29 -10.33 20.57
CA THR L 63 38.41 -10.11 21.70
C THR L 63 37.36 -11.22 21.77
N ALA L 64 37.36 -11.97 22.87
CA ALA L 64 36.42 -13.08 23.05
C ALA L 64 35.40 -12.80 24.13
N TYR L 65 34.21 -13.39 24.03
CA TYR L 65 33.12 -13.09 24.96
C TYR L 65 33.07 -14.10 26.12
N ILE L 66 32.57 -13.65 27.26
CA ILE L 66 32.55 -14.48 28.47
C ILE L 66 31.15 -14.87 28.92
N PRO L 67 30.61 -16.00 28.42
CA PRO L 67 29.22 -16.34 28.69
C PRO L 67 29.01 -16.69 30.14
N GLY L 68 27.78 -16.50 30.62
CA GLY L 68 27.43 -17.00 31.93
C GLY L 68 26.99 -15.91 32.89
N GLU L 69 26.33 -16.32 33.96
CA GLU L 69 25.84 -15.44 35.03
C GLU L 69 26.87 -14.45 35.47
N GLY L 70 28.02 -14.96 35.86
CA GLY L 70 29.16 -14.09 36.12
C GLY L 70 30.47 -14.85 36.11
N HIS L 71 31.57 -14.14 35.85
CA HIS L 71 32.89 -14.78 35.70
C HIS L 71 33.91 -14.49 36.80
N ASN L 72 35.17 -14.75 36.50
CA ASN L 72 36.23 -14.63 37.47
C ASN L 72 37.57 -14.34 36.78
N LEU L 73 37.52 -13.71 35.62
CA LEU L 73 38.70 -13.56 34.76
C LEU L 73 39.47 -12.29 35.06
N GLN L 74 40.80 -12.39 35.05
CA GLN L 74 41.66 -11.26 35.37
C GLN L 74 42.69 -11.02 34.30
N GLU L 75 43.37 -9.89 34.37
CA GLU L 75 44.23 -9.50 33.28
C GLU L 75 45.48 -10.37 33.11
N HIS L 76 45.44 -11.60 33.64
CA HIS L 76 46.44 -12.62 33.32
C HIS L 76 45.87 -14.04 33.30
N SER L 77 44.54 -14.14 33.17
CA SER L 77 43.85 -15.43 33.12
C SER L 77 44.11 -16.17 31.81
N VAL L 78 44.73 -17.34 31.88
CA VAL L 78 44.83 -18.23 30.73
C VAL L 78 43.46 -18.89 30.46
N VAL L 79 43.06 -18.92 29.20
CA VAL L 79 41.66 -19.13 28.87
C VAL L 79 41.62 -19.92 27.57
N LEU L 80 40.56 -20.71 27.34
CA LEU L 80 40.44 -21.47 26.07
C LEU L 80 39.26 -21.00 25.26
N ILE L 81 39.46 -20.62 23.99
CA ILE L 81 38.35 -20.03 23.24
C ILE L 81 37.76 -20.90 22.15
N ARG L 82 36.63 -20.48 21.58
CA ARG L 82 35.90 -21.44 20.78
C ARG L 82 34.99 -20.97 19.65
N GLY L 83 34.98 -19.69 19.31
CA GLY L 83 34.19 -19.35 18.13
C GLY L 83 32.67 -19.31 18.34
N GLY L 84 32.07 -18.21 17.91
CA GLY L 84 30.67 -17.92 18.14
C GLY L 84 30.41 -16.42 18.10
N ARG L 85 29.57 -15.97 17.19
CA ARG L 85 29.21 -14.57 17.13
C ARG L 85 28.40 -14.20 18.34
N VAL L 86 28.75 -13.08 18.96
CA VAL L 86 27.81 -12.39 19.85
C VAL L 86 27.12 -11.32 19.01
N LYS L 87 25.85 -11.58 18.69
CA LYS L 87 25.14 -10.80 17.68
C LYS L 87 25.21 -9.29 17.92
N ASP L 88 25.06 -8.92 19.19
CA ASP L 88 24.99 -7.53 19.68
C ASP L 88 26.30 -6.79 19.71
N LEU L 89 27.33 -7.42 20.26
CA LEU L 89 28.66 -6.79 20.29
C LEU L 89 29.35 -7.03 18.97
N PRO L 90 29.39 -6.01 18.09
CA PRO L 90 29.95 -6.28 16.77
C PRO L 90 31.45 -6.39 16.91
N GLY L 91 32.04 -7.40 16.27
CA GLY L 91 33.48 -7.58 16.33
C GLY L 91 33.88 -8.50 17.45
N VAL L 92 32.88 -9.14 18.06
CA VAL L 92 33.14 -10.20 19.02
C VAL L 92 32.75 -11.51 18.33
N ARG L 93 33.72 -12.34 17.94
CA ARG L 93 33.44 -13.50 17.08
C ARG L 93 33.68 -14.86 17.68
N TYR L 94 34.25 -14.91 18.88
CA TYR L 94 34.49 -16.18 19.58
C TYR L 94 34.00 -16.12 21.00
N HIS L 95 33.68 -17.28 21.54
CA HIS L 95 33.33 -17.36 22.96
C HIS L 95 34.49 -17.94 23.73
N ILE L 96 34.51 -17.66 25.02
CA ILE L 96 35.41 -18.34 25.94
C ILE L 96 34.70 -19.57 26.48
N VAL L 97 35.34 -20.73 26.34
CA VAL L 97 34.82 -21.96 26.94
C VAL L 97 34.88 -21.88 28.45
N ARG L 98 33.74 -22.14 29.07
CA ARG L 98 33.59 -21.94 30.48
C ARG L 98 33.80 -23.25 31.18
N GLY L 99 34.81 -23.32 32.03
CA GLY L 99 35.14 -24.55 32.72
C GLY L 99 36.48 -25.11 32.30
N VAL L 100 37.21 -24.34 31.51
CA VAL L 100 38.53 -24.76 31.06
C VAL L 100 39.59 -23.72 31.38
N TYR L 101 40.63 -24.17 32.06
CA TYR L 101 41.75 -23.33 32.50
C TYR L 101 41.32 -22.43 33.65
N ASP L 102 41.63 -21.15 33.56
CA ASP L 102 41.38 -20.21 34.66
C ASP L 102 39.90 -19.88 34.87
N ALA L 103 39.12 -19.90 33.79
CA ALA L 103 37.71 -19.56 33.86
C ALA L 103 36.89 -20.70 34.46
N ALA L 104 36.10 -20.38 35.48
CA ALA L 104 35.43 -21.40 36.26
C ALA L 104 33.99 -21.60 35.82
N GLY L 105 33.53 -22.83 35.95
CA GLY L 105 32.15 -23.15 35.63
C GLY L 105 31.19 -22.26 36.38
N VAL L 106 30.17 -21.81 35.69
CA VAL L 106 29.08 -21.07 36.31
C VAL L 106 28.51 -21.80 37.55
N LYS L 107 28.57 -21.12 38.70
CA LYS L 107 28.15 -21.66 39.99
C LYS L 107 26.65 -21.88 40.07
N ASP L 108 26.25 -22.90 40.82
CA ASP L 108 24.84 -23.14 41.14
C ASP L 108 23.96 -23.09 39.90
N ARG L 109 24.39 -23.79 38.85
CA ARG L 109 23.55 -23.93 37.67
C ARG L 109 22.96 -25.32 37.61
N LYS L 110 21.72 -25.42 37.17
CA LYS L 110 20.99 -26.69 37.21
C LYS L 110 20.56 -27.11 35.80
N LYS L 111 20.35 -26.11 34.95
CA LYS L 111 19.82 -26.35 33.62
C LYS L 111 20.87 -26.78 32.62
N SER L 112 21.27 -25.88 31.73
CA SER L 112 22.10 -26.28 30.61
C SER L 112 23.56 -26.29 31.00
N ARG L 113 24.00 -27.33 31.68
CA ARG L 113 25.28 -27.32 32.39
C ARG L 113 26.57 -27.56 31.59
N SER L 114 26.48 -28.27 30.47
CA SER L 114 27.65 -28.59 29.68
C SER L 114 28.18 -27.35 29.02
N LYS L 115 27.28 -26.55 28.44
CA LYS L 115 27.62 -25.17 28.12
C LYS L 115 27.70 -24.57 29.50
N TYR L 116 28.66 -23.70 29.76
CA TYR L 116 28.92 -23.16 31.12
C TYR L 116 29.72 -24.11 32.04
N GLY L 117 29.92 -25.34 31.58
CA GLY L 117 30.81 -26.27 32.23
C GLY L 117 30.78 -26.40 33.74
N THR L 118 29.65 -26.86 34.27
CA THR L 118 29.53 -26.98 35.72
C THR L 118 29.05 -28.39 36.07
N LYS L 119 29.72 -29.05 37.02
CA LYS L 119 29.50 -30.48 37.24
C LYS L 119 28.09 -30.79 37.74
N LYS L 120 27.64 -32.02 37.51
CA LYS L 120 26.39 -32.49 38.09
C LYS L 120 26.43 -32.31 39.60
N PRO L 121 25.50 -31.51 40.14
CA PRO L 121 25.34 -31.33 41.58
C PRO L 121 24.90 -32.63 42.24
N LYS L 122 25.42 -32.90 43.43
CA LYS L 122 25.30 -34.20 44.07
C LYS L 122 23.96 -34.35 44.77
N GLU L 123 23.59 -35.59 45.09
CA GLU L 123 22.39 -35.85 45.85
C GLU L 123 22.31 -37.28 46.40
N ALA L 124 22.04 -37.38 47.70
CA ALA L 124 21.83 -38.65 48.38
C ALA L 124 20.89 -38.47 49.57
N ALA M 1 -18.27 77.53 53.97
CA ALA M 1 -17.89 78.04 55.29
C ALA M 1 -17.30 76.94 56.18
N ARG M 2 -16.69 77.34 57.30
CA ARG M 2 -16.06 76.40 58.21
C ARG M 2 -17.08 75.59 58.99
N ILE M 3 -17.35 74.37 58.56
CA ILE M 3 -18.32 73.56 59.28
C ILE M 3 -17.64 72.71 60.36
N ALA M 4 -16.74 71.82 59.94
CA ALA M 4 -16.03 71.02 60.91
C ALA M 4 -14.56 71.40 60.88
N GLY M 5 -13.84 71.02 61.94
CA GLY M 5 -12.45 71.37 62.14
C GLY M 5 -11.65 71.48 60.85
N VAL M 6 -11.27 72.71 60.51
CA VAL M 6 -10.54 73.04 59.28
C VAL M 6 -11.20 72.59 57.96
N GLU M 7 -12.53 72.49 57.96
CA GLU M 7 -13.24 72.10 56.75
C GLU M 7 -13.94 73.28 56.11
N ILE M 8 -14.13 73.22 54.80
CA ILE M 8 -14.58 74.38 54.02
C ILE M 8 -15.35 74.02 52.74
N PRO M 9 -16.53 73.38 52.85
CA PRO M 9 -17.12 72.92 51.59
C PRO M 9 -17.95 74.00 50.88
N ARG M 10 -17.56 74.48 49.70
CA ARG M 10 -18.31 75.58 49.04
C ARG M 10 -18.90 75.21 47.69
N ASN M 11 -19.94 75.93 47.28
CA ASN M 11 -20.34 76.04 45.87
C ASN M 11 -21.14 74.85 45.25
N LYS M 12 -21.32 73.77 46.00
CA LYS M 12 -22.19 72.68 45.56
C LYS M 12 -23.41 72.70 46.47
N ARG M 13 -24.33 71.75 46.28
CA ARG M 13 -25.46 71.62 47.17
C ARG M 13 -24.97 71.35 48.59
N VAL M 14 -25.72 71.80 49.59
CA VAL M 14 -25.28 71.69 50.97
C VAL M 14 -24.98 70.27 51.39
N ASP M 15 -25.89 69.36 51.09
CA ASP M 15 -25.71 67.95 51.45
C ASP M 15 -24.42 67.38 50.84
N VAL M 16 -24.25 67.55 49.54
CA VAL M 16 -23.06 67.05 48.86
C VAL M 16 -21.80 67.69 49.43
N ALA M 17 -21.90 68.94 49.83
CA ALA M 17 -20.75 69.65 50.34
C ALA M 17 -20.31 69.09 51.69
N LEU M 18 -21.26 68.78 52.55
CA LEU M 18 -20.95 68.34 53.91
C LEU M 18 -20.11 67.09 53.93
N THR M 19 -20.17 66.33 52.84
CA THR M 19 -19.48 65.04 52.78
C THR M 19 -17.98 65.25 52.61
N TYR M 20 -17.60 66.48 52.28
CA TYR M 20 -16.20 66.90 52.11
C TYR M 20 -15.47 67.00 53.47
N ILE M 21 -16.24 66.83 54.55
CA ILE M 21 -15.70 66.65 55.90
C ILE M 21 -15.39 65.16 56.12
N TYR M 22 -14.42 64.86 56.99
CA TYR M 22 -14.00 63.46 57.16
C TYR M 22 -15.13 62.56 57.64
N GLY M 23 -15.60 62.72 58.87
CA GLY M 23 -16.59 61.77 59.37
C GLY M 23 -18.00 61.83 58.76
N ILE M 24 -18.14 62.37 57.56
CA ILE M 24 -19.47 62.61 56.99
C ILE M 24 -19.66 62.14 55.54
N GLY M 25 -20.74 61.39 55.34
CA GLY M 25 -21.15 60.93 54.03
C GLY M 25 -22.61 61.24 53.73
N LYS M 26 -23.11 60.69 52.62
CA LYS M 26 -24.46 60.97 52.13
C LYS M 26 -25.52 60.88 53.21
N ALA M 27 -25.33 59.96 54.16
CA ALA M 27 -26.33 59.65 55.16
C ALA M 27 -26.32 60.59 56.36
N ARG M 28 -25.17 61.14 56.70
CA ARG M 28 -25.14 62.07 57.83
C ARG M 28 -25.42 63.48 57.35
N ALA M 29 -25.28 63.67 56.05
CA ALA M 29 -25.63 64.93 55.41
C ALA M 29 -27.13 65.06 55.42
N LYS M 30 -27.80 64.13 54.76
CA LYS M 30 -29.25 64.03 54.76
C LYS M 30 -29.80 64.29 56.15
N GLU M 31 -29.33 63.47 57.09
CA GLU M 31 -29.74 63.53 58.49
C GLU M 31 -29.60 64.93 59.09
N ALA M 32 -28.37 65.45 59.09
CA ALA M 32 -28.09 66.70 59.78
C ALA M 32 -28.66 67.93 59.09
N LEU M 33 -29.23 67.75 57.90
CA LEU M 33 -29.94 68.83 57.25
C LEU M 33 -31.42 68.75 57.59
N GLU M 34 -31.92 67.52 57.71
CA GLU M 34 -33.27 67.31 58.19
C GLU M 34 -33.38 67.81 59.62
N LYS M 35 -32.42 67.45 60.47
CA LYS M 35 -32.53 67.78 61.89
C LYS M 35 -32.15 69.22 62.23
N THR M 36 -31.74 70.00 61.22
CA THR M 36 -31.52 71.43 61.40
C THR M 36 -32.37 72.25 60.43
N GLY M 37 -33.09 71.55 59.57
CA GLY M 37 -34.11 72.17 58.73
C GLY M 37 -33.65 73.08 57.62
N ILE M 38 -32.39 72.93 57.20
CA ILE M 38 -31.89 73.66 56.04
C ILE M 38 -32.22 72.86 54.79
N ASN M 39 -32.79 73.51 53.78
CA ASN M 39 -33.06 72.81 52.53
C ASN M 39 -31.74 72.35 51.94
N PRO M 40 -31.59 71.02 51.82
CA PRO M 40 -30.37 70.42 51.29
C PRO M 40 -29.95 71.02 49.95
N ALA M 41 -30.93 71.37 49.13
CA ALA M 41 -30.67 71.75 47.75
C ALA M 41 -29.88 73.05 47.54
N THR M 42 -29.95 73.98 48.49
CA THR M 42 -29.35 75.32 48.33
C THR M 42 -27.84 75.23 48.15
N ARG M 43 -27.28 76.10 47.34
CA ARG M 43 -25.84 76.12 47.14
C ARG M 43 -25.22 76.59 48.45
N VAL M 44 -23.94 76.30 48.67
CA VAL M 44 -23.33 76.65 49.95
C VAL M 44 -23.28 78.16 50.15
N LYS M 45 -22.95 78.89 49.09
CA LYS M 45 -22.82 80.35 49.15
C LYS M 45 -24.11 81.08 49.51
N ASP M 46 -25.23 80.38 49.42
CA ASP M 46 -26.53 80.98 49.66
C ASP M 46 -27.08 80.52 51.00
N LEU M 47 -26.19 80.08 51.88
CA LEU M 47 -26.59 79.68 53.22
C LEU M 47 -26.54 80.87 54.14
N THR M 48 -27.60 81.03 54.94
CA THR M 48 -27.68 82.10 55.93
C THR M 48 -26.60 81.91 57.00
N GLU M 49 -25.95 82.98 57.41
CA GLU M 49 -24.94 82.90 58.46
C GLU M 49 -25.54 82.26 59.71
N ALA M 50 -26.83 82.49 59.90
CA ALA M 50 -27.58 81.85 60.96
C ALA M 50 -27.71 80.36 60.67
N GLU M 51 -27.96 80.02 59.41
CA GLU M 51 -28.07 78.63 59.01
C GLU M 51 -26.75 77.92 59.22
N VAL M 52 -25.69 78.46 58.63
CA VAL M 52 -24.34 77.91 58.77
C VAL M 52 -23.99 77.58 60.22
N VAL M 53 -24.61 78.30 61.16
CA VAL M 53 -24.35 78.10 62.58
C VAL M 53 -25.10 76.94 63.21
N ARG M 54 -26.40 76.83 62.94
CA ARG M 54 -27.19 75.71 63.45
C ARG M 54 -26.68 74.40 62.82
N LEU M 55 -26.01 74.52 61.67
CA LEU M 55 -25.44 73.38 60.96
C LEU M 55 -24.19 72.88 61.69
N ARG M 56 -23.28 73.80 61.96
CA ARG M 56 -22.04 73.50 62.67
C ARG M 56 -22.29 73.01 64.11
N GLU M 57 -23.21 73.67 64.80
CA GLU M 57 -23.50 73.34 66.19
C GLU M 57 -24.06 71.94 66.37
N TYR M 58 -24.57 71.37 65.29
CA TYR M 58 -25.02 69.98 65.31
C TYR M 58 -23.84 69.08 65.01
N VAL M 59 -23.46 69.10 63.74
CA VAL M 59 -22.36 68.33 63.19
C VAL M 59 -21.16 68.18 64.11
N GLU M 60 -20.72 69.28 64.73
CA GLU M 60 -19.48 69.26 65.50
C GLU M 60 -19.66 68.67 66.90
N ASN M 61 -20.77 69.01 67.54
CA ASN M 61 -21.00 68.58 68.91
C ASN M 61 -21.67 67.21 68.98
N THR M 62 -21.99 66.63 67.84
CA THR M 62 -22.78 65.39 67.86
C THR M 62 -22.04 64.16 67.31
N TRP M 63 -20.91 64.40 66.63
CA TRP M 63 -20.15 63.35 65.96
C TRP M 63 -18.63 63.53 66.03
N LYS M 64 -17.90 62.42 66.18
CA LYS M 64 -16.45 62.44 66.10
C LYS M 64 -16.05 62.55 64.63
N LEU M 65 -15.54 63.72 64.24
CA LEU M 65 -15.19 64.00 62.85
C LEU M 65 -13.72 64.38 62.67
N GLU M 66 -13.32 64.55 61.41
CA GLU M 66 -11.93 64.87 61.01
C GLU M 66 -10.81 64.33 61.93
N GLY M 67 -9.95 65.22 62.41
CA GLY M 67 -8.82 64.83 63.23
C GLY M 67 -9.16 63.88 64.36
N GLU M 68 -10.06 64.31 65.25
CA GLU M 68 -10.46 63.50 66.42
C GLU M 68 -11.02 62.11 66.06
N LEU M 69 -11.17 61.87 64.77
CA LEU M 69 -11.59 60.56 64.26
C LEU M 69 -10.39 59.82 63.66
N ARG M 70 -9.64 60.51 62.81
CA ARG M 70 -8.50 59.93 62.11
C ARG M 70 -7.51 59.27 63.05
N ALA M 71 -7.40 59.79 64.27
CA ALA M 71 -6.53 59.21 65.27
C ALA M 71 -7.31 58.41 66.31
N GLU M 72 -8.61 58.25 66.09
CA GLU M 72 -9.41 57.30 66.84
C GLU M 72 -9.28 55.94 66.19
N VAL M 73 -9.29 55.96 64.87
CA VAL M 73 -9.18 54.77 64.03
C VAL M 73 -7.76 54.25 64.04
N ALA M 74 -6.80 55.16 63.82
CA ALA M 74 -5.40 54.80 63.81
C ALA M 74 -5.04 54.12 65.13
N ALA M 75 -5.45 54.74 66.22
CA ALA M 75 -5.18 54.23 67.55
C ALA M 75 -6.08 53.05 67.86
N ASN M 76 -7.14 52.90 67.07
CA ASN M 76 -8.00 51.75 67.20
C ASN M 76 -7.30 50.51 66.64
N ILE M 77 -6.52 50.71 65.59
CA ILE M 77 -5.77 49.62 64.93
C ILE M 77 -4.62 49.17 65.80
N LYS M 78 -3.91 50.16 66.35
CA LYS M 78 -2.78 49.90 67.23
C LYS M 78 -3.23 49.01 68.39
N ARG M 79 -4.50 49.11 68.77
CA ARG M 79 -5.04 48.25 69.81
C ARG M 79 -4.89 46.79 69.43
N LEU M 80 -5.46 46.41 68.29
CA LEU M 80 -5.41 45.02 67.83
C LEU M 80 -4.02 44.62 67.39
N MET M 81 -3.14 45.61 67.20
CA MET M 81 -1.75 45.36 66.89
C MET M 81 -0.94 45.10 68.16
N ASP M 82 -1.39 45.70 69.25
CA ASP M 82 -0.66 45.63 70.51
C ASP M 82 -1.01 44.40 71.32
N ILE M 83 -2.22 43.89 71.14
CA ILE M 83 -2.54 42.60 71.71
C ILE M 83 -1.98 41.54 70.78
N GLY M 84 -2.15 40.28 71.12
CA GLY M 84 -1.60 39.24 70.26
C GLY M 84 -2.42 38.98 69.01
N CYS M 85 -3.36 39.87 68.70
CA CYS M 85 -4.41 39.57 67.73
C CYS M 85 -3.96 39.21 66.31
N TYR M 86 -4.79 38.44 65.63
CA TYR M 86 -4.53 38.02 64.25
C TYR M 86 -4.69 39.18 63.28
N ARG M 87 -5.81 39.89 63.40
CA ARG M 87 -6.03 41.09 62.61
C ARG M 87 -4.89 42.08 62.77
N GLY M 88 -4.23 42.00 63.92
CA GLY M 88 -3.08 42.83 64.18
C GLY M 88 -1.91 42.43 63.30
N LEU M 89 -1.64 41.13 63.25
CA LEU M 89 -0.58 40.63 62.39
C LEU M 89 -0.90 41.09 60.99
N ARG M 90 -2.12 40.84 60.55
CA ARG M 90 -2.53 41.20 59.20
C ARG M 90 -2.34 42.69 58.97
N HIS M 91 -2.62 43.49 59.98
CA HIS M 91 -2.38 44.92 59.86
C HIS M 91 -0.87 45.22 59.71
N ARG M 92 -0.07 44.48 60.47
CA ARG M 92 1.38 44.71 60.53
C ARG M 92 2.09 44.28 59.26
N ARG M 93 1.68 43.15 58.69
CA ARG M 93 2.26 42.67 57.44
C ARG M 93 1.81 43.55 56.31
N GLY M 94 0.55 43.96 56.37
CA GLY M 94 -0.07 44.76 55.33
C GLY M 94 -0.83 43.86 54.37
N LEU M 95 -1.69 43.02 54.94
CA LEU M 95 -2.37 41.99 54.18
C LEU M 95 -3.82 41.89 54.60
N PRO M 96 -4.73 41.72 53.62
CA PRO M 96 -6.19 41.73 53.76
C PRO M 96 -6.72 41.19 55.09
N VAL M 97 -7.13 42.12 55.96
CA VAL M 97 -7.53 41.81 57.33
C VAL M 97 -8.83 41.02 57.42
N ARG M 98 -9.74 41.26 56.50
CA ARG M 98 -11.08 40.70 56.60
C ARG M 98 -11.26 39.29 56.00
N GLY M 99 -10.19 38.52 55.98
CA GLY M 99 -10.28 37.12 55.58
C GLY M 99 -10.50 36.91 54.10
N GLN M 100 -9.54 37.35 53.30
CA GLN M 100 -9.64 37.23 51.85
C GLN M 100 -8.71 36.14 51.33
N ARG M 101 -8.50 36.15 50.02
CA ARG M 101 -7.50 35.29 49.43
C ARG M 101 -6.27 36.14 49.20
N THR M 102 -5.10 35.53 49.19
CA THR M 102 -3.90 36.28 48.85
C THR M 102 -3.10 35.59 47.77
N ARG M 103 -3.61 34.47 47.27
CA ARG M 103 -2.92 33.77 46.21
C ARG M 103 -2.85 34.64 44.99
N THR M 104 -3.88 35.47 44.82
CA THR M 104 -3.93 36.43 43.75
C THR M 104 -4.64 37.59 44.38
N ASN M 105 -4.72 38.72 43.68
CA ASN M 105 -5.80 39.65 43.98
C ASN M 105 -5.80 40.24 45.38
N ALA M 106 -4.69 40.74 45.88
CA ALA M 106 -4.84 41.48 47.12
C ALA M 106 -4.08 42.74 46.91
N ARG M 107 -4.18 43.24 45.69
CA ARG M 107 -3.37 44.37 45.23
C ARG M 107 -3.64 45.60 46.07
N THR M 108 -4.90 45.83 46.38
CA THR M 108 -5.26 47.06 47.05
C THR M 108 -4.65 47.12 48.48
N ARG M 109 -4.48 45.96 49.12
CA ARG M 109 -3.81 45.94 50.41
C ARG M 109 -2.27 45.84 50.30
N LYS M 110 -1.77 45.36 49.16
CA LYS M 110 -0.36 44.99 49.01
C LYS M 110 0.53 46.05 48.34
N GLY M 111 -0.10 46.98 47.62
CA GLY M 111 0.64 47.93 46.81
C GLY M 111 0.95 47.29 45.48
N PRO M 112 1.65 48.00 44.60
CA PRO M 112 1.88 47.54 43.22
C PRO M 112 2.63 46.21 43.21
N ARG M 113 2.75 45.55 42.07
CA ARG M 113 3.37 44.22 42.03
C ARG M 113 4.90 44.23 42.14
N LYS M 114 5.40 43.45 43.09
CA LYS M 114 6.84 43.25 43.31
C LYS M 114 7.33 41.99 42.57
N THR M 115 7.35 42.07 41.25
CA THR M 115 7.59 40.91 40.38
C THR M 115 8.97 40.28 40.51
N VAL M 116 9.02 38.95 40.65
CA VAL M 116 10.27 38.21 40.77
C VAL M 116 10.44 37.15 39.69
N ALA M 117 11.68 36.70 39.50
CA ALA M 117 11.99 35.67 38.51
C ALA M 117 11.30 34.34 38.84
N GLY M 118 10.72 33.69 37.82
CA GLY M 118 9.81 32.58 38.07
C GLY M 118 10.34 31.17 37.84
N LYS M 119 11.22 31.02 36.86
CA LYS M 119 11.71 29.69 36.50
C LYS M 119 13.23 29.60 36.32
N LYS M 120 13.69 28.36 36.12
CA LYS M 120 15.10 28.05 36.01
C LYS M 120 15.30 27.02 34.91
N LYS M 121 14.23 26.27 34.62
CA LYS M 121 14.22 25.25 33.56
C LYS M 121 12.79 24.80 33.20
N ALA M 122 12.03 25.67 32.56
CA ALA M 122 10.66 25.36 32.13
C ALA M 122 10.17 26.42 31.12
N PRO M 123 9.53 25.96 30.02
CA PRO M 123 9.20 26.67 28.77
C PRO M 123 9.47 28.18 28.67
N ARG M 124 8.48 28.98 28.27
CA ARG M 124 8.67 30.43 28.16
C ARG M 124 7.95 31.24 29.26
N LYS M 125 6.81 30.73 29.75
CA LYS M 125 6.05 31.40 30.80
C LYS M 125 6.84 31.39 32.12
N ALA N 1 -17.73 5.48 48.72
CA ALA N 1 -16.32 5.77 48.98
C ALA N 1 -15.69 4.71 49.89
N ARG N 2 -15.10 5.13 50.99
CA ARG N 2 -14.62 4.21 52.03
C ARG N 2 -15.85 3.60 52.67
N LYS N 3 -15.91 2.27 52.75
CA LYS N 3 -17.10 1.63 53.30
C LYS N 3 -17.27 2.11 54.74
N ALA N 4 -16.14 2.35 55.40
CA ALA N 4 -16.13 2.87 56.76
C ALA N 4 -16.84 4.21 56.88
N LEU N 5 -16.67 5.04 55.86
CA LEU N 5 -17.18 6.41 55.86
C LEU N 5 -18.64 6.47 55.53
N ILE N 6 -19.34 5.35 55.65
CA ILE N 6 -20.78 5.44 55.77
C ILE N 6 -21.13 5.30 57.25
N GLU N 7 -20.61 6.27 58.01
CA GLU N 7 -21.16 6.70 59.28
C GLU N 7 -22.17 7.83 58.99
N LYS N 8 -22.64 7.87 57.74
CA LYS N 8 -23.87 8.59 57.40
C LYS N 8 -25.00 7.72 57.94
N ALA N 9 -24.69 6.44 58.11
CA ALA N 9 -25.59 5.52 58.76
C ALA N 9 -25.85 5.96 60.22
N LYS N 10 -24.90 6.69 60.82
CA LYS N 10 -25.05 7.16 62.21
C LYS N 10 -26.29 8.03 62.33
N ARG N 11 -27.37 7.38 62.76
CA ARG N 11 -28.72 7.92 62.83
C ARG N 11 -28.74 9.18 63.67
N THR N 12 -28.08 9.13 64.82
CA THR N 12 -27.75 10.35 65.54
C THR N 12 -26.39 10.77 65.03
N PRO N 13 -26.33 11.98 64.45
CA PRO N 13 -25.05 12.52 63.98
C PRO N 13 -24.46 13.49 65.00
N LYS N 14 -25.03 13.49 66.21
CA LYS N 14 -24.64 14.37 67.33
C LYS N 14 -25.25 15.75 67.16
N PHE N 15 -24.81 16.46 66.12
CA PHE N 15 -25.42 17.72 65.73
C PHE N 15 -26.07 17.53 64.37
N LYS N 16 -27.25 18.10 64.15
CA LYS N 16 -27.93 17.90 62.88
C LYS N 16 -27.16 18.50 61.70
N VAL N 17 -26.13 19.29 61.99
CA VAL N 17 -25.32 19.90 60.94
C VAL N 17 -24.10 19.08 60.53
N ARG N 18 -23.99 17.86 61.05
CA ARG N 18 -23.00 16.93 60.53
C ARG N 18 -23.71 15.94 59.62
N ALA N 19 -25.01 16.11 59.50
CA ALA N 19 -25.79 15.27 58.61
C ALA N 19 -25.44 15.60 57.18
N TYR N 20 -25.03 14.59 56.39
CA TYR N 20 -24.93 14.77 54.94
C TYR N 20 -25.58 13.66 54.12
N THR N 21 -25.39 13.72 52.81
CA THR N 21 -26.22 12.96 51.89
C THR N 21 -25.74 11.54 51.53
N ARG N 22 -24.80 11.46 50.59
CA ARG N 22 -24.37 10.19 49.98
C ARG N 22 -25.39 9.44 49.11
N CYS N 23 -24.92 9.06 47.94
CA CYS N 23 -25.70 8.27 47.00
C CYS N 23 -26.05 6.98 47.70
N VAL N 24 -27.33 6.64 47.69
CA VAL N 24 -27.75 5.42 48.34
C VAL N 24 -27.32 4.19 47.53
N ARG N 25 -26.81 4.42 46.33
CA ARG N 25 -26.44 3.34 45.42
C ARG N 25 -24.94 3.13 45.35
N CYS N 26 -24.17 4.22 45.31
CA CYS N 26 -22.72 4.11 45.09
C CYS N 26 -21.85 4.75 46.19
N GLY N 27 -22.46 5.59 47.01
CA GLY N 27 -21.73 6.22 48.09
C GLY N 27 -21.28 7.64 47.80
N ARG N 28 -21.23 7.99 46.51
CA ARG N 28 -20.87 9.34 46.07
C ARG N 28 -21.43 10.40 47.01
N ALA N 29 -20.61 11.36 47.38
CA ALA N 29 -21.03 12.37 48.34
C ALA N 29 -21.19 13.74 47.70
N ARG N 30 -21.40 13.82 46.39
CA ARG N 30 -21.15 15.09 45.75
C ARG N 30 -21.95 15.45 44.51
N SER N 31 -23.21 15.10 44.45
CA SER N 31 -24.07 15.58 43.36
C SER N 31 -25.34 14.85 43.59
N VAL N 32 -25.59 14.55 44.86
CA VAL N 32 -26.70 13.71 45.23
C VAL N 32 -28.03 14.45 45.14
N TYR N 33 -28.64 14.43 43.96
CA TYR N 33 -29.96 15.00 43.74
C TYR N 33 -30.90 14.43 44.79
N ARG N 34 -31.43 15.28 45.66
CA ARG N 34 -32.13 14.82 46.85
C ARG N 34 -33.48 14.18 46.58
N PHE N 35 -34.07 14.54 45.46
CA PHE N 35 -35.32 13.95 45.01
C PHE N 35 -35.14 12.45 44.87
N PHE N 36 -34.12 12.03 44.13
CA PHE N 36 -33.84 10.62 43.90
C PHE N 36 -33.02 9.94 44.99
N GLY N 37 -32.15 10.71 45.65
CA GLY N 37 -31.29 10.17 46.70
C GLY N 37 -30.06 9.58 46.06
N LEU N 38 -30.02 9.72 44.75
CA LEU N 38 -28.95 9.22 43.90
C LEU N 38 -28.02 10.34 43.49
N CYS N 39 -26.74 10.00 43.26
CA CYS N 39 -25.75 10.95 42.77
C CYS N 39 -26.00 11.19 41.30
N ARG N 40 -25.26 12.11 40.70
CA ARG N 40 -25.46 12.43 39.30
C ARG N 40 -25.16 11.26 38.37
N ILE N 41 -24.20 10.43 38.76
CA ILE N 41 -23.74 9.41 37.85
C ILE N 41 -24.73 8.28 37.88
N CYS N 42 -25.19 7.93 39.06
CA CYS N 42 -26.18 6.86 39.19
C CYS N 42 -27.50 7.24 38.54
N LEU N 43 -27.89 8.49 38.72
CA LEU N 43 -29.11 9.00 38.09
C LEU N 43 -29.14 8.76 36.58
N ARG N 44 -28.05 9.06 35.89
CA ARG N 44 -28.05 8.90 34.44
C ARG N 44 -28.11 7.42 34.07
N GLU N 45 -27.54 6.57 34.92
CA GLU N 45 -27.51 5.15 34.64
C GLU N 45 -28.90 4.60 34.80
N LEU N 46 -29.51 4.88 35.94
CA LEU N 46 -30.87 4.44 36.20
C LEU N 46 -31.90 5.04 35.23
N ALA N 47 -31.73 6.31 34.89
CA ALA N 47 -32.58 6.96 33.90
C ALA N 47 -32.57 6.20 32.57
N HIS N 48 -31.40 5.76 32.15
CA HIS N 48 -31.21 5.07 30.89
C HIS N 48 -31.72 3.63 30.94
N LYS N 49 -31.71 3.04 32.12
CA LYS N 49 -32.22 1.70 32.29
C LYS N 49 -33.75 1.72 32.42
N GLY N 50 -34.32 2.90 32.47
CA GLY N 50 -35.76 3.04 32.64
C GLY N 50 -36.28 2.54 33.99
N GLN N 51 -35.46 2.67 35.03
CA GLN N 51 -35.87 2.29 36.39
C GLN N 51 -36.16 3.50 37.26
N LEU N 52 -36.20 4.68 36.65
CA LEU N 52 -36.73 5.87 37.28
C LEU N 52 -38.03 6.19 36.57
N PRO N 53 -39.17 5.79 37.18
CA PRO N 53 -40.46 5.89 36.51
C PRO N 53 -40.75 7.31 36.15
N GLY N 54 -41.22 7.54 34.93
CA GLY N 54 -41.63 8.86 34.49
C GLY N 54 -40.50 9.73 33.96
N VAL N 55 -39.28 9.41 34.36
CA VAL N 55 -38.08 10.16 33.96
C VAL N 55 -37.69 9.85 32.52
N ARG N 56 -37.30 10.88 31.78
CA ARG N 56 -37.18 10.77 30.34
C ARG N 56 -36.12 11.70 29.78
N LYS N 57 -35.55 11.34 28.64
CA LYS N 57 -34.71 12.27 27.89
C LYS N 57 -35.53 13.52 27.63
N ALA N 58 -34.96 14.68 27.98
CA ALA N 58 -35.68 15.93 27.90
C ALA N 58 -35.06 16.84 26.84
N SER N 59 -35.88 17.32 25.90
CA SER N 59 -35.37 18.26 24.90
C SER N 59 -36.43 19.26 24.55
N TRP N 60 -36.00 20.50 24.33
CA TRP N 60 -36.93 21.59 24.04
C TRP N 60 -36.28 22.75 23.25
N PRO O 1 35.48 15.24 -58.00
CA PRO O 1 34.78 13.95 -58.06
C PRO O 1 35.45 12.95 -59.02
N ILE O 2 34.76 11.85 -59.29
CA ILE O 2 35.14 10.94 -60.36
C ILE O 2 33.99 10.86 -61.36
N THR O 3 34.16 11.47 -62.53
CA THR O 3 33.07 11.49 -63.50
C THR O 3 32.81 10.12 -64.12
N LYS O 4 31.61 9.98 -64.67
CA LYS O 4 31.16 8.75 -65.31
C LYS O 4 32.26 8.23 -66.22
N GLU O 5 32.73 9.09 -67.11
CA GLU O 5 33.76 8.75 -68.09
C GLU O 5 35.10 8.35 -67.46
N GLU O 6 35.51 9.07 -66.42
CA GLU O 6 36.71 8.71 -65.69
C GLU O 6 36.59 7.28 -65.22
N LYS O 7 35.47 7.00 -64.58
CA LYS O 7 35.14 5.70 -64.04
C LYS O 7 35.10 4.59 -65.10
N GLN O 8 34.67 4.94 -66.32
CA GLN O 8 34.59 3.99 -67.41
C GLN O 8 35.93 3.37 -67.68
N LYS O 9 36.87 4.21 -68.08
CA LYS O 9 38.21 3.77 -68.45
C LYS O 9 38.77 2.80 -67.43
N VAL O 10 38.34 2.93 -66.18
CA VAL O 10 38.76 2.00 -65.13
C VAL O 10 38.11 0.62 -65.30
N ILE O 11 36.83 0.61 -65.61
CA ILE O 11 36.12 -0.65 -65.78
C ILE O 11 36.57 -1.40 -67.04
N GLN O 12 36.82 -0.66 -68.11
CA GLN O 12 37.36 -1.25 -69.31
C GLN O 12 38.74 -1.81 -69.04
N GLU O 13 39.60 -0.99 -68.44
CA GLU O 13 40.97 -1.42 -68.20
C GLU O 13 41.03 -2.66 -67.33
N PHE O 14 39.92 -3.03 -66.69
CA PHE O 14 39.96 -4.10 -65.71
C PHE O 14 38.94 -5.22 -65.86
N ALA O 15 38.00 -5.08 -66.79
CA ALA O 15 36.97 -6.10 -66.97
C ALA O 15 37.49 -7.36 -67.67
N ARG O 16 37.06 -8.53 -67.18
CA ARG O 16 37.49 -9.82 -67.72
C ARG O 16 37.00 -10.04 -69.15
N PHE O 17 35.71 -9.82 -69.36
CA PHE O 17 35.12 -9.89 -70.69
C PHE O 17 34.36 -8.60 -70.91
N PRO O 18 33.89 -8.32 -72.14
CA PRO O 18 33.23 -7.03 -72.32
C PRO O 18 31.93 -6.93 -71.53
N GLY O 19 31.61 -5.74 -71.04
CA GLY O 19 30.38 -5.52 -70.30
C GLY O 19 30.39 -6.07 -68.88
N ASP O 20 31.53 -6.61 -68.46
CA ASP O 20 31.70 -7.11 -67.11
C ASP O 20 31.90 -5.95 -66.15
N THR O 21 30.99 -5.78 -65.20
CA THR O 21 31.03 -4.62 -64.30
C THR O 21 31.08 -4.98 -62.83
N GLY O 22 31.51 -6.19 -62.51
CA GLY O 22 31.45 -6.60 -61.13
C GLY O 22 32.32 -7.78 -60.83
N SER O 23 33.27 -8.08 -61.71
CA SER O 23 34.26 -9.10 -61.38
C SER O 23 35.11 -8.58 -60.22
N THR O 24 35.79 -9.48 -59.54
CA THR O 24 36.63 -9.08 -58.40
C THR O 24 37.59 -7.95 -58.75
N GLU O 25 38.26 -8.04 -59.90
CA GLU O 25 39.22 -7.03 -60.31
C GLU O 25 38.61 -5.67 -60.49
N VAL O 26 37.49 -5.65 -61.20
CA VAL O 26 36.80 -4.41 -61.51
C VAL O 26 36.46 -3.72 -60.22
N GLN O 27 36.07 -4.50 -59.22
CA GLN O 27 35.75 -3.91 -57.92
C GLN O 27 37.00 -3.40 -57.20
N VAL O 28 38.03 -4.23 -57.09
CA VAL O 28 39.27 -3.80 -56.47
C VAL O 28 39.86 -2.60 -57.18
N ALA O 29 39.76 -2.59 -58.50
CA ALA O 29 40.27 -1.46 -59.27
C ALA O 29 39.48 -0.21 -58.89
N LEU O 30 38.17 -0.33 -58.89
CA LEU O 30 37.29 0.79 -58.58
C LEU O 30 37.57 1.36 -57.18
N LEU O 31 37.70 0.49 -56.19
CA LEU O 31 37.97 0.94 -54.83
C LEU O 31 39.29 1.65 -54.75
N THR O 32 40.28 1.14 -55.47
CA THR O 32 41.57 1.79 -55.47
C THR O 32 41.44 3.18 -56.06
N LEU O 33 40.61 3.31 -57.09
CA LEU O 33 40.38 4.63 -57.66
C LEU O 33 39.87 5.50 -56.55
N ARG O 34 38.93 4.97 -55.77
CA ARG O 34 38.28 5.70 -54.70
C ARG O 34 39.21 6.05 -53.54
N ILE O 35 39.92 5.03 -53.06
CA ILE O 35 40.88 5.19 -51.97
C ILE O 35 41.93 6.24 -52.32
N ASN O 36 42.48 6.17 -53.52
CA ASN O 36 43.50 7.11 -53.90
C ASN O 36 43.05 8.57 -53.92
N ARG O 37 41.80 8.85 -54.29
CA ARG O 37 41.29 10.21 -54.21
C ARG O 37 41.25 10.65 -52.77
N LEU O 38 40.58 9.84 -51.95
CA LEU O 38 40.31 10.12 -50.56
C LEU O 38 41.57 10.25 -49.72
N SER O 39 42.57 9.43 -50.03
CA SER O 39 43.81 9.50 -49.28
C SER O 39 44.58 10.74 -49.66
N GLU O 40 44.32 11.26 -50.85
CA GLU O 40 44.89 12.50 -51.31
C GLU O 40 44.16 13.67 -50.67
N HIS O 41 42.91 13.43 -50.30
CA HIS O 41 42.04 14.42 -49.68
C HIS O 41 42.42 14.65 -48.23
N LEU O 42 42.60 13.55 -47.49
CA LEU O 42 42.93 13.63 -46.07
C LEU O 42 44.39 13.99 -45.87
N LYS O 43 45.14 14.07 -46.95
CA LYS O 43 46.53 14.50 -46.87
C LYS O 43 46.47 16.00 -46.62
N VAL O 44 45.44 16.62 -47.18
CA VAL O 44 45.23 18.06 -47.05
C VAL O 44 44.31 18.39 -45.88
N HIS O 45 43.15 17.75 -45.87
CA HIS O 45 42.15 18.00 -44.86
C HIS O 45 42.19 16.97 -43.76
N LYS O 46 43.24 16.99 -42.96
CA LYS O 46 43.45 15.93 -41.99
C LYS O 46 42.57 16.00 -40.76
N LYS O 47 41.75 17.04 -40.64
CA LYS O 47 40.87 17.12 -39.48
C LYS O 47 39.49 16.58 -39.82
N ASP O 48 39.31 16.26 -41.10
CA ASP O 48 38.08 15.69 -41.59
C ASP O 48 38.06 14.21 -41.27
N HIS O 49 37.59 13.89 -40.08
CA HIS O 49 37.65 12.53 -39.61
C HIS O 49 36.49 11.71 -40.16
N HIS O 50 35.33 12.33 -40.29
CA HIS O 50 34.16 11.58 -40.74
C HIS O 50 34.42 10.89 -42.08
N SER O 51 35.08 11.60 -42.98
CA SER O 51 35.46 11.02 -44.26
C SER O 51 36.42 9.90 -44.00
N HIS O 52 37.42 10.14 -43.16
CA HIS O 52 38.44 9.14 -42.84
C HIS O 52 37.83 7.78 -42.48
N ARG O 53 36.62 7.76 -41.94
CA ARG O 53 35.98 6.49 -41.66
C ARG O 53 35.59 5.76 -42.94
N GLY O 54 35.07 6.51 -43.91
CA GLY O 54 34.78 5.95 -45.22
C GLY O 54 36.01 5.20 -45.68
N LEU O 55 37.15 5.87 -45.60
CA LEU O 55 38.43 5.30 -46.01
C LEU O 55 38.81 3.95 -45.40
N LEU O 56 38.68 3.74 -44.09
CA LEU O 56 38.97 2.43 -43.48
C LEU O 56 38.06 1.34 -44.03
N MET O 57 36.89 1.78 -44.50
CA MET O 57 35.89 0.85 -44.96
C MET O 57 36.17 0.48 -46.41
N MET O 58 36.64 1.45 -47.19
CA MET O 58 37.06 1.15 -48.54
C MET O 58 38.19 0.16 -48.42
N VAL O 59 39.26 0.56 -47.72
CA VAL O 59 40.43 -0.30 -47.53
C VAL O 59 39.94 -1.62 -47.02
N GLY O 60 39.04 -1.56 -46.04
CA GLY O 60 38.48 -2.77 -45.48
C GLY O 60 37.78 -3.65 -46.50
N GLN O 61 36.80 -3.10 -47.21
CA GLN O 61 36.08 -3.83 -48.23
C GLN O 61 37.11 -4.38 -49.22
N ARG O 62 38.04 -3.55 -49.61
CA ARG O 62 39.08 -3.98 -50.54
C ARG O 62 39.99 -5.06 -50.01
N ARG O 63 40.79 -4.79 -48.97
CA ARG O 63 41.71 -5.82 -48.50
C ARG O 63 40.99 -7.05 -47.97
N ARG O 64 39.92 -7.42 -48.65
CA ARG O 64 39.10 -8.54 -48.31
C ARG O 64 38.66 -9.22 -49.61
N LEU O 65 38.33 -8.39 -50.59
CA LEU O 65 38.10 -8.90 -51.94
C LEU O 65 39.39 -9.53 -52.40
N LEU O 66 40.49 -8.85 -52.08
CA LEU O 66 41.78 -9.40 -52.39
C LEU O 66 42.03 -10.71 -51.63
N ARG O 67 41.62 -10.78 -50.35
CA ARG O 67 41.85 -11.99 -49.56
C ARG O 67 41.18 -13.20 -50.21
N TYR O 68 40.02 -12.96 -50.81
CA TYR O 68 39.22 -13.97 -51.50
C TYR O 68 39.81 -14.29 -52.84
N LEU O 69 40.20 -13.24 -53.56
CA LEU O 69 40.75 -13.40 -54.88
C LEU O 69 42.06 -14.18 -54.81
N GLN O 70 42.77 -14.02 -53.70
CA GLN O 70 44.04 -14.68 -53.52
C GLN O 70 43.83 -16.11 -53.08
N ARG O 71 42.59 -16.42 -52.76
CA ARG O 71 42.27 -17.74 -52.30
C ARG O 71 41.77 -18.52 -53.49
N GLU O 72 41.31 -17.80 -54.51
CA GLU O 72 40.68 -18.46 -55.64
C GLU O 72 41.58 -18.57 -56.84
N ASP O 73 42.32 -17.54 -57.16
CA ASP O 73 43.19 -17.64 -58.31
C ASP O 73 44.40 -16.75 -58.22
N PRO O 74 45.42 -17.18 -57.45
CA PRO O 74 46.65 -16.40 -57.25
C PRO O 74 47.26 -15.93 -58.58
N GLU O 75 46.98 -16.67 -59.64
CA GLU O 75 47.28 -16.20 -60.98
C GLU O 75 46.74 -14.80 -61.14
N ARG O 76 45.43 -14.64 -60.95
CA ARG O 76 44.79 -13.34 -61.16
C ARG O 76 45.24 -12.38 -60.07
N TYR O 77 45.63 -12.94 -58.93
CA TYR O 77 46.00 -12.12 -57.79
C TYR O 77 47.29 -11.39 -57.99
N ARG O 78 48.37 -12.13 -58.22
CA ARG O 78 49.67 -11.53 -58.46
C ARG O 78 49.54 -10.56 -59.63
N ALA O 79 48.56 -10.83 -60.49
CA ALA O 79 48.27 -10.01 -61.66
C ALA O 79 47.68 -8.65 -61.31
N LEU O 80 46.61 -8.67 -60.51
CA LEU O 80 45.88 -7.45 -60.16
C LEU O 80 46.77 -6.44 -59.46
N ILE O 81 47.58 -6.93 -58.52
CA ILE O 81 48.41 -6.08 -57.72
C ILE O 81 49.57 -5.48 -58.53
N GLU O 82 50.21 -6.32 -59.34
CA GLU O 82 51.23 -5.85 -60.25
C GLU O 82 50.64 -4.77 -61.17
N LYS O 83 49.39 -4.99 -61.56
CA LYS O 83 48.68 -4.08 -62.45
C LYS O 83 48.36 -2.76 -61.74
N LEU O 84 47.98 -2.84 -60.48
CA LEU O 84 47.72 -1.65 -59.67
C LEU O 84 49.02 -1.16 -59.03
N GLY O 85 49.19 -1.49 -57.75
CA GLY O 85 50.37 -1.09 -57.00
C GLY O 85 50.15 -1.31 -55.52
N ILE O 86 49.28 -2.27 -55.21
CA ILE O 86 48.96 -2.63 -53.82
C ILE O 86 50.12 -3.41 -53.20
N ARG O 87 50.06 -3.63 -51.88
CA ARG O 87 51.15 -4.23 -51.12
C ARG O 87 52.39 -3.32 -51.11
N GLY O 88 52.33 -2.26 -50.30
CA GLY O 88 53.41 -1.30 -50.18
C GLY O 88 53.30 -0.45 -48.92
N MET P 1 63.50 -65.23 -6.13
CA MET P 1 62.76 -65.75 -7.28
C MET P 1 61.37 -65.15 -7.32
N VAL P 2 60.40 -65.99 -7.71
CA VAL P 2 58.97 -65.68 -7.71
C VAL P 2 58.33 -66.81 -6.93
N LYS P 3 57.48 -66.48 -5.95
CA LYS P 3 56.99 -67.48 -4.99
C LYS P 3 55.52 -67.81 -5.12
N ILE P 4 55.17 -69.03 -4.74
CA ILE P 4 53.80 -69.38 -4.46
C ILE P 4 53.74 -69.34 -2.96
N ARG P 5 52.91 -68.49 -2.39
CA ARG P 5 52.80 -68.47 -0.94
C ARG P 5 51.45 -67.94 -0.45
N LEU P 6 51.30 -67.83 0.87
CA LEU P 6 50.04 -67.40 1.45
C LEU P 6 50.10 -65.91 1.78
N ALA P 7 49.00 -65.21 1.48
CA ALA P 7 48.85 -63.81 1.85
C ALA P 7 47.72 -63.75 2.86
N ARG P 8 47.86 -62.92 3.89
CA ARG P 8 46.87 -62.87 4.98
C ARG P 8 45.72 -61.93 4.71
N PHE P 9 44.50 -62.48 4.82
CA PHE P 9 43.30 -61.81 4.36
C PHE P 9 42.06 -61.97 5.28
N GLY P 10 42.19 -62.62 6.43
CA GLY P 10 41.02 -62.68 7.29
C GLY P 10 40.69 -61.43 8.11
N SER P 11 40.83 -61.55 9.41
CA SER P 11 40.71 -60.44 10.37
C SER P 11 41.24 -60.96 11.71
N LYS P 12 41.22 -60.13 12.73
CA LYS P 12 41.81 -60.52 14.01
C LYS P 12 41.18 -61.81 14.53
N HIS P 13 42.02 -62.84 14.71
CA HIS P 13 41.60 -64.17 15.18
C HIS P 13 40.77 -64.94 14.15
N ASN P 14 40.65 -64.38 12.96
CA ASN P 14 39.87 -65.00 11.89
C ASN P 14 40.71 -64.91 10.62
N PRO P 15 41.66 -65.83 10.45
CA PRO P 15 42.62 -65.88 9.34
C PRO P 15 42.12 -66.60 8.10
N HIS P 16 42.25 -65.97 6.94
CA HIS P 16 42.03 -66.65 5.67
C HIS P 16 43.15 -66.26 4.74
N TYR P 17 43.88 -67.23 4.22
CA TYR P 17 44.99 -66.92 3.31
C TYR P 17 44.60 -67.10 1.87
N ARG P 18 45.24 -66.32 1.01
CA ARG P 18 45.09 -66.51 -0.42
C ARG P 18 46.37 -67.12 -0.92
N ILE P 19 46.25 -68.26 -1.61
CA ILE P 19 47.41 -68.88 -2.25
C ILE P 19 47.71 -68.13 -3.55
N VAL P 20 48.84 -67.42 -3.55
CA VAL P 20 49.18 -66.45 -4.59
C VAL P 20 50.58 -66.63 -5.10
N VAL P 21 50.77 -66.19 -6.33
CA VAL P 21 52.04 -66.23 -6.98
C VAL P 21 52.51 -64.81 -6.95
N THR P 22 53.71 -64.56 -6.44
CA THR P 22 54.23 -63.20 -6.35
C THR P 22 55.75 -63.19 -6.32
N ASP P 23 56.34 -62.06 -6.71
CA ASP P 23 57.76 -61.89 -6.54
C ASP P 23 57.97 -61.92 -5.05
N ALA P 24 59.00 -62.64 -4.62
CA ALA P 24 59.24 -62.95 -3.22
C ALA P 24 59.53 -61.69 -2.40
N ARG P 25 59.79 -60.59 -3.11
CA ARG P 25 60.18 -59.35 -2.48
C ARG P 25 59.04 -58.40 -2.15
N ARG P 26 57.80 -58.73 -2.51
CA ARG P 26 56.70 -57.86 -2.12
C ARG P 26 56.51 -58.08 -0.66
N LYS P 27 55.80 -57.14 -0.01
CA LYS P 27 55.29 -57.33 1.35
C LYS P 27 54.30 -58.48 1.24
N ARG P 28 53.94 -59.14 2.33
CA ARG P 28 53.20 -60.38 2.11
C ARG P 28 51.78 -60.11 1.63
N ASP P 29 51.25 -58.94 1.95
CA ASP P 29 49.88 -58.66 1.63
C ASP P 29 49.76 -57.65 0.51
N GLY P 30 50.85 -57.47 -0.23
CA GLY P 30 50.90 -56.46 -1.27
C GLY P 30 50.51 -57.00 -2.64
N LYS P 31 50.71 -56.19 -3.68
CA LYS P 31 50.34 -56.56 -5.05
C LYS P 31 50.99 -57.86 -5.49
N TYR P 32 50.17 -58.85 -5.81
CA TYR P 32 50.69 -60.11 -6.30
C TYR P 32 50.47 -60.32 -7.79
N ILE P 33 51.05 -61.37 -8.33
CA ILE P 33 51.01 -61.61 -9.75
C ILE P 33 49.74 -62.35 -10.06
N GLU P 34 49.40 -63.32 -9.22
CA GLU P 34 48.21 -64.10 -9.50
C GLU P 34 47.75 -64.91 -8.31
N LYS P 35 46.46 -64.84 -8.02
CA LYS P 35 45.86 -65.69 -7.01
C LYS P 35 45.57 -67.02 -7.68
N ILE P 36 45.92 -68.11 -7.01
CA ILE P 36 45.55 -69.43 -7.49
C ILE P 36 45.08 -70.24 -6.32
N GLY P 37 44.05 -69.77 -5.62
CA GLY P 37 43.51 -70.54 -4.51
C GLY P 37 43.45 -69.84 -3.17
N TYR P 38 42.79 -70.50 -2.23
CA TYR P 38 42.58 -69.93 -0.91
C TYR P 38 42.50 -71.00 0.14
N TYR P 39 42.49 -70.55 1.39
CA TYR P 39 42.78 -71.42 2.49
C TYR P 39 42.25 -70.86 3.79
N ASP P 40 41.31 -71.59 4.37
CA ASP P 40 40.82 -71.30 5.71
C ASP P 40 41.33 -72.41 6.59
N PRO P 41 42.31 -72.09 7.44
CA PRO P 41 42.98 -73.04 8.32
C PRO P 41 42.09 -73.44 9.47
N ARG P 42 41.00 -72.71 9.67
CA ARG P 42 40.09 -73.05 10.73
C ARG P 42 39.03 -74.02 10.27
N LYS P 43 39.05 -74.35 8.98
CA LYS P 43 38.10 -75.30 8.45
C LYS P 43 36.67 -74.94 8.87
N THR P 44 36.31 -73.65 8.76
CA THR P 44 35.01 -73.18 9.22
C THR P 44 33.84 -73.58 8.32
N THR P 45 34.11 -73.69 7.02
CA THR P 45 33.13 -74.13 6.04
C THR P 45 33.66 -75.38 5.34
N PRO P 46 32.77 -76.24 4.84
CA PRO P 46 33.25 -77.47 4.20
C PRO P 46 34.21 -77.23 3.06
N ASP P 47 34.15 -76.06 2.43
CA ASP P 47 35.09 -75.76 1.37
C ASP P 47 36.23 -74.93 1.91
N TRP P 48 37.23 -75.55 2.53
CA TRP P 48 38.26 -74.73 3.17
C TRP P 48 39.65 -74.71 2.54
N LEU P 49 39.77 -75.36 1.39
CA LEU P 49 40.98 -75.26 0.59
C LEU P 49 40.55 -75.41 -0.85
N LYS P 50 41.05 -74.54 -1.71
CA LYS P 50 40.79 -74.62 -3.14
C LYS P 50 42.07 -74.26 -3.83
N VAL P 51 42.34 -74.86 -4.98
CA VAL P 51 43.61 -74.55 -5.64
C VAL P 51 43.58 -74.11 -7.11
N ASP P 52 43.10 -74.96 -8.01
CA ASP P 52 43.33 -74.77 -9.47
C ASP P 52 44.71 -75.32 -9.76
N VAL P 53 44.76 -76.60 -10.09
CA VAL P 53 46.02 -77.25 -10.25
C VAL P 53 46.66 -76.92 -11.59
N GLU P 54 45.93 -76.33 -12.52
CA GLU P 54 46.55 -76.03 -13.81
C GLU P 54 47.49 -74.85 -13.70
N ARG P 55 46.97 -73.73 -13.21
CA ARG P 55 47.81 -72.58 -12.95
C ARG P 55 48.88 -72.92 -11.91
N ALA P 56 48.49 -73.70 -10.90
CA ALA P 56 49.44 -74.09 -9.88
C ALA P 56 50.65 -74.74 -10.55
N ARG P 57 50.36 -75.65 -11.49
CA ARG P 57 51.41 -76.34 -12.23
C ARG P 57 52.11 -75.44 -13.22
N TYR P 58 51.36 -74.56 -13.89
CA TYR P 58 51.98 -73.62 -14.81
C TYR P 58 53.13 -72.89 -14.15
N TRP P 59 52.80 -72.25 -13.03
CA TRP P 59 53.75 -71.42 -12.35
C TRP P 59 54.94 -72.24 -11.95
N LEU P 60 54.68 -73.40 -11.35
CA LEU P 60 55.76 -74.31 -10.99
C LEU P 60 56.66 -74.56 -12.20
N SER P 61 56.05 -74.79 -13.36
CA SER P 61 56.79 -75.08 -14.59
C SER P 61 57.72 -73.94 -15.01
N VAL P 62 57.56 -72.77 -14.40
CA VAL P 62 58.53 -71.71 -14.59
C VAL P 62 59.19 -71.33 -13.28
N GLY P 63 59.27 -72.32 -12.40
CA GLY P 63 60.10 -72.23 -11.23
C GLY P 63 59.70 -71.13 -10.32
N ALA P 64 58.41 -71.09 -10.04
CA ALA P 64 58.01 -70.38 -8.86
C ALA P 64 58.24 -71.40 -7.75
N GLN P 65 58.85 -70.95 -6.66
CA GLN P 65 59.08 -71.83 -5.53
C GLN P 65 57.92 -71.64 -4.59
N PRO P 66 57.31 -72.74 -4.16
CA PRO P 66 56.28 -72.73 -3.12
C PRO P 66 56.91 -72.60 -1.75
N THR P 67 56.22 -72.02 -0.77
CA THR P 67 56.72 -72.05 0.61
C THR P 67 56.44 -73.40 1.27
N ASP P 68 57.01 -73.61 2.46
CA ASP P 68 56.88 -74.91 3.09
C ASP P 68 55.45 -75.29 3.45
N THR P 69 54.52 -74.33 3.37
CA THR P 69 53.08 -74.64 3.52
C THR P 69 52.31 -74.50 2.24
N ALA P 70 52.72 -73.59 1.38
CA ALA P 70 52.03 -73.47 0.10
C ALA P 70 52.22 -74.79 -0.58
N ARG P 71 53.43 -75.34 -0.47
CA ARG P 71 53.72 -76.62 -1.07
C ARG P 71 52.88 -77.67 -0.38
N ARG P 72 52.73 -77.51 0.92
CA ARG P 72 51.91 -78.42 1.70
C ARG P 72 50.46 -78.42 1.22
N LEU P 73 49.84 -77.24 1.19
CA LEU P 73 48.46 -77.08 0.69
C LEU P 73 48.36 -77.59 -0.74
N LEU P 74 49.20 -77.05 -1.62
CA LEU P 74 49.25 -77.49 -3.00
C LEU P 74 49.18 -79.00 -3.08
N ARG P 75 50.09 -79.68 -2.38
CA ARG P 75 50.15 -81.14 -2.40
C ARG P 75 48.80 -81.75 -2.13
N GLN P 76 48.14 -81.24 -1.10
CA GLN P 76 46.91 -81.81 -0.59
C GLN P 76 45.76 -81.72 -1.58
N ALA P 77 45.81 -80.73 -2.43
CA ALA P 77 44.83 -80.62 -3.51
C ALA P 77 45.44 -81.26 -4.74
N GLY P 78 46.19 -82.35 -4.52
CA GLY P 78 46.81 -83.16 -5.56
C GLY P 78 47.51 -82.49 -6.73
N VAL P 79 48.32 -81.46 -6.45
CA VAL P 79 49.00 -80.75 -7.52
C VAL P 79 50.09 -81.65 -8.02
N PHE P 80 50.73 -82.33 -7.07
CA PHE P 80 51.93 -83.10 -7.35
C PHE P 80 51.62 -84.56 -7.59
N ARG P 81 50.36 -84.94 -7.45
CA ARG P 81 49.96 -86.33 -7.73
C ARG P 81 50.19 -86.61 -9.21
N GLN P 82 51.07 -87.56 -9.50
CA GLN P 82 51.48 -87.78 -10.90
C GLN P 82 50.95 -89.07 -11.52
N GLU P 83 50.45 -89.97 -10.68
CA GLU P 83 49.89 -91.23 -11.17
C GLU P 83 48.54 -91.00 -11.86
N PRO Q 1 51.41 -49.70 -30.95
CA PRO Q 1 51.85 -49.13 -32.23
C PRO Q 1 52.51 -47.79 -32.02
N LYS Q 2 53.61 -47.54 -32.71
CA LYS Q 2 54.20 -46.22 -32.66
C LYS Q 2 53.15 -45.25 -33.15
N LYS Q 3 52.85 -44.26 -32.34
CA LYS Q 3 51.87 -43.25 -32.70
C LYS Q 3 52.25 -42.60 -34.03
N VAL Q 4 51.30 -42.51 -34.96
CA VAL Q 4 51.53 -41.71 -36.16
C VAL Q 4 50.65 -40.46 -36.20
N LEU Q 5 51.24 -39.27 -36.30
CA LEU Q 5 50.45 -38.04 -36.40
C LEU Q 5 50.61 -37.39 -37.78
N THR Q 6 49.61 -36.61 -38.22
CA THR Q 6 49.73 -35.92 -39.52
C THR Q 6 49.70 -34.41 -39.32
N GLY Q 7 50.61 -33.69 -39.97
CA GLY Q 7 50.71 -32.26 -39.74
C GLY Q 7 51.36 -31.42 -40.83
N VAL Q 8 51.67 -30.17 -40.50
CA VAL Q 8 52.21 -29.25 -41.49
C VAL Q 8 53.52 -28.62 -41.10
N VAL Q 9 54.51 -28.83 -41.97
CA VAL Q 9 55.84 -28.30 -41.75
C VAL Q 9 55.82 -26.78 -41.76
N VAL Q 10 56.18 -26.19 -40.63
CA VAL Q 10 56.22 -24.74 -40.51
C VAL Q 10 57.64 -24.26 -40.22
N SER Q 11 58.63 -25.15 -40.36
CA SER Q 11 60.02 -24.72 -40.22
C SER Q 11 61.04 -25.56 -41.00
N ASP Q 12 61.90 -24.85 -41.71
CA ASP Q 12 63.01 -25.45 -42.45
C ASP Q 12 64.31 -24.95 -41.83
N LYS Q 13 64.16 -24.05 -40.86
CA LYS Q 13 65.25 -23.25 -40.31
C LYS Q 13 66.37 -24.02 -39.58
N MET Q 14 66.23 -25.35 -39.49
CA MET Q 14 67.27 -26.18 -38.88
C MET Q 14 67.86 -27.12 -39.91
N GLN Q 15 68.92 -27.79 -39.49
CA GLN Q 15 69.56 -28.81 -40.31
C GLN Q 15 68.99 -30.17 -39.93
N LYS Q 16 68.60 -30.95 -40.93
CA LYS Q 16 68.07 -32.29 -40.70
C LYS Q 16 66.91 -32.36 -39.68
N THR Q 17 66.09 -31.31 -39.62
CA THR Q 17 64.93 -31.29 -38.73
C THR Q 17 63.88 -30.35 -39.26
N VAL Q 18 62.64 -30.81 -39.35
CA VAL Q 18 61.53 -29.93 -39.70
C VAL Q 18 60.52 -29.84 -38.56
N THR Q 19 59.91 -28.66 -38.38
CA THR Q 19 58.88 -28.48 -37.38
C THR Q 19 57.51 -28.71 -37.96
N VAL Q 20 56.81 -29.71 -37.42
CA VAL Q 20 55.47 -30.08 -37.86
C VAL Q 20 54.37 -29.61 -36.88
N LEU Q 21 53.31 -29.02 -37.43
CA LEU Q 21 52.21 -28.54 -36.60
C LEU Q 21 51.01 -29.47 -36.76
N VAL Q 22 50.62 -30.10 -35.65
CA VAL Q 22 49.62 -31.19 -35.66
C VAL Q 22 48.33 -30.84 -34.90
N GLU Q 23 47.22 -30.69 -35.61
CA GLU Q 23 45.98 -30.27 -34.96
C GLU Q 23 45.20 -31.46 -34.45
N ARG Q 24 44.25 -31.24 -33.56
CA ARG Q 24 43.38 -32.33 -33.10
C ARG Q 24 42.01 -31.87 -32.59
N GLN Q 25 40.95 -32.15 -33.34
CA GLN Q 25 39.59 -31.87 -32.89
C GLN Q 25 39.18 -32.86 -31.81
N PHE Q 26 38.42 -32.39 -30.84
CA PHE Q 26 37.84 -33.27 -29.82
C PHE Q 26 36.77 -32.54 -29.00
N PRO Q 27 35.71 -33.25 -28.63
CA PRO Q 27 34.73 -32.55 -27.82
C PRO Q 27 35.28 -32.26 -26.46
N HIS Q 28 35.04 -31.01 -26.03
CA HIS Q 28 35.41 -30.47 -24.72
C HIS Q 28 34.64 -31.16 -23.62
N PRO Q 29 35.36 -31.62 -22.58
CA PRO Q 29 34.87 -32.34 -21.41
C PRO Q 29 33.58 -31.78 -20.85
N LEU Q 30 33.60 -30.54 -20.35
CA LEU Q 30 32.40 -29.99 -19.72
C LEU Q 30 31.36 -29.46 -20.71
N TYR Q 31 31.78 -28.49 -21.52
CA TYR Q 31 30.87 -27.74 -22.35
C TYR Q 31 30.52 -28.38 -23.69
N GLY Q 32 31.19 -29.47 -24.04
CA GLY Q 32 30.78 -30.26 -25.19
C GLY Q 32 31.11 -29.81 -26.60
N LYS Q 33 31.22 -28.52 -26.86
CA LYS Q 33 31.49 -28.06 -28.23
C LYS Q 33 32.83 -28.60 -28.67
N VAL Q 34 32.99 -28.88 -29.97
CA VAL Q 34 34.23 -29.48 -30.45
C VAL Q 34 35.31 -28.43 -30.64
N ILE Q 35 36.37 -28.51 -29.84
CA ILE Q 35 37.43 -27.49 -29.88
C ILE Q 35 38.64 -28.00 -30.63
N LYS Q 36 39.28 -27.13 -31.39
CA LYS Q 36 40.56 -27.45 -31.98
C LYS Q 36 41.58 -27.22 -30.90
N ARG Q 37 42.82 -27.62 -31.18
CA ARG Q 37 43.94 -27.46 -30.27
C ARG Q 37 45.06 -28.14 -31.01
N SER Q 38 46.27 -27.61 -30.94
CA SER Q 38 47.37 -28.16 -31.73
C SER Q 38 48.76 -27.95 -31.12
N LYS Q 39 49.67 -28.88 -31.43
CA LYS Q 39 51.00 -28.89 -30.84
C LYS Q 39 52.10 -29.07 -31.89
N LYS Q 40 53.23 -28.37 -31.71
CA LYS Q 40 54.36 -28.50 -32.65
C LYS Q 40 55.30 -29.64 -32.28
N TYR Q 41 55.53 -30.53 -33.23
CA TYR Q 41 56.54 -31.56 -33.08
C TYR Q 41 57.78 -31.28 -33.94
N LEU Q 42 58.98 -31.31 -33.32
CA LEU Q 42 60.26 -31.34 -34.05
C LEU Q 42 60.49 -32.75 -34.61
N ALA Q 43 60.60 -32.85 -35.94
CA ALA Q 43 60.68 -34.17 -36.59
C ALA Q 43 61.96 -34.28 -37.38
N HIS Q 44 62.43 -35.51 -37.51
CA HIS Q 44 63.76 -35.76 -38.03
C HIS Q 44 63.74 -35.95 -39.53
N ASP Q 45 64.37 -35.04 -40.25
CA ASP Q 45 64.42 -35.15 -41.70
C ASP Q 45 65.87 -35.24 -42.15
N PRO Q 46 66.38 -36.46 -42.28
CA PRO Q 46 67.81 -36.63 -42.55
C PRO Q 46 68.21 -36.15 -43.94
N GLU Q 47 67.29 -36.16 -44.91
CA GLU Q 47 67.62 -35.76 -46.27
C GLU Q 47 67.34 -34.30 -46.60
N GLU Q 48 66.93 -33.51 -45.60
CA GLU Q 48 66.35 -32.19 -45.85
C GLU Q 48 65.38 -32.32 -47.04
N LYS Q 49 64.58 -33.39 -47.03
CA LYS Q 49 63.71 -33.77 -48.13
C LYS Q 49 62.41 -32.96 -48.16
N TYR Q 50 61.77 -32.86 -47.00
CA TYR Q 50 60.51 -32.15 -46.89
C TYR Q 50 60.72 -30.65 -46.75
N LYS Q 51 59.80 -29.90 -47.36
CA LYS Q 51 59.92 -28.46 -47.51
C LYS Q 51 58.86 -27.71 -46.73
N LEU Q 52 59.03 -26.39 -46.62
CA LEU Q 52 58.09 -25.56 -45.89
C LEU Q 52 56.72 -25.63 -46.53
N GLY Q 53 55.73 -26.11 -45.79
CA GLY Q 53 54.39 -26.23 -46.34
C GLY Q 53 53.97 -27.61 -46.81
N ASP Q 54 54.87 -28.58 -46.82
CA ASP Q 54 54.48 -29.97 -47.08
C ASP Q 54 53.60 -30.56 -45.96
N VAL Q 55 52.64 -31.39 -46.32
CA VAL Q 55 51.88 -32.10 -45.31
C VAL Q 55 52.38 -33.52 -45.19
N VAL Q 56 52.83 -33.89 -43.99
CA VAL Q 56 53.56 -35.13 -43.76
C VAL Q 56 52.95 -35.98 -42.64
N GLU Q 57 53.03 -37.31 -42.75
CA GLU Q 57 52.76 -38.12 -41.60
C GLU Q 57 54.05 -38.19 -40.81
N ILE Q 58 53.94 -38.30 -39.50
CA ILE Q 58 55.10 -38.24 -38.59
C ILE Q 58 55.04 -39.48 -37.75
N ILE Q 59 56.18 -40.05 -37.36
CA ILE Q 59 56.12 -41.31 -36.59
C ILE Q 59 56.93 -41.32 -35.29
N GLU Q 60 56.31 -41.89 -34.26
CA GLU Q 60 56.93 -42.03 -32.95
C GLU Q 60 58.14 -42.90 -33.16
N SER Q 61 59.25 -42.50 -32.55
CA SER Q 61 60.52 -43.15 -32.83
C SER Q 61 61.54 -42.91 -31.73
N ARG Q 62 62.62 -43.67 -31.78
CA ARG Q 62 63.67 -43.59 -30.77
C ARG Q 62 64.31 -42.23 -30.84
N PRO Q 63 64.63 -41.66 -29.68
CA PRO Q 63 65.13 -40.28 -29.58
C PRO Q 63 66.31 -39.93 -30.50
N ILE Q 64 66.25 -38.76 -31.10
CA ILE Q 64 67.30 -38.29 -32.00
C ILE Q 64 68.01 -37.12 -31.33
N SER Q 65 67.28 -36.46 -30.45
CA SER Q 65 67.81 -35.41 -29.58
C SER Q 65 66.83 -35.14 -28.45
N LYS Q 66 67.10 -34.09 -27.66
CA LYS Q 66 66.10 -33.51 -26.78
C LYS Q 66 65.01 -33.08 -27.76
N ARG Q 67 63.79 -32.82 -27.33
CA ARG Q 67 62.79 -32.31 -28.30
C ARG Q 67 62.41 -33.26 -29.49
N LYS Q 68 63.41 -33.81 -30.19
CA LYS Q 68 63.17 -34.73 -31.32
C LYS Q 68 62.91 -36.17 -30.91
N ARG Q 69 61.66 -36.61 -31.00
CA ARG Q 69 61.40 -38.04 -30.87
C ARG Q 69 60.50 -38.56 -31.95
N PHE Q 70 60.39 -37.82 -33.03
CA PHE Q 70 59.60 -38.27 -34.17
C PHE Q 70 60.40 -38.09 -35.45
N ARG Q 71 60.24 -39.02 -36.38
CA ARG Q 71 60.90 -38.93 -37.67
C ARG Q 71 59.82 -38.73 -38.68
N VAL Q 72 60.13 -38.04 -39.79
CA VAL Q 72 59.12 -37.81 -40.80
C VAL Q 72 58.93 -39.07 -41.66
N LEU Q 73 57.73 -39.63 -41.63
CA LEU Q 73 57.43 -40.86 -42.37
C LEU Q 73 57.17 -40.56 -43.84
N ARG Q 74 55.91 -40.54 -44.28
CA ARG Q 74 55.60 -40.25 -45.69
C ARG Q 74 55.15 -38.83 -45.99
N LEU Q 75 55.22 -38.45 -47.26
CA LEU Q 75 54.64 -37.18 -47.70
C LEU Q 75 53.19 -37.45 -48.03
N VAL Q 76 52.29 -36.58 -47.56
CA VAL Q 76 50.87 -36.81 -47.72
C VAL Q 76 50.32 -35.98 -48.85
N GLU Q 77 50.43 -34.67 -48.67
CA GLU Q 77 50.00 -33.72 -49.67
C GLU Q 77 51.13 -32.73 -49.81
N SER Q 78 51.50 -32.44 -51.05
CA SER Q 78 52.54 -31.46 -51.32
C SER Q 78 52.14 -30.04 -50.90
N GLY Q 79 53.04 -29.09 -51.13
CA GLY Q 79 52.88 -27.68 -50.76
C GLY Q 79 51.52 -27.04 -50.51
N ARG Q 80 51.48 -26.19 -49.49
CA ARG Q 80 50.32 -25.36 -49.12
C ARG Q 80 50.65 -24.40 -47.98
N MET Q 81 51.02 -23.19 -48.34
CA MET Q 81 51.48 -22.19 -47.38
C MET Q 81 50.34 -21.46 -46.70
N ASP Q 82 49.11 -21.91 -46.95
CA ASP Q 82 47.95 -21.30 -46.31
C ASP Q 82 48.01 -21.59 -44.81
N LEU Q 83 48.25 -22.85 -44.48
CA LEU Q 83 48.33 -23.32 -43.11
C LEU Q 83 49.52 -22.66 -42.43
N VAL Q 84 50.60 -22.52 -43.19
CA VAL Q 84 51.78 -21.88 -42.67
C VAL Q 84 51.48 -20.41 -42.36
N GLU Q 85 51.04 -19.65 -43.36
CA GLU Q 85 50.74 -18.23 -43.19
C GLU Q 85 49.81 -18.05 -42.02
N LYS Q 86 48.80 -18.91 -41.96
CA LYS Q 86 47.89 -18.96 -40.83
C LYS Q 86 48.70 -18.99 -39.52
N TYR Q 87 49.53 -20.02 -39.38
CA TYR Q 87 50.40 -20.18 -38.22
C TYR Q 87 51.38 -19.01 -38.06
N LEU Q 88 51.68 -18.37 -39.17
CA LEU Q 88 52.65 -17.28 -39.18
C LEU Q 88 52.05 -15.99 -38.65
N ILE Q 89 50.81 -15.71 -39.03
CA ILE Q 89 50.11 -14.54 -38.52
C ILE Q 89 49.90 -14.70 -37.02
N ARG Q 90 49.46 -15.91 -36.63
CA ARG Q 90 49.24 -16.29 -35.24
C ARG Q 90 50.42 -15.79 -34.42
N ARG Q 91 51.63 -16.20 -34.80
CA ARG Q 91 52.82 -15.82 -34.06
C ARG Q 91 53.16 -14.33 -34.16
N GLN Q 92 52.85 -13.71 -35.29
CA GLN Q 92 53.13 -12.30 -35.51
C GLN Q 92 52.34 -11.37 -34.58
N ASN Q 93 51.08 -11.73 -34.33
CA ASN Q 93 50.19 -10.99 -33.43
C ASN Q 93 50.79 -10.82 -32.06
N TYR Q 94 51.70 -11.71 -31.70
CA TYR Q 94 52.25 -11.71 -30.36
C TYR Q 94 52.97 -10.40 -30.12
N GLN Q 95 53.37 -9.77 -31.22
CA GLN Q 95 54.08 -8.49 -31.23
C GLN Q 95 53.29 -7.42 -30.49
N SER Q 96 51.96 -7.47 -30.60
CA SER Q 96 51.11 -6.44 -30.03
C SER Q 96 50.89 -6.64 -28.53
N LEU Q 97 50.48 -7.84 -28.13
CA LEU Q 97 50.11 -8.10 -26.72
C LEU Q 97 51.28 -8.02 -25.70
N SER Q 98 51.48 -6.87 -25.04
CA SER Q 98 52.56 -6.74 -24.06
C SER Q 98 52.39 -5.66 -22.95
N LYS Q 99 53.11 -4.56 -23.09
CA LYS Q 99 52.89 -3.38 -22.24
C LYS Q 99 52.63 -2.16 -23.15
N ARG Q 100 53.13 -2.27 -24.39
CA ARG Q 100 52.99 -1.24 -25.42
C ARG Q 100 52.18 -1.74 -26.64
N GLY Q 101 52.13 -0.94 -27.70
CA GLY Q 101 51.41 -1.30 -28.91
C GLY Q 101 51.58 -0.26 -30.01
N GLY Q 102 50.98 -0.51 -31.17
CA GLY Q 102 51.10 0.42 -32.29
C GLY Q 102 50.86 -0.22 -33.65
N LYS Q 103 51.85 -0.09 -34.54
CA LYS Q 103 51.76 -0.58 -35.93
C LYS Q 103 52.65 -1.80 -36.15
N ALA Q 104 52.05 -2.99 -36.14
CA ALA Q 104 52.79 -4.23 -36.33
C ALA Q 104 52.96 -4.57 -37.81
N PRO R 1 -10.94 26.29 -36.88
CA PRO R 1 -9.93 26.76 -35.92
C PRO R 1 -8.50 26.72 -36.46
N SER R 2 -7.76 27.82 -36.28
CA SER R 2 -6.35 27.95 -36.69
C SER R 2 -6.13 27.85 -38.22
N ARG R 3 -6.91 28.62 -39.00
CA ARG R 3 -6.87 28.60 -40.46
C ARG R 3 -7.61 29.79 -41.10
N LYS R 4 -6.90 30.60 -41.88
CA LYS R 4 -7.49 31.75 -42.59
C LYS R 4 -7.25 31.66 -44.10
N ALA R 5 -6.38 32.54 -44.63
CA ALA R 5 -5.98 32.50 -46.04
C ALA R 5 -4.64 31.79 -46.23
N LYS R 6 -4.63 30.78 -47.11
CA LYS R 6 -3.42 30.01 -47.40
C LYS R 6 -2.66 30.57 -48.60
N VAL R 7 -1.33 30.48 -48.58
CA VAL R 7 -0.51 31.25 -49.53
C VAL R 7 -0.16 30.50 -50.81
N LYS R 8 0.01 29.19 -50.70
CA LYS R 8 0.21 28.34 -51.87
C LYS R 8 -0.96 28.49 -52.84
N ALA R 9 -2.12 28.88 -52.30
CA ALA R 9 -3.33 29.05 -53.09
C ALA R 9 -3.37 30.36 -53.88
N THR R 10 -3.13 31.48 -53.21
CA THR R 10 -3.20 32.81 -53.86
C THR R 10 -2.35 32.96 -55.12
N LEU R 11 -1.45 32.00 -55.32
CA LEU R 11 -0.54 32.05 -56.46
C LEU R 11 -0.77 30.84 -57.36
N GLY R 12 0.15 30.63 -58.29
CA GLY R 12 0.02 29.51 -59.21
C GLY R 12 1.35 28.90 -59.65
N GLU R 13 1.72 29.17 -60.89
CA GLU R 13 2.86 28.52 -61.50
C GLU R 13 4.16 29.23 -61.18
N PHE R 14 4.71 29.00 -59.99
CA PHE R 14 5.99 29.61 -59.63
C PHE R 14 7.13 28.62 -59.41
N ASP R 15 8.33 29.14 -59.56
CA ASP R 15 9.56 28.40 -59.30
C ASP R 15 10.01 28.71 -57.89
N LEU R 16 10.09 27.68 -57.07
CA LEU R 16 10.51 27.86 -55.69
C LEU R 16 12.02 28.12 -55.58
N ARG R 17 12.76 27.85 -56.64
CA ARG R 17 14.20 28.10 -56.63
C ARG R 17 14.59 29.50 -57.13
N ASP R 18 13.62 30.25 -57.64
CA ASP R 18 13.88 31.57 -58.18
C ASP R 18 14.03 32.61 -57.06
N TYR R 19 15.29 32.95 -56.76
CA TYR R 19 15.62 33.85 -55.65
C TYR R 19 15.63 35.31 -56.07
N ARG R 20 14.99 35.60 -57.19
CA ARG R 20 14.97 36.96 -57.69
C ARG R 20 13.54 37.42 -57.86
N ASN R 21 12.62 36.46 -57.78
CA ASN R 21 11.20 36.72 -57.97
C ASN R 21 10.55 37.42 -56.78
N VAL R 22 11.17 38.51 -56.34
CA VAL R 22 10.75 39.24 -55.16
C VAL R 22 9.25 39.38 -55.04
N GLU R 23 8.62 39.83 -56.12
CA GLU R 23 7.18 40.04 -56.18
C GLU R 23 6.38 38.80 -55.77
N VAL R 24 6.99 37.62 -55.91
CA VAL R 24 6.38 36.36 -55.48
C VAL R 24 6.90 35.89 -54.11
N LEU R 25 8.20 35.95 -53.93
CA LEU R 25 8.85 35.57 -52.69
C LEU R 25 8.22 36.28 -51.49
N LYS R 26 8.02 37.60 -51.61
CA LYS R 26 7.64 38.43 -50.47
C LYS R 26 6.26 38.10 -49.90
N ARG R 27 5.44 37.39 -50.66
CA ARG R 27 4.15 36.94 -50.16
C ARG R 27 4.32 35.95 -49.02
N PHE R 28 5.52 35.41 -48.89
CA PHE R 28 5.79 34.35 -47.93
C PHE R 28 6.40 34.82 -46.61
N LEU R 29 6.55 36.13 -46.44
CA LEU R 29 7.03 36.68 -45.18
C LEU R 29 5.88 37.36 -44.45
N SER R 30 5.94 37.42 -43.12
CA SER R 30 4.93 38.14 -42.36
C SER R 30 5.05 39.65 -42.60
N GLU R 31 4.43 40.44 -41.74
CA GLU R 31 4.52 41.89 -41.84
C GLU R 31 5.95 42.24 -41.51
N THR R 32 6.47 41.63 -40.45
CA THR R 32 7.90 41.54 -40.21
C THR R 32 8.53 40.67 -41.31
N GLY R 33 9.84 40.76 -41.50
CA GLY R 33 10.50 39.97 -42.53
C GLY R 33 10.38 38.47 -42.37
N LYS R 34 9.92 38.05 -41.21
CA LYS R 34 9.88 36.65 -40.83
C LYS R 34 9.20 35.77 -41.86
N ILE R 35 9.91 34.72 -42.25
CA ILE R 35 9.41 33.64 -43.07
C ILE R 35 8.23 32.97 -42.40
N LEU R 36 7.10 32.92 -43.09
CA LEU R 36 5.89 32.29 -42.57
C LEU R 36 6.08 30.80 -42.33
N PRO R 37 5.33 30.24 -41.35
CA PRO R 37 5.37 28.82 -41.02
C PRO R 37 4.74 27.99 -42.14
N ARG R 38 4.77 26.67 -42.05
CA ARG R 38 4.04 25.90 -43.06
C ARG R 38 2.54 26.12 -42.95
N ARG R 39 2.03 26.28 -41.74
CA ARG R 39 0.59 26.35 -41.54
C ARG R 39 -0.05 27.57 -42.17
N ARG R 40 0.76 28.37 -42.84
CA ARG R 40 0.26 29.59 -43.45
C ARG R 40 0.73 29.74 -44.88
N THR R 41 1.92 29.22 -45.17
CA THR R 41 2.38 29.14 -46.53
C THR R 41 1.51 28.13 -47.24
N GLY R 42 1.39 26.97 -46.62
CA GLY R 42 0.60 25.88 -47.18
C GLY R 42 1.51 25.05 -48.06
N LEU R 43 2.80 25.23 -47.89
CA LEU R 43 3.76 24.43 -48.62
C LEU R 43 3.85 23.07 -47.96
N SER R 44 4.36 22.09 -48.69
CA SER R 44 4.59 20.77 -48.14
C SER R 44 5.95 20.73 -47.45
N GLY R 45 6.19 19.71 -46.62
CA GLY R 45 7.44 19.57 -45.87
C GLY R 45 8.62 20.02 -46.70
N LYS R 46 8.63 19.56 -47.94
CA LYS R 46 9.74 19.83 -48.84
C LYS R 46 9.72 21.23 -49.45
N GLU R 47 8.62 21.60 -50.10
CA GLU R 47 8.54 22.90 -50.74
C GLU R 47 9.07 24.00 -49.83
N GLN R 48 8.67 23.95 -48.57
CA GLN R 48 9.06 24.91 -47.54
C GLN R 48 10.58 24.94 -47.32
N ARG R 49 11.18 23.75 -47.22
CA ARG R 49 12.62 23.62 -47.09
C ARG R 49 13.37 24.34 -48.24
N ILE R 50 12.82 24.27 -49.45
CA ILE R 50 13.46 24.83 -50.64
C ILE R 50 13.22 26.33 -50.74
N LEU R 51 12.07 26.76 -50.23
CA LEU R 51 11.68 28.18 -50.28
C LEU R 51 12.44 28.98 -49.25
N ALA R 52 12.73 28.35 -48.12
CA ALA R 52 13.43 29.01 -47.04
C ALA R 52 14.86 29.25 -47.48
N LYS R 53 15.43 28.28 -48.20
CA LYS R 53 16.76 28.45 -48.73
C LYS R 53 16.74 29.51 -49.82
N THR R 54 15.63 29.58 -50.55
CA THR R 54 15.51 30.57 -51.62
C THR R 54 15.36 31.99 -51.07
N ILE R 55 14.41 32.19 -50.16
CA ILE R 55 14.25 33.45 -49.42
C ILE R 55 15.54 33.94 -48.75
N LYS R 56 16.26 33.04 -48.09
CA LYS R 56 17.53 33.40 -47.45
C LYS R 56 18.50 34.02 -48.46
N ARG R 57 18.61 33.42 -49.65
CA ARG R 57 19.52 33.88 -50.70
C ARG R 57 19.15 35.27 -51.17
N ALA R 58 17.85 35.50 -51.17
CA ALA R 58 17.25 36.70 -51.71
C ALA R 58 17.37 37.82 -50.72
N ARG R 59 17.61 37.45 -49.47
CA ARG R 59 17.87 38.45 -48.47
C ARG R 59 19.28 38.95 -48.63
N ILE R 60 20.21 38.06 -48.97
CA ILE R 60 21.59 38.49 -49.12
C ILE R 60 21.77 39.40 -50.33
N LEU R 61 20.95 39.19 -51.36
CA LEU R 61 20.99 40.08 -52.51
C LEU R 61 20.36 41.44 -52.19
N GLY R 62 19.63 41.51 -51.10
CA GLY R 62 19.03 42.77 -50.67
C GLY R 62 17.68 43.00 -51.31
N LEU R 63 17.03 41.92 -51.72
CA LEU R 63 15.73 42.03 -52.37
C LEU R 63 14.59 41.87 -51.37
N LEU R 64 14.79 40.96 -50.42
CA LEU R 64 13.85 40.75 -49.33
C LEU R 64 14.46 41.22 -48.02
N PRO R 65 13.63 41.75 -47.11
CA PRO R 65 14.04 42.17 -45.76
C PRO R 65 14.55 41.02 -44.92
N PHE R 66 15.19 41.34 -43.80
CA PHE R 66 15.53 40.28 -42.85
C PHE R 66 14.55 40.37 -41.71
N THR R 67 14.21 41.61 -41.37
CA THR R 67 13.36 41.88 -40.21
C THR R 67 12.74 43.25 -40.44
N GLU R 68 11.46 43.41 -40.13
CA GLU R 68 10.78 44.70 -40.27
C GLU R 68 10.12 45.14 -38.98
N LYS R 69 9.18 46.08 -39.09
CA LYS R 69 8.65 46.74 -37.91
C LYS R 69 7.13 46.68 -37.79
N LEU R 70 6.63 46.10 -36.69
CA LEU R 70 5.20 45.99 -36.46
C LEU R 70 4.55 47.36 -36.37
N VAL R 71 3.36 47.50 -36.94
CA VAL R 71 2.79 48.81 -37.20
C VAL R 71 1.45 49.13 -36.53
N ARG R 72 1.14 48.49 -35.41
CA ARG R 72 -0.11 48.81 -34.71
C ARG R 72 0.09 49.12 -33.23
N LYS R 73 0.24 48.08 -32.40
CA LYS R 73 0.39 48.21 -30.94
C LYS R 73 -0.49 49.26 -30.22
N PRO S 1 -17.43 44.48 63.36
CA PRO S 1 -18.51 43.85 62.61
C PRO S 1 -18.44 42.31 62.68
N ARG S 2 -18.85 41.74 63.81
CA ARG S 2 -18.91 40.28 63.99
C ARG S 2 -20.30 39.83 64.44
N SER S 3 -20.36 38.83 65.33
CA SER S 3 -21.66 38.22 65.63
C SER S 3 -21.91 37.51 66.98
N LEU S 4 -22.31 38.28 67.99
CA LEU S 4 -22.80 37.72 69.24
C LEU S 4 -24.07 38.45 69.69
N LYS S 5 -25.21 37.82 69.43
CA LYS S 5 -26.51 38.49 69.47
C LYS S 5 -27.07 38.75 70.87
N LYS S 6 -28.15 38.03 71.12
CA LYS S 6 -28.74 37.88 72.43
C LYS S 6 -28.46 36.45 72.89
N GLY S 7 -27.23 36.01 72.66
CA GLY S 7 -26.79 34.71 73.09
C GLY S 7 -25.47 34.76 73.85
N VAL S 8 -24.45 35.36 73.22
CA VAL S 8 -23.03 35.31 73.63
C VAL S 8 -22.45 33.91 73.91
N PHE S 9 -21.28 33.61 73.33
CA PHE S 9 -20.77 32.24 73.37
C PHE S 9 -19.39 32.06 73.99
N VAL S 10 -19.31 31.14 74.94
CA VAL S 10 -18.03 30.64 75.45
C VAL S 10 -18.18 29.15 75.72
N ASP S 11 -17.37 28.34 75.03
CA ASP S 11 -17.36 26.90 75.18
C ASP S 11 -17.16 26.55 76.66
N ASP S 12 -18.07 25.76 77.22
CA ASP S 12 -18.20 25.71 78.69
C ASP S 12 -17.26 24.82 79.50
N HIS S 13 -16.73 23.75 78.90
CA HIS S 13 -15.82 22.89 79.63
C HIS S 13 -14.59 23.69 80.09
N LEU S 14 -14.17 24.64 79.27
CA LEU S 14 -13.07 25.53 79.63
C LEU S 14 -13.50 26.55 80.69
N LEU S 15 -14.78 26.91 80.65
CA LEU S 15 -15.32 27.93 81.55
C LEU S 15 -15.47 27.41 82.99
N GLU S 16 -16.11 26.26 83.15
CA GLU S 16 -16.26 25.64 84.47
C GLU S 16 -14.89 25.38 85.08
N LYS S 17 -13.88 25.31 84.23
CA LYS S 17 -12.50 25.06 84.64
C LYS S 17 -11.83 26.31 85.16
N VAL S 18 -12.05 27.44 84.48
CA VAL S 18 -11.43 28.71 84.89
C VAL S 18 -12.14 29.31 86.10
N LEU S 19 -13.46 29.28 86.11
CA LEU S 19 -14.23 29.78 87.26
C LEU S 19 -13.91 28.95 88.50
N GLU S 20 -13.60 27.67 88.31
CA GLU S 20 -13.18 26.79 89.39
C GLU S 20 -11.88 27.30 90.01
N LEU S 21 -10.94 27.67 89.16
CA LEU S 21 -9.67 28.24 89.60
C LEU S 21 -9.80 29.72 89.94
N ASN S 22 -11.03 30.16 90.20
CA ASN S 22 -11.25 31.48 90.75
C ASN S 22 -11.88 31.38 92.13
N ALA S 23 -11.72 30.21 92.74
CA ALA S 23 -12.07 30.03 94.14
C ALA S 23 -10.82 30.25 95.00
N LYS S 24 -9.66 30.17 94.34
CA LYS S 24 -8.35 30.42 94.97
C LYS S 24 -7.27 30.95 94.00
N GLY S 25 -6.27 30.14 93.70
CA GLY S 25 -5.14 30.56 92.90
C GLY S 25 -5.21 30.21 91.42
N GLU S 26 -4.37 30.87 90.62
CA GLU S 26 -4.39 30.73 89.17
C GLU S 26 -3.46 29.64 88.66
N LYS S 27 -4.04 28.61 88.05
CA LYS S 27 -3.27 27.52 87.48
C LYS S 27 -2.43 28.03 86.32
N ARG S 28 -1.11 27.96 86.48
CA ARG S 28 -0.22 28.26 85.38
C ARG S 28 -0.49 27.24 84.28
N LEU S 29 -0.98 27.75 83.15
CA LEU S 29 -1.29 26.96 81.97
C LEU S 29 -2.55 26.09 82.10
N ILE S 30 -3.39 26.19 81.06
CA ILE S 30 -4.59 25.39 80.91
C ILE S 30 -4.59 24.84 79.46
N LYS S 31 -4.67 23.53 79.31
CA LYS S 31 -4.58 22.92 77.99
C LYS S 31 -5.93 22.91 77.27
N THR S 32 -6.14 23.87 76.37
CA THR S 32 -7.38 23.89 75.58
C THR S 32 -7.17 23.53 74.13
N TRP S 33 -8.20 22.92 73.56
CA TRP S 33 -8.29 22.71 72.14
C TRP S 33 -9.44 23.53 71.58
N SER S 34 -10.17 24.25 72.43
CA SER S 34 -11.29 25.04 71.93
C SER S 34 -10.89 26.50 71.77
N ARG S 35 -10.43 26.84 70.58
CA ARG S 35 -10.15 28.22 70.21
C ARG S 35 -11.48 28.92 69.94
N ARG S 36 -12.54 28.11 69.90
CA ARG S 36 -13.91 28.54 69.61
C ARG S 36 -14.45 29.57 70.58
N SER S 37 -13.88 29.61 71.78
CA SER S 37 -14.48 30.30 72.91
C SER S 37 -14.05 31.75 73.09
N THR S 38 -15.04 32.65 73.19
CA THR S 38 -14.79 34.05 73.47
C THR S 38 -14.11 34.17 74.82
N ILE S 39 -13.43 35.27 75.06
CA ILE S 39 -12.85 35.51 76.37
C ILE S 39 -13.80 36.33 77.27
N VAL S 40 -14.04 35.81 78.47
CA VAL S 40 -14.84 36.49 79.47
C VAL S 40 -13.91 37.33 80.37
N PRO S 41 -14.46 38.31 81.14
CA PRO S 41 -13.63 39.09 82.06
C PRO S 41 -12.94 38.24 83.12
N GLU S 42 -13.53 37.08 83.39
CA GLU S 42 -13.06 36.19 84.45
C GLU S 42 -11.88 35.35 84.01
N MET S 43 -11.39 35.61 82.80
CA MET S 43 -10.23 34.91 82.26
C MET S 43 -9.01 35.78 82.35
N VAL S 44 -9.22 37.08 82.52
CA VAL S 44 -8.12 38.03 82.68
C VAL S 44 -7.29 37.65 83.90
N GLY S 45 -6.15 37.04 83.64
CA GLY S 45 -5.27 36.58 84.70
C GLY S 45 -4.52 35.32 84.31
N HIS S 46 -5.20 34.17 84.43
CA HIS S 46 -4.59 32.87 84.18
C HIS S 46 -4.25 32.64 82.70
N THR S 47 -2.99 32.34 82.45
CA THR S 47 -2.51 32.10 81.10
C THR S 47 -3.03 30.79 80.52
N ILE S 48 -3.79 30.91 79.43
CA ILE S 48 -4.41 29.76 78.76
C ILE S 48 -3.58 29.31 77.58
N ALA S 49 -3.46 28.00 77.40
CA ALA S 49 -2.71 27.45 76.28
C ALA S 49 -3.64 27.05 75.14
N VAL S 50 -3.79 27.95 74.18
CA VAL S 50 -4.63 27.71 73.02
C VAL S 50 -3.90 26.78 72.07
N TYR S 51 -4.59 25.78 71.53
CA TYR S 51 -3.98 24.87 70.58
C TYR S 51 -3.76 25.53 69.20
N ASN S 52 -3.59 24.73 68.17
CA ASN S 52 -2.94 25.20 66.97
C ASN S 52 -3.00 24.20 65.85
N GLY S 53 -3.60 23.05 66.14
CA GLY S 53 -3.52 21.92 65.24
C GLY S 53 -2.14 21.30 65.38
N LYS S 54 -1.28 21.95 66.16
CA LYS S 54 0.10 21.49 66.32
C LYS S 54 0.72 21.77 67.68
N GLN S 55 0.34 22.87 68.33
CA GLN S 55 0.92 23.18 69.63
C GLN S 55 0.12 24.15 70.48
N HIS S 56 -0.16 23.75 71.72
CA HIS S 56 -0.69 24.67 72.71
C HIS S 56 0.27 25.86 72.84
N VAL S 57 -0.28 27.07 73.00
CA VAL S 57 0.57 28.26 73.08
C VAL S 57 0.38 29.08 74.35
N PRO S 58 1.47 29.64 74.87
CA PRO S 58 1.41 30.45 76.09
C PRO S 58 0.72 31.79 75.85
N VAL S 59 -0.60 31.78 75.71
CA VAL S 59 -1.33 33.03 75.52
C VAL S 59 -1.63 33.69 76.86
N TYR S 60 -0.76 34.60 77.31
CA TYR S 60 -1.05 35.40 78.50
C TYR S 60 -2.30 36.20 78.18
N ILE S 61 -3.05 36.60 79.20
CA ILE S 61 -4.40 37.11 78.98
C ILE S 61 -4.70 38.48 79.62
N THR S 62 -4.39 39.56 78.90
CA THR S 62 -4.59 40.94 79.39
C THR S 62 -6.06 41.34 79.40
N GLU S 63 -6.40 42.42 80.09
CA GLU S 63 -7.78 42.90 80.08
C GLU S 63 -8.07 43.68 78.81
N ASN S 64 -7.00 44.05 78.09
CA ASN S 64 -7.12 44.79 76.84
C ASN S 64 -7.61 43.93 75.68
N MET S 65 -7.96 42.68 75.97
CA MET S 65 -8.35 41.75 74.91
C MET S 65 -9.52 40.83 75.30
N VAL S 66 -10.49 41.40 76.01
CA VAL S 66 -11.63 40.63 76.53
C VAL S 66 -12.63 40.13 75.49
N GLY S 67 -13.25 41.02 74.73
CA GLY S 67 -14.28 40.62 73.78
C GLY S 67 -13.84 39.71 72.66
N HIS S 68 -12.54 39.45 72.58
CA HIS S 68 -11.98 38.69 71.47
C HIS S 68 -12.10 37.18 71.68
N LYS S 69 -12.06 36.46 70.57
CA LYS S 69 -12.08 35.01 70.52
C LYS S 69 -10.67 34.46 70.75
N LEU S 70 -10.54 33.35 71.47
CA LEU S 70 -9.24 32.78 71.82
C LEU S 70 -8.31 32.53 70.64
N GLY S 71 -8.80 31.80 69.64
CA GLY S 71 -8.01 31.48 68.46
C GLY S 71 -7.44 32.66 67.70
N GLU S 72 -7.88 33.86 68.05
CA GLU S 72 -7.32 35.09 67.47
C GLU S 72 -5.89 35.34 67.94
N PHE S 73 -5.40 34.48 68.83
CA PHE S 73 -4.09 34.70 69.45
C PHE S 73 -3.11 33.54 69.25
N ALA S 74 -3.59 32.46 68.67
CA ALA S 74 -2.73 31.34 68.30
C ALA S 74 -2.70 31.19 66.78
N PRO S 75 -1.79 31.91 66.11
CA PRO S 75 -1.70 31.84 64.65
C PRO S 75 -1.57 30.40 64.17
N THR S 76 -2.32 30.07 63.13
CA THR S 76 -2.32 28.73 62.61
C THR S 76 -1.12 28.44 61.73
N ARG S 77 -1.02 29.17 60.62
CA ARG S 77 -0.01 28.91 59.59
C ARG S 77 1.35 29.48 59.96
N THR S 78 2.39 28.99 59.31
CA THR S 78 3.71 29.57 59.49
C THR S 78 4.17 30.24 58.20
N TYR S 79 4.66 31.47 58.32
CA TYR S 79 5.00 32.26 57.15
C TYR S 79 6.35 32.98 57.24
N ARG S 80 7.15 32.81 56.18
CA ARG S 80 8.58 33.18 56.04
C ARG S 80 9.33 33.25 57.36
N ARG T 1 77.10 -49.77 19.00
CA ARG T 1 77.70 -49.48 17.69
C ARG T 1 78.47 -50.67 17.11
N ASN T 2 79.24 -50.42 16.05
CA ASN T 2 80.01 -51.46 15.34
C ASN T 2 79.12 -52.57 14.76
N LEU T 3 79.12 -52.72 13.44
CA LEU T 3 78.38 -53.81 12.83
C LEU T 3 79.25 -54.81 12.05
N SER T 4 78.80 -55.16 10.86
CA SER T 4 79.61 -55.86 9.86
C SER T 4 78.98 -55.72 8.48
N ALA T 5 78.48 -54.50 8.31
CA ALA T 5 78.51 -53.77 7.08
C ALA T 5 79.94 -53.30 7.01
N LEU T 6 80.52 -53.16 8.21
CA LEU T 6 81.94 -52.85 8.40
C LEU T 6 82.85 -53.70 7.55
N LYS T 7 82.62 -55.01 7.60
CA LYS T 7 83.34 -55.91 6.72
C LYS T 7 83.15 -55.51 5.27
N ARG T 8 81.89 -55.51 4.82
CA ARG T 8 81.53 -55.13 3.47
C ARG T 8 82.22 -53.87 2.99
N HIS T 9 82.34 -52.87 3.85
CA HIS T 9 83.00 -51.67 3.41
C HIS T 9 84.43 -51.95 3.04
N ARG T 10 85.16 -52.56 3.96
CA ARG T 10 86.57 -52.86 3.70
C ARG T 10 86.72 -53.81 2.53
N GLN T 11 85.79 -54.76 2.41
CA GLN T 11 85.78 -55.68 1.28
C GLN T 11 85.74 -54.89 -0.02
N SER T 12 84.90 -53.86 -0.06
CA SER T 12 84.62 -53.16 -1.30
C SER T 12 85.84 -52.33 -1.72
N LEU T 13 86.67 -51.96 -0.74
CA LEU T 13 87.86 -51.19 -0.99
C LEU T 13 88.81 -51.98 -1.80
N LYS T 14 88.79 -53.29 -1.56
CA LYS T 14 89.69 -54.24 -2.20
C LYS T 14 89.33 -54.35 -3.64
N ARG T 15 88.04 -54.51 -3.89
CA ARG T 15 87.58 -54.74 -5.23
C ARG T 15 87.79 -53.46 -6.03
N ARG T 16 87.65 -52.34 -5.34
CA ARG T 16 87.83 -51.05 -5.95
C ARG T 16 89.16 -51.03 -6.66
N LEU T 17 90.17 -51.56 -5.98
CA LEU T 17 91.52 -51.62 -6.51
C LEU T 17 91.70 -52.65 -7.62
N ARG T 18 91.08 -53.82 -7.47
CA ARG T 18 91.20 -54.82 -8.50
C ARG T 18 90.72 -54.18 -9.77
N ASN T 19 89.53 -53.59 -9.70
CA ASN T 19 88.92 -52.94 -10.84
C ASN T 19 89.70 -51.75 -11.37
N LYS T 20 89.96 -50.79 -10.48
CA LYS T 20 90.71 -49.59 -10.84
C LYS T 20 91.86 -49.94 -11.77
N ALA T 21 92.64 -50.93 -11.35
CA ALA T 21 93.87 -51.27 -12.04
C ALA T 21 93.60 -52.01 -13.32
N LYS T 22 92.53 -52.80 -13.34
CA LYS T 22 92.16 -53.49 -14.59
C LYS T 22 91.77 -52.45 -15.64
N LYS T 23 91.00 -51.46 -15.22
CA LYS T 23 90.46 -50.50 -16.15
C LYS T 23 91.58 -49.60 -16.61
N SER T 24 92.50 -49.34 -15.70
CA SER T 24 93.70 -48.54 -16.01
C SER T 24 94.49 -49.18 -17.13
N ALA T 25 94.64 -50.50 -17.02
CA ALA T 25 95.45 -51.27 -17.94
C ALA T 25 94.95 -51.08 -19.34
N ILE T 26 93.64 -51.15 -19.49
CA ILE T 26 93.03 -51.09 -20.80
C ILE T 26 93.27 -49.75 -21.49
N LYS T 27 92.99 -48.67 -20.76
CA LYS T 27 93.10 -47.33 -21.30
C LYS T 27 94.48 -47.11 -21.89
N THR T 28 95.49 -47.37 -21.07
CA THR T 28 96.87 -47.12 -21.47
C THR T 28 97.30 -48.04 -22.59
N LEU T 29 96.61 -49.16 -22.74
CA LEU T 29 96.89 -50.07 -23.84
C LEU T 29 96.14 -49.63 -25.08
N SER T 30 94.86 -49.31 -24.88
CA SER T 30 94.02 -48.92 -25.98
C SER T 30 94.64 -47.72 -26.62
N LYS T 31 94.97 -46.71 -25.83
CA LYS T 31 95.61 -45.53 -26.34
C LYS T 31 96.81 -45.92 -27.16
N LYS T 32 97.63 -46.80 -26.59
CA LYS T 32 98.91 -47.16 -27.19
C LYS T 32 98.63 -47.69 -28.58
N ALA T 33 97.73 -48.65 -28.65
CA ALA T 33 97.39 -49.29 -29.92
C ALA T 33 96.97 -48.25 -30.94
N VAL T 34 96.00 -47.43 -30.57
CA VAL T 34 95.51 -46.35 -31.43
C VAL T 34 96.63 -45.39 -31.80
N GLN T 35 97.36 -44.92 -30.81
CA GLN T 35 98.42 -43.96 -31.07
C GLN T 35 99.42 -44.51 -32.08
N LEU T 36 99.69 -45.81 -32.00
CA LEU T 36 100.59 -46.45 -32.96
C LEU T 36 99.97 -46.61 -34.34
N ALA T 37 98.65 -46.42 -34.44
CA ALA T 37 97.96 -46.53 -35.71
C ALA T 37 97.99 -45.21 -36.50
N GLN T 38 97.98 -44.09 -35.77
CA GLN T 38 98.19 -42.79 -36.39
C GLN T 38 99.55 -42.75 -37.07
N GLU T 39 100.49 -43.50 -36.54
CA GLU T 39 101.84 -43.55 -37.09
C GLU T 39 101.95 -44.66 -38.12
N GLY T 40 100.84 -45.36 -38.33
CA GLY T 40 100.75 -46.42 -39.31
C GLY T 40 101.69 -47.61 -39.11
N LYS T 41 102.00 -47.90 -37.86
CA LYS T 41 102.83 -49.07 -37.55
C LYS T 41 101.93 -50.29 -37.43
N ALA T 42 101.72 -50.97 -38.55
CA ALA T 42 100.64 -51.96 -38.65
C ALA T 42 100.76 -53.19 -37.75
N GLU T 43 101.84 -53.96 -37.93
CA GLU T 43 102.03 -55.20 -37.19
C GLU T 43 102.06 -54.93 -35.69
N GLU T 44 102.83 -53.93 -35.29
CA GLU T 44 102.96 -53.62 -33.88
C GLU T 44 101.65 -53.11 -33.24
N ALA T 45 100.90 -52.28 -33.95
CA ALA T 45 99.66 -51.71 -33.42
C ALA T 45 98.57 -52.75 -33.31
N LEU T 46 98.59 -53.72 -34.21
CA LEU T 46 97.65 -54.83 -34.09
C LEU T 46 98.07 -55.77 -32.97
N LYS T 47 99.38 -55.85 -32.76
CA LYS T 47 99.96 -56.71 -31.72
C LYS T 47 99.55 -56.21 -30.36
N ILE T 48 99.49 -54.89 -30.22
CA ILE T 48 98.99 -54.29 -28.99
C ILE T 48 97.47 -54.37 -28.98
N MET T 49 96.86 -54.14 -30.13
CA MET T 49 95.40 -54.13 -30.26
C MET T 49 94.83 -55.41 -29.69
N ARG T 50 95.46 -56.52 -30.04
CA ARG T 50 95.05 -57.82 -29.54
C ARG T 50 95.13 -57.94 -28.03
N LYS T 51 96.24 -57.51 -27.43
CA LYS T 51 96.40 -57.62 -25.99
C LYS T 51 95.38 -56.77 -25.28
N ALA T 52 94.99 -55.69 -25.93
CA ALA T 52 93.96 -54.83 -25.39
C ALA T 52 92.63 -55.59 -25.39
N GLU T 53 92.23 -56.07 -26.55
CA GLU T 53 90.99 -56.83 -26.71
C GLU T 53 90.87 -57.91 -25.66
N SER T 54 92.00 -58.50 -25.31
CA SER T 54 92.05 -59.49 -24.27
C SER T 54 91.65 -58.93 -22.90
N LEU T 55 92.44 -58.01 -22.36
CA LEU T 55 92.13 -57.44 -21.05
C LEU T 55 90.72 -56.88 -20.95
N ILE T 56 90.12 -56.55 -22.10
CA ILE T 56 88.75 -56.09 -22.12
C ILE T 56 87.79 -57.26 -21.95
N ASP T 57 87.94 -58.28 -22.77
CA ASP T 57 87.09 -59.44 -22.61
C ASP T 57 87.33 -60.06 -21.25
N LYS T 58 88.55 -59.87 -20.74
CA LYS T 58 88.97 -60.49 -19.51
C LYS T 58 88.43 -59.75 -18.31
N ALA T 59 88.55 -58.42 -18.35
CA ALA T 59 87.97 -57.58 -17.31
C ALA T 59 86.52 -57.96 -17.13
N ALA T 60 85.88 -58.23 -18.28
CA ALA T 60 84.47 -58.60 -18.42
C ALA T 60 84.11 -59.96 -17.83
N LYS T 61 85.09 -60.83 -17.63
CA LYS T 61 84.82 -62.14 -17.06
C LYS T 61 84.25 -61.98 -15.66
N GLY T 62 84.76 -60.96 -14.96
CA GLY T 62 84.26 -60.60 -13.65
C GLY T 62 83.52 -59.27 -13.68
N SER T 63 83.24 -58.73 -12.50
CA SER T 63 82.37 -57.57 -12.43
C SER T 63 83.09 -56.22 -12.58
N THR T 64 84.25 -56.21 -13.23
CA THR T 64 84.93 -54.95 -13.53
C THR T 64 84.19 -54.26 -14.66
N LEU T 65 83.95 -55.00 -15.74
CA LEU T 65 83.28 -54.48 -16.92
C LEU T 65 81.99 -55.25 -17.22
N HIS T 66 82.17 -56.55 -17.28
CA HIS T 66 81.21 -57.46 -17.87
C HIS T 66 80.61 -56.89 -19.17
N LYS T 67 79.56 -57.54 -19.64
CA LYS T 67 78.59 -56.82 -20.43
C LYS T 67 79.00 -56.49 -21.86
N ASN T 68 78.14 -55.61 -22.39
CA ASN T 68 78.27 -54.89 -23.64
C ASN T 68 79.17 -53.71 -23.37
N ALA T 69 79.57 -53.63 -22.11
CA ALA T 69 80.53 -52.64 -21.66
C ALA T 69 81.83 -53.00 -22.34
N ALA T 70 82.03 -54.30 -22.52
CA ALA T 70 83.21 -54.82 -23.21
C ALA T 70 83.10 -54.56 -24.70
N ALA T 71 81.99 -55.03 -25.27
CA ALA T 71 81.73 -54.92 -26.68
C ALA T 71 81.86 -53.47 -27.21
N ARG T 72 81.43 -52.51 -26.42
CA ARG T 72 81.62 -51.12 -26.77
C ARG T 72 83.11 -50.83 -26.91
N ARG T 73 83.82 -50.90 -25.78
CA ARG T 73 85.21 -50.50 -25.67
C ARG T 73 86.03 -51.24 -26.70
N LYS T 74 85.59 -52.45 -26.98
CA LYS T 74 86.22 -53.34 -27.97
C LYS T 74 85.92 -52.88 -29.38
N SER T 75 84.65 -52.57 -29.65
CA SER T 75 84.25 -52.05 -30.93
C SER T 75 84.93 -50.72 -31.12
N ARG T 76 84.64 -49.79 -30.22
CA ARG T 76 85.21 -48.45 -30.27
C ARG T 76 86.68 -48.47 -30.71
N LEU T 77 87.39 -49.52 -30.31
CA LEU T 77 88.85 -49.64 -30.46
C LEU T 77 89.30 -50.16 -31.82
N MET T 78 88.67 -51.25 -32.28
CA MET T 78 89.00 -51.84 -33.57
C MET T 78 88.64 -50.86 -34.68
N ARG T 79 87.58 -50.09 -34.45
CA ARG T 79 87.18 -49.08 -35.39
C ARG T 79 88.32 -48.09 -35.59
N LYS T 80 88.66 -47.33 -34.55
CA LYS T 80 89.73 -46.34 -34.63
C LYS T 80 91.02 -46.92 -35.15
N VAL T 81 91.24 -48.20 -34.92
CA VAL T 81 92.48 -48.86 -35.34
C VAL T 81 92.52 -49.15 -36.85
N ARG T 82 91.42 -49.66 -37.39
CA ARG T 82 91.37 -49.91 -38.84
C ARG T 82 91.29 -48.59 -39.61
N GLN T 83 90.43 -47.67 -39.16
CA GLN T 83 90.27 -46.35 -39.77
C GLN T 83 91.60 -45.65 -39.90
N LEU T 84 92.48 -45.88 -38.92
CA LEU T 84 93.74 -45.17 -38.84
C LEU T 84 94.84 -45.81 -39.68
N LEU T 85 94.66 -47.08 -39.99
CA LEU T 85 95.56 -47.74 -40.92
C LEU T 85 95.03 -47.55 -42.37
N GLU T 86 94.11 -46.60 -42.51
CA GLU T 86 93.79 -46.00 -43.80
C GLU T 86 94.69 -44.77 -43.91
N ALA T 87 95.98 -45.06 -43.84
CA ALA T 87 97.06 -44.11 -43.98
C ALA T 87 98.18 -44.94 -44.61
N ALA T 88 97.77 -45.84 -45.51
CA ALA T 88 98.61 -46.75 -46.30
C ALA T 88 98.88 -48.10 -45.66
N GLY T 89 98.23 -48.36 -44.53
CA GLY T 89 98.52 -49.50 -43.67
C GLY T 89 98.93 -50.85 -44.25
N ALA T 90 97.97 -51.53 -44.86
CA ALA T 90 98.07 -52.96 -45.15
C ALA T 90 98.24 -53.71 -43.82
N PRO T 91 97.11 -54.11 -43.19
CA PRO T 91 97.10 -54.74 -41.86
C PRO T 91 98.06 -55.93 -41.79
N LEU T 92 99.30 -55.63 -41.37
CA LEU T 92 100.42 -56.56 -41.47
C LEU T 92 100.18 -57.89 -40.79
N ILE T 93 100.34 -57.92 -39.47
CA ILE T 93 100.16 -59.14 -38.70
C ILE T 93 98.70 -59.60 -38.76
N GLY T 94 97.86 -58.73 -39.31
CA GLY T 94 96.45 -59.00 -39.52
C GLY T 94 95.80 -59.57 -38.28
N GLY T 95 96.43 -59.33 -37.14
CA GLY T 95 96.07 -59.91 -35.86
C GLY T 95 94.58 -59.97 -35.59
N GLY T 96 94.03 -58.92 -35.00
CA GLY T 96 92.66 -58.95 -34.57
C GLY T 96 91.63 -58.63 -35.64
N LEU T 97 92.09 -58.40 -36.87
CA LEU T 97 91.18 -57.87 -37.88
C LEU T 97 90.84 -58.84 -39.01
N SER T 98 89.64 -58.64 -39.58
CA SER T 98 89.14 -59.45 -40.70
C SER T 98 89.65 -58.90 -42.02
N ALA T 99 90.05 -59.79 -42.92
CA ALA T 99 90.62 -59.42 -44.22
C ALA T 99 89.85 -58.29 -44.93
N GLY U 1 -21.92 50.87 39.72
CA GLY U 1 -23.32 50.86 40.08
C GLY U 1 -23.66 49.57 40.78
N LYS U 2 -23.72 48.47 40.02
CA LYS U 2 -24.13 47.19 40.59
C LYS U 2 -23.26 46.74 41.77
N GLY U 3 -22.11 47.38 41.95
CA GLY U 3 -21.20 46.99 43.01
C GLY U 3 -21.46 47.63 44.35
N ASP U 4 -22.00 48.86 44.32
CA ASP U 4 -22.29 49.59 45.55
C ASP U 4 -23.50 49.00 46.28
N ARG U 5 -23.27 48.60 47.52
CA ARG U 5 -24.31 47.98 48.33
C ARG U 5 -25.45 48.96 48.64
N ARG U 6 -25.13 50.24 48.81
CA ARG U 6 -26.14 51.21 49.22
C ARG U 6 -26.75 52.02 48.08
N THR U 7 -27.43 51.31 47.18
CA THR U 7 -28.08 51.90 46.01
C THR U 7 -29.30 51.04 45.62
N ARG U 8 -30.13 51.52 44.69
CA ARG U 8 -31.15 50.68 44.11
C ARG U 8 -30.47 49.53 43.37
N ARG U 9 -29.80 49.88 42.25
CA ARG U 9 -29.18 48.90 41.35
C ARG U 9 -28.43 47.85 42.13
N GLY U 10 -27.70 48.30 43.14
CA GLY U 10 -26.77 47.45 43.86
C GLY U 10 -27.46 46.43 44.74
N LYS U 11 -28.58 46.82 45.32
CA LYS U 11 -29.31 45.94 46.22
C LYS U 11 -30.10 44.91 45.44
N ILE U 12 -30.56 45.30 44.26
CA ILE U 12 -31.25 44.41 43.31
C ILE U 12 -30.32 43.29 42.86
N TRP U 13 -29.08 43.69 42.54
CA TRP U 13 -28.09 42.76 42.05
C TRP U 13 -27.73 41.69 43.09
N ARG U 14 -27.70 42.09 44.36
CA ARG U 14 -27.30 41.17 45.42
C ARG U 14 -28.49 40.57 46.16
N GLY U 15 -29.55 40.26 45.42
CA GLY U 15 -30.73 39.65 46.00
C GLY U 15 -31.51 40.53 46.97
N THR U 16 -30.79 41.28 47.81
CA THR U 16 -31.33 41.88 49.05
C THR U 16 -32.29 43.09 49.05
N TYR U 17 -32.64 43.48 50.27
CA TYR U 17 -33.45 44.65 50.55
C TYR U 17 -32.84 45.39 51.72
N GLY U 18 -33.39 46.56 52.03
CA GLY U 18 -32.94 47.32 53.18
C GLY U 18 -33.32 48.77 53.15
N LYS U 19 -32.43 49.60 53.70
CA LYS U 19 -32.68 51.03 53.74
C LYS U 19 -32.65 51.57 52.32
N TYR U 20 -31.79 50.97 51.50
CA TYR U 20 -31.53 51.49 50.17
C TYR U 20 -32.31 50.80 49.07
N ARG U 21 -33.08 49.79 49.44
CA ARG U 21 -34.08 49.19 48.54
C ARG U 21 -35.19 48.61 49.39
N PRO U 22 -36.13 49.46 49.79
CA PRO U 22 -37.14 49.08 50.78
C PRO U 22 -37.90 47.86 50.26
N ARG U 23 -38.28 46.93 51.12
CA ARG U 23 -38.98 45.73 50.66
C ARG U 23 -40.36 46.10 50.12
N LYS U 24 -41.01 47.06 50.79
CA LYS U 24 -42.18 47.77 50.25
C LYS U 24 -42.52 48.98 51.12
#